data_8R3L
#
_entry.id   8R3L
#
_cell.length_a   1.00
_cell.length_b   1.00
_cell.length_c   1.00
_cell.angle_alpha   90.00
_cell.angle_beta   90.00
_cell.angle_gamma   90.00
#
_symmetry.space_group_name_H-M   'P 1'
#
loop_
_entity.id
_entity.type
_entity.pdbx_description
1 polymer 'Polymerase acidic protein'
2 polymer 'RNA-directed RNA polymerase catalytic subunit'
3 polymer 'Polymerase basic protein 2'
4 polymer "3' vRNA end (51-mer vRNA loop)"
5 polymer 'RNA Pol II CTD 6 repeats (site 1A/2A)'
#
loop_
_entity_poly.entity_id
_entity_poly.type
_entity_poly.pdbx_seq_one_letter_code
_entity_poly.pdbx_strand_id
1 'polypeptide(L)'
;MHHHHHHHHGSGSMEDFVRQCFNPMIVELAEKAMKEYGEDPKIETNKFASICTHLEVCFMYSDFHFIDERGESTIIESGD
PNVLLKHRFEIIEGRDRTMAWTVVNSICNTTGVEKPKFLPDLYDYKENRFIEIGVTRREVHIYYLEKANKIKSEKTHIHI
FSFTGEEMATKADYTLDEESRARIKTRLFTIRQEMASRGLWDSFRQSERGEETIEERFEITGTMRRLADQSLPPNFSSLE
NFRAYVDGFEPNGCIEGKLSQMSKEVNARIEPFLRTTPRPLRLPDGPPCSQRSKFLLMDALKLSIEDPSHEGEGIPLYDA
IKCMKTFFGWKEPNIIKPHEKGINPNYLLTWKQVLAELQDIKNEEKIPRTKNMKKTSQLKWALGENMAPEKVDFEDCKDV
NDLKQYDSDEPEPRSLACWIQSEFNKACELTDSSWVELDEIGEDVAPIEHIASMRRNYFTAEVSHCRATEYIMKGVYINT
ALLNASCAAMDDFQLIPMISKCITKEGRRKTNLYGFIIKGRSHLRNDTDVVNFVSMEFSLTDPRLEPHKWEKYCVLEIGD
MLLRTAVGQVSRPMFLYVRTNGTSKIKMKWGMEMRRCLLQSLQQIESMIEAESSVKEKDLTKEFFENKSETWPIGESPKG
VEEGSIGKVCRTLLAKSVFNSLYASPQLEGFSAESRKLLLIVQALRDNLEPGTFDLEGLYEAIEECLINDPWVLLNASWF
NSFLTHALR
;
A
2 'polypeptide(L)'
;MDVNPTLLFLKVPVQNAISTTFPYTGDPPYSHGTGTGYTMDTVNRTHKYSEKGKWTTNTETGAPQLNPIDGPLPEDNEPS
GYAQTDCVLEAMAFLEESHPGIFENSCLETMEIVQQTRVDKLTQGRQTYDWTLNRNQPAATALANTIEVFRSNGLTANES
GRLIDFLKDVMDSMDKEEMEITTHFQRKRRVRDNMTKKMVTQRTIGKKKQRLNKRSYLIRALTLNTMTKDAERGKLKRRA
IATPGMQIRGFVYFVEALARSICEKLEQSGLPVGGNEKKAKLANVVRKMMTNSQDTELSFTITGDNTKWNENQNPRMFLA
MITYITRNQPEWFRNVLSIAPIMFSNKMARLGKGYMFESKSMKLRTQVPAEMLANIDLKYFNKSTREKIEKIRPLLIDGT
ASLSPGMMMGMFNMLSTVLGVSILNLGQKKYTKTTYWWDGLQSSDDFALIVNAPNHEGIQAGVDRFYRTCKLVGINMSKK
KSYINRTGTFEFTSFFYRYGFVANFSMELPSFGVSGINESADMSVGVTVIKNNMINNDLGPATAQMALQLFIKDYRYTYR
CHRGDTQIQTRRAFELGKLWEQTRSKAGLLVSDGGPNLYNIRNLHIPEVCLKWELMDEDYQGRLCNPMNPFVSHKEIDSV
NNAVVMPAHGPAKSMEYDAVATTHSWIPKRNRSILNTSQRGILEDEQMYQKCCNLFEKFFPSSSYRRPVGISSMVEAMVS
RARIDARIDFESGRIKKEEFAEIMKICSTIEELRRQK
;
B
3 'polypeptide(L)'
;MERIKELRDLMSQSRTREILTKTTVDHMAIIKKYTSGRQEKNPALRMKWMMAMKYPITADKRIMEMIPERNEQRQTLWSK
TNDAGSDRVMVSPLAVTWWNRNGPTTSTVHYPKVYKTYFEKVERLKHGTFGPVHFRNQVKIRRRVDINPGHADLSAKEAQ
DVIMEVVFPNEVGARILTSESQLTITKEKKKELQDCKIAPLMVAYMLERELVRKTRFLPVAGGTSSVYIEVLHLTQGTCW
EQMYTPGGEVRNDDVDQSLIIAARNIVRRATVSADPLASLLEMCHSTQIGGVRMVDILRQNPTEEQAVDICKAAMGLRIS
SSFSFGGFTFKRTSGSSVKREEEVLTGNLQTLKIRVHEGYEEFTMVGRRATAILRKATRRLIQLIVSGKDEQSIAEAIIV
AMVFSQEDCMIKAVRGDLNFVNRANQRLNPMHQLLRHFQKDAKVLFQNWGIEPIDNVMGMIGILPDMTPSTEMSLRGVRV
SKMGVDEYSSTERVVVSIDRFLRVRDQRGNVLLSPEEVSETQGTEKLTITYSSSMMWEINGPESVLVNTYQWIIRNWENV
KIQWSQDPTMLYNKMEFEPFQSLVPKAARGQYSGFVRVLFQQMRDVLGTFDTVQIIKLLPFAAAPPEQSRMQFSSLTVNV
RGSGMRIVVRGNSPVFNYNKATKRLTVLGKDAGALMEDPDEGTAGVESAVLRGFLILGKENKRYGPALSINELSNLAKGE
KANVLIGQGDVVLVMKRKRDSSILTDSQTATKRIRMAINGWSHPQFEKGGGSGGGSGGSAWSHPQFEK
;
C
4 'polyribonucleotide' AGUAGAAACAAGGGUGUAUUUUCCCCUCUUUUUGUUUCCCCUGCUUUUGCU R,V
5 'polypeptide(L)' YSPT(SEP)PSYSPTSPSYSPT(SEP)PSYSPT(SEP)PSYSPT(SEP)PSYSPT(SEP)PS G
#
loop_
_chem_comp.id
_chem_comp.type
_chem_comp.name
_chem_comp.formula
A RNA linking ADENOSINE-5'-MONOPHOSPHATE 'C10 H14 N5 O7 P'
C RNA linking CYTIDINE-5'-MONOPHOSPHATE 'C9 H14 N3 O8 P'
G RNA linking GUANOSINE-5'-MONOPHOSPHATE 'C10 H14 N5 O8 P'
U RNA linking URIDINE-5'-MONOPHOSPHATE 'C9 H13 N2 O9 P'
#
# COMPACT_ATOMS: atom_id res chain seq x y z
N MET A 14 -61.96 -8.30 -0.28
CA MET A 14 -61.24 -8.22 1.01
C MET A 14 -60.31 -7.01 1.04
N GLU A 15 -59.59 -6.80 -0.07
CA GLU A 15 -58.73 -5.63 -0.17
C GLU A 15 -59.55 -4.34 -0.11
N ASP A 16 -60.56 -4.24 -0.97
CA ASP A 16 -61.36 -3.03 -1.03
C ASP A 16 -62.01 -2.73 0.32
N PHE A 17 -62.43 -3.76 1.04
CA PHE A 17 -62.98 -3.55 2.37
C PHE A 17 -61.96 -2.91 3.28
N VAL A 18 -60.73 -3.39 3.25
CA VAL A 18 -59.67 -2.80 4.09
C VAL A 18 -59.44 -1.36 3.70
N ARG A 19 -59.40 -1.08 2.40
CA ARG A 19 -59.14 0.29 1.95
C ARG A 19 -60.24 1.24 2.38
N GLN A 20 -61.50 0.81 2.26
CA GLN A 20 -62.64 1.69 2.49
C GLN A 20 -63.08 1.76 3.94
N CYS A 21 -62.89 0.70 4.72
CA CYS A 21 -63.32 0.65 6.10
C CYS A 21 -62.19 1.00 7.07
N PHE A 22 -61.27 1.87 6.67
CA PHE A 22 -60.19 2.32 7.54
C PHE A 22 -59.80 3.74 7.15
N ASN A 23 -59.19 4.43 8.10
CA ASN A 23 -58.71 5.78 7.83
C ASN A 23 -57.58 5.71 6.81
N PRO A 24 -57.45 6.70 5.92
CA PRO A 24 -56.38 6.63 4.91
C PRO A 24 -54.99 6.46 5.49
N MET A 25 -54.72 7.10 6.63
CA MET A 25 -53.39 6.98 7.23
C MET A 25 -53.09 5.53 7.60
N ILE A 26 -54.07 4.81 8.15
CA ILE A 26 -53.85 3.43 8.57
C ILE A 26 -53.46 2.58 7.37
N VAL A 27 -54.24 2.67 6.30
CA VAL A 27 -53.99 1.85 5.12
C VAL A 27 -52.65 2.22 4.49
N GLU A 28 -52.36 3.52 4.42
CA GLU A 28 -51.09 3.95 3.83
C GLU A 28 -49.91 3.41 4.62
N LEU A 29 -49.96 3.53 5.95
CA LEU A 29 -48.86 3.04 6.79
C LEU A 29 -48.71 1.54 6.64
N ALA A 30 -49.82 0.79 6.69
CA ALA A 30 -49.74 -0.66 6.57
C ALA A 30 -49.16 -1.06 5.21
N GLU A 31 -49.61 -0.42 4.14
CA GLU A 31 -49.11 -0.76 2.82
C GLU A 31 -47.62 -0.46 2.71
N LYS A 32 -47.18 0.70 3.21
CA LYS A 32 -45.76 1.02 3.14
C LYS A 32 -44.93 0.03 3.95
N ALA A 33 -45.40 -0.32 5.14
CA ALA A 33 -44.65 -1.27 5.97
C ALA A 33 -44.58 -2.64 5.30
N MET A 34 -45.68 -3.07 4.69
CA MET A 34 -45.67 -4.39 4.05
C MET A 34 -44.80 -4.40 2.81
N LYS A 35 -44.84 -3.31 2.02
CA LYS A 35 -43.94 -3.18 0.89
C LYS A 35 -42.48 -3.18 1.34
N GLU A 36 -42.21 -2.60 2.52
CA GLU A 36 -40.82 -2.45 2.97
C GLU A 36 -40.12 -3.80 3.11
N TYR A 37 -40.88 -4.88 3.22
CA TYR A 37 -40.29 -6.22 3.33
C TYR A 37 -40.15 -6.91 1.98
N GLY A 38 -40.48 -6.24 0.87
CA GLY A 38 -40.31 -6.84 -0.44
C GLY A 38 -41.42 -7.77 -0.86
N GLU A 39 -42.64 -7.58 -0.35
CA GLU A 39 -43.79 -8.38 -0.73
C GLU A 39 -44.82 -7.51 -1.44
N ASP A 40 -45.47 -8.08 -2.45
CA ASP A 40 -46.47 -7.35 -3.22
C ASP A 40 -47.81 -7.35 -2.49
N PRO A 41 -48.41 -6.19 -2.23
CA PRO A 41 -49.68 -6.19 -1.49
C PRO A 41 -50.79 -6.96 -2.17
N LYS A 42 -50.80 -6.98 -3.51
CA LYS A 42 -51.86 -7.68 -4.23
C LYS A 42 -51.89 -9.16 -3.90
N ILE A 43 -50.75 -9.72 -3.49
CA ILE A 43 -50.68 -11.15 -3.18
C ILE A 43 -51.22 -11.41 -1.77
N GLU A 44 -50.63 -10.77 -0.77
CA GLU A 44 -50.99 -11.00 0.62
C GLU A 44 -52.08 -10.02 1.04
N THR A 45 -53.20 -10.55 1.52
CA THR A 45 -54.31 -9.75 2.02
C THR A 45 -54.64 -10.05 3.48
N ASN A 46 -54.58 -11.32 3.88
CA ASN A 46 -54.83 -11.65 5.29
C ASN A 46 -53.81 -10.97 6.19
N LYS A 47 -52.53 -10.99 5.79
CA LYS A 47 -51.52 -10.24 6.54
C LYS A 47 -51.81 -8.75 6.49
N PHE A 48 -52.23 -8.24 5.33
CA PHE A 48 -52.57 -6.84 5.22
C PHE A 48 -53.72 -6.48 6.15
N ALA A 49 -54.76 -7.32 6.18
CA ALA A 49 -55.88 -7.07 7.08
C ALA A 49 -55.43 -7.10 8.54
N SER A 50 -54.60 -8.08 8.89
CA SER A 50 -54.14 -8.19 10.27
C SER A 50 -53.34 -6.95 10.67
N ILE A 51 -52.44 -6.49 9.80
CA ILE A 51 -51.60 -5.35 10.16
C ILE A 51 -52.43 -4.07 10.23
N CYS A 52 -53.41 -3.91 9.32
CA CYS A 52 -54.22 -2.70 9.38
C CYS A 52 -55.10 -2.69 10.63
N THR A 53 -55.68 -3.83 10.99
CA THR A 53 -56.44 -3.90 12.24
C THR A 53 -55.54 -3.65 13.43
N HIS A 54 -54.32 -4.16 13.39
CA HIS A 54 -53.35 -3.93 14.45
C HIS A 54 -53.07 -2.44 14.60
N LEU A 55 -52.84 -1.76 13.48
CA LEU A 55 -52.58 -0.32 13.53
C LEU A 55 -53.80 0.42 14.07
N GLU A 56 -55.00 0.04 13.63
CA GLU A 56 -56.20 0.72 14.11
C GLU A 56 -56.34 0.56 15.63
N VAL A 57 -56.17 -0.66 16.12
CA VAL A 57 -56.35 -0.91 17.54
C VAL A 57 -55.28 -0.20 18.35
N CYS A 58 -54.03 -0.20 17.87
CA CYS A 58 -52.97 0.49 18.58
C CYS A 58 -53.21 2.00 18.61
N PHE A 59 -53.66 2.57 17.48
CA PHE A 59 -53.91 4.00 17.43
C PHE A 59 -55.05 4.38 18.37
N MET A 60 -56.10 3.55 18.42
CA MET A 60 -57.17 3.80 19.40
C MET A 60 -56.63 3.67 20.82
N TYR A 61 -55.75 2.69 21.05
CA TYR A 61 -55.13 2.53 22.36
C TYR A 61 -54.27 3.74 22.71
N SER A 62 -53.86 4.51 21.70
CA SER A 62 -53.04 5.70 21.94
C SER A 62 -53.86 6.98 21.87
N ASP A 63 -54.76 7.10 20.90
CA ASP A 63 -55.46 8.35 20.67
C ASP A 63 -56.37 8.69 21.84
N PHE A 64 -56.42 9.97 22.20
CA PHE A 64 -57.30 10.49 23.24
C PHE A 64 -56.84 10.10 24.64
N HIS A 65 -55.53 10.06 24.85
CA HIS A 65 -54.96 9.94 26.20
C HIS A 65 -53.71 10.80 26.29
N PHE A 66 -53.74 11.79 27.17
CA PHE A 66 -52.64 12.71 27.37
C PHE A 66 -52.18 12.65 28.83
N ILE A 67 -51.13 13.41 29.12
CA ILE A 67 -50.59 13.53 30.47
C ILE A 67 -50.54 15.01 30.82
N ASP A 68 -51.09 15.36 31.99
CA ASP A 68 -51.13 16.76 32.42
C ASP A 68 -49.78 17.13 33.03
N GLU A 69 -49.69 18.35 33.56
CA GLU A 69 -48.42 18.81 34.12
C GLU A 69 -48.00 17.96 35.30
N ARG A 70 -48.93 17.65 36.21
CA ARG A 70 -48.59 16.86 37.38
C ARG A 70 -48.24 15.42 37.01
N GLY A 71 -48.94 14.85 36.02
CA GLY A 71 -48.67 13.48 35.60
C GLY A 71 -49.79 12.50 35.89
N GLU A 72 -51.03 12.97 35.82
CA GLU A 72 -52.20 12.12 35.99
C GLU A 72 -52.91 11.94 34.65
N SER A 73 -53.99 11.16 34.68
CA SER A 73 -54.73 10.87 33.45
C SER A 73 -55.37 12.13 32.87
N THR A 74 -55.46 12.17 31.55
CA THR A 74 -56.09 13.29 30.85
C THR A 74 -56.73 12.76 29.59
N ILE A 75 -58.03 13.05 29.42
CA ILE A 75 -58.79 12.63 28.26
C ILE A 75 -59.51 13.85 27.70
N ILE A 76 -59.44 14.03 26.38
CA ILE A 76 -60.10 15.15 25.72
C ILE A 76 -61.58 14.84 25.57
N LEU A 85 -50.73 18.72 23.91
CA LEU A 85 -50.39 18.24 25.24
C LEU A 85 -49.58 16.95 25.15
N LYS A 86 -48.96 16.55 26.25
CA LYS A 86 -48.15 15.34 26.27
C LYS A 86 -49.00 14.13 25.88
N HIS A 87 -48.41 13.25 25.07
CA HIS A 87 -49.08 12.02 24.65
C HIS A 87 -48.65 10.88 25.55
N ARG A 88 -49.62 10.26 26.22
CA ARG A 88 -49.31 9.18 27.16
C ARG A 88 -48.71 7.97 26.45
N PHE A 89 -49.22 7.65 25.25
CA PHE A 89 -48.81 6.46 24.52
C PHE A 89 -47.99 6.86 23.30
N GLU A 90 -46.82 6.25 23.15
CA GLU A 90 -45.95 6.45 22.00
C GLU A 90 -45.98 5.18 21.15
N ILE A 91 -46.29 5.33 19.87
CA ILE A 91 -46.46 4.19 18.97
C ILE A 91 -45.11 3.79 18.40
N ILE A 92 -44.93 2.47 18.24
CA ILE A 92 -43.74 1.94 17.60
C ILE A 92 -44.05 1.29 16.26
N GLU A 93 -45.22 0.66 16.10
CA GLU A 93 -45.56 0.02 14.85
C GLU A 93 -45.82 1.06 13.77
N GLY A 94 -45.86 0.58 12.52
CA GLY A 94 -46.08 1.46 11.39
C GLY A 94 -44.88 2.28 10.98
N ARG A 95 -43.68 1.84 11.32
CA ARG A 95 -42.45 2.57 11.02
C ARG A 95 -41.40 1.61 10.52
N ASP A 96 -40.41 2.15 9.81
CA ASP A 96 -39.29 1.34 9.35
C ASP A 96 -38.56 0.73 10.53
N ARG A 97 -37.84 -0.36 10.24
CA ARG A 97 -37.05 -0.99 11.28
C ARG A 97 -36.10 0.01 11.93
N THR A 98 -35.48 0.87 11.11
CA THR A 98 -34.49 1.80 11.66
C THR A 98 -35.15 2.78 12.62
N MET A 99 -36.25 3.40 12.19
CA MET A 99 -36.93 4.39 13.03
C MET A 99 -37.44 3.75 14.32
N ALA A 100 -38.07 2.58 14.21
CA ALA A 100 -38.59 1.91 15.39
C ALA A 100 -37.46 1.57 16.36
N TRP A 101 -36.35 1.04 15.84
CA TRP A 101 -35.25 0.65 16.70
C TRP A 101 -34.63 1.87 17.37
N THR A 102 -34.49 2.98 16.65
CA THR A 102 -33.88 4.15 17.28
C THR A 102 -34.80 4.72 18.35
N VAL A 103 -36.11 4.72 18.13
CA VAL A 103 -37.01 5.22 19.16
C VAL A 103 -36.97 4.30 20.38
N VAL A 104 -36.92 2.99 20.15
CA VAL A 104 -36.82 2.05 21.27
C VAL A 104 -35.55 2.33 22.07
N ASN A 105 -34.42 2.50 21.38
CA ASN A 105 -33.16 2.76 22.06
C ASN A 105 -33.22 4.07 22.82
N SER A 106 -33.79 5.11 22.21
CA SER A 106 -33.86 6.42 22.86
C SER A 106 -34.71 6.34 24.12
N ILE A 107 -35.85 5.65 24.05
CA ILE A 107 -36.72 5.54 25.22
C ILE A 107 -36.02 4.75 26.31
N CYS A 108 -35.35 3.65 25.93
CA CYS A 108 -34.66 2.84 26.91
C CYS A 108 -33.55 3.65 27.60
N ASN A 109 -32.85 4.49 26.85
CA ASN A 109 -31.75 5.26 27.44
C ASN A 109 -32.27 6.39 28.32
N THR A 110 -33.31 7.09 27.87
CA THR A 110 -33.81 8.24 28.63
C THR A 110 -34.54 7.80 29.89
N THR A 111 -35.40 6.79 29.77
CA THR A 111 -36.21 6.38 30.93
C THR A 111 -35.41 5.47 31.86
N GLY A 112 -34.84 4.40 31.33
CA GLY A 112 -34.03 3.50 32.12
C GLY A 112 -34.41 2.04 31.97
N VAL A 113 -35.61 1.78 31.45
CA VAL A 113 -36.05 0.40 31.26
C VAL A 113 -35.28 -0.23 30.10
N GLU A 114 -34.67 -1.38 30.37
CA GLU A 114 -33.87 -2.05 29.34
C GLU A 114 -34.75 -2.41 28.15
N LYS A 115 -34.20 -2.21 26.96
CA LYS A 115 -34.95 -2.51 25.75
C LYS A 115 -35.02 -4.02 25.51
N PRO A 116 -36.10 -4.51 24.91
CA PRO A 116 -36.21 -5.95 24.64
C PRO A 116 -35.55 -6.36 23.33
N LYS A 117 -35.31 -7.67 23.22
CA LYS A 117 -34.67 -8.19 22.01
C LYS A 117 -35.58 -8.07 20.80
N PHE A 118 -36.90 -8.15 21.01
CA PHE A 118 -37.87 -8.02 19.93
C PHE A 118 -38.58 -6.68 20.03
N LEU A 119 -39.01 -6.18 18.87
CA LEU A 119 -39.65 -4.87 18.81
C LEU A 119 -40.99 -4.90 19.54
N PRO A 120 -41.22 -4.03 20.54
CA PRO A 120 -42.56 -3.95 21.14
C PRO A 120 -43.54 -3.27 20.22
N ASP A 121 -44.75 -3.01 20.72
CA ASP A 121 -45.77 -2.31 19.94
C ASP A 121 -45.95 -0.86 20.32
N LEU A 122 -46.00 -0.52 21.61
CA LEU A 122 -46.03 0.88 21.99
C LEU A 122 -45.45 1.01 23.39
N TYR A 123 -45.39 2.25 23.89
CA TYR A 123 -44.77 2.54 25.16
C TYR A 123 -45.62 3.53 25.93
N ASP A 124 -45.75 3.32 27.24
CA ASP A 124 -46.49 4.23 28.11
C ASP A 124 -45.54 4.89 29.09
N TYR A 125 -45.71 6.20 29.28
CA TYR A 125 -44.80 6.97 30.11
C TYR A 125 -45.26 7.06 31.56
N LYS A 126 -46.57 6.99 31.81
CA LYS A 126 -47.05 6.97 33.19
C LYS A 126 -46.51 5.76 33.93
N GLU A 127 -46.57 4.59 33.30
CA GLU A 127 -45.94 3.39 33.84
C GLU A 127 -44.50 3.21 33.36
N ASN A 128 -44.06 4.02 32.41
CA ASN A 128 -42.69 3.96 31.90
C ASN A 128 -42.31 2.52 31.53
N ARG A 129 -43.05 1.98 30.56
CA ARG A 129 -42.87 0.58 30.19
C ARG A 129 -43.38 0.37 28.77
N PHE A 130 -42.73 -0.57 28.08
CA PHE A 130 -43.18 -0.99 26.75
C PHE A 130 -44.33 -1.97 26.91
N ILE A 131 -45.43 -1.71 26.21
CA ILE A 131 -46.60 -2.58 26.24
C ILE A 131 -46.83 -3.12 24.83
N GLU A 132 -47.08 -4.43 24.76
CA GLU A 132 -47.43 -5.11 23.52
C GLU A 132 -48.94 -5.10 23.35
N ILE A 133 -49.38 -4.98 22.10
CA ILE A 133 -50.80 -5.02 21.75
C ILE A 133 -51.02 -6.11 20.72
N GLY A 134 -52.04 -6.93 20.93
CA GLY A 134 -52.37 -7.96 19.98
C GLY A 134 -53.87 -8.12 19.80
N VAL A 135 -54.31 -8.30 18.55
CA VAL A 135 -55.71 -8.52 18.23
C VAL A 135 -55.78 -9.74 17.32
N THR A 136 -56.48 -10.77 17.76
CA THR A 136 -56.54 -12.03 17.03
C THR A 136 -57.92 -12.66 17.20
N ARG A 137 -58.33 -13.42 16.18
CA ARG A 137 -59.61 -14.10 16.24
C ARG A 137 -59.61 -15.17 17.33
N ARG A 138 -58.50 -15.88 17.48
CA ARG A 138 -58.44 -17.00 18.42
C ARG A 138 -58.63 -16.50 19.85
N GLU A 139 -58.69 -17.46 20.78
CA GLU A 139 -58.90 -17.14 22.18
C GLU A 139 -57.69 -16.40 22.74
N VAL A 140 -57.94 -15.60 23.78
CA VAL A 140 -56.89 -14.77 24.34
C VAL A 140 -55.77 -15.61 24.93
N HIS A 141 -56.12 -16.73 25.56
CA HIS A 141 -55.14 -17.49 26.33
C HIS A 141 -54.03 -18.04 25.44
N ILE A 142 -54.40 -18.65 24.32
CA ILE A 142 -53.41 -19.31 23.47
C ILE A 142 -52.42 -18.30 22.90
N TYR A 143 -52.94 -17.22 22.31
CA TYR A 143 -52.04 -16.22 21.74
C TYR A 143 -51.25 -15.50 22.81
N TYR A 144 -51.83 -15.32 24.00
CA TYR A 144 -51.09 -14.71 25.10
C TYR A 144 -49.90 -15.57 25.48
N LEU A 145 -50.11 -16.89 25.60
CA LEU A 145 -48.99 -17.77 25.90
C LEU A 145 -47.96 -17.75 24.77
N GLU A 146 -48.42 -17.74 23.52
CA GLU A 146 -47.49 -17.75 22.40
C GLU A 146 -46.61 -16.50 22.41
N LYS A 147 -47.23 -15.32 22.56
CA LYS A 147 -46.46 -14.09 22.58
C LYS A 147 -45.54 -14.03 23.79
N ALA A 148 -46.02 -14.50 24.94
CA ALA A 148 -45.18 -14.48 26.14
C ALA A 148 -43.95 -15.35 25.98
N ASN A 149 -44.11 -16.54 25.42
CA ASN A 149 -42.96 -17.43 25.24
C ASN A 149 -42.11 -17.06 24.03
N LYS A 150 -42.63 -16.22 23.14
CA LYS A 150 -41.83 -15.74 22.01
C LYS A 150 -40.95 -14.56 22.42
N ILE A 151 -41.56 -13.52 22.99
CA ILE A 151 -40.80 -12.35 23.41
C ILE A 151 -39.88 -12.70 24.57
N LYS A 152 -40.34 -13.57 25.47
CA LYS A 152 -39.55 -13.99 26.64
C LYS A 152 -39.18 -12.78 27.49
N SER A 153 -40.15 -11.91 27.72
CA SER A 153 -39.95 -10.65 28.42
C SER A 153 -40.85 -10.59 29.64
N GLU A 154 -40.29 -10.11 30.75
CA GLU A 154 -41.02 -9.96 32.00
C GLU A 154 -41.25 -8.50 32.39
N LYS A 155 -40.52 -7.56 31.77
CA LYS A 155 -40.63 -6.14 32.09
C LYS A 155 -41.43 -5.38 31.06
N THR A 156 -42.11 -6.08 30.14
CA THR A 156 -42.90 -5.45 29.10
C THR A 156 -44.35 -5.91 29.24
N HIS A 157 -45.26 -4.94 29.30
CA HIS A 157 -46.67 -5.26 29.45
C HIS A 157 -47.22 -5.93 28.19
N ILE A 158 -48.17 -6.83 28.38
CA ILE A 158 -48.79 -7.58 27.30
C ILE A 158 -50.30 -7.39 27.39
N HIS A 159 -50.92 -7.12 26.24
CA HIS A 159 -52.37 -6.92 26.16
C HIS A 159 -52.88 -7.63 24.92
N ILE A 160 -53.78 -8.60 25.10
CA ILE A 160 -54.32 -9.38 24.01
C ILE A 160 -55.84 -9.25 24.03
N PHE A 161 -56.41 -8.84 22.91
CA PHE A 161 -57.85 -8.70 22.73
C PHE A 161 -58.36 -9.85 21.88
N SER A 162 -59.69 -10.01 21.85
CA SER A 162 -60.33 -11.02 21.02
C SER A 162 -61.45 -10.39 20.22
N PHE A 163 -61.69 -10.98 19.04
CA PHE A 163 -62.76 -10.49 18.17
C PHE A 163 -64.12 -10.60 18.85
N THR A 164 -64.29 -11.56 19.76
CA THR A 164 -65.55 -11.78 20.45
C THR A 164 -65.65 -11.00 21.75
N GLY A 165 -64.67 -10.16 22.06
CA GLY A 165 -64.67 -9.36 23.28
C GLY A 165 -63.75 -9.87 24.36
N GLU A 166 -63.31 -11.12 24.27
CA GLU A 166 -62.34 -11.62 25.24
C GLU A 166 -61.06 -10.80 25.19
N GLU A 167 -60.58 -10.39 26.36
CA GLU A 167 -59.44 -9.49 26.43
C GLU A 167 -58.78 -9.62 27.80
N MET A 168 -57.46 -9.65 27.81
CA MET A 168 -56.74 -9.76 29.07
C MET A 168 -55.32 -9.23 28.89
N ALA A 169 -54.71 -8.89 30.03
CA ALA A 169 -53.37 -8.32 30.06
C ALA A 169 -52.59 -9.01 31.16
N THR A 170 -51.40 -8.47 31.47
CA THR A 170 -50.54 -9.07 32.48
C THR A 170 -51.18 -8.92 33.86
N LYS A 171 -51.24 -10.03 34.59
CA LYS A 171 -51.82 -10.04 35.94
C LYS A 171 -53.22 -9.43 35.95
N ALA A 172 -53.93 -9.53 34.83
CA ALA A 172 -55.26 -8.95 34.67
C ALA A 172 -55.25 -7.46 34.96
N ASP A 173 -54.15 -6.79 34.63
CA ASP A 173 -53.99 -5.35 34.86
C ASP A 173 -54.34 -4.62 33.56
N TYR A 174 -55.49 -3.95 33.56
CA TYR A 174 -55.94 -3.18 32.41
C TYR A 174 -55.47 -1.74 32.55
N THR A 175 -54.47 -1.36 31.77
CA THR A 175 -53.95 0.01 31.84
C THR A 175 -55.01 1.02 31.41
N LEU A 176 -55.72 0.74 30.33
CA LEU A 176 -56.73 1.64 29.83
C LEU A 176 -57.97 1.62 30.72
N ASP A 177 -58.64 2.75 30.81
CA ASP A 177 -59.87 2.85 31.57
C ASP A 177 -60.96 2.01 30.90
N GLU A 178 -61.92 1.56 31.72
CA GLU A 178 -62.93 0.62 31.22
C GLU A 178 -63.62 1.16 29.98
N GLU A 179 -63.89 2.46 29.93
CA GLU A 179 -64.59 3.03 28.79
C GLU A 179 -63.79 2.86 27.50
N SER A 180 -62.48 3.14 27.55
CA SER A 180 -61.65 2.98 26.36
C SER A 180 -61.59 1.53 25.91
N ARG A 181 -61.45 0.60 26.85
CA ARG A 181 -61.42 -0.81 26.50
C ARG A 181 -62.72 -1.25 25.86
N ALA A 182 -63.86 -0.80 26.42
CA ALA A 182 -65.14 -1.13 25.83
C ALA A 182 -65.27 -0.56 24.42
N ARG A 183 -64.79 0.68 24.22
CA ARG A 183 -64.84 1.27 22.89
C ARG A 183 -64.02 0.47 21.89
N ILE A 184 -62.81 0.05 22.30
CA ILE A 184 -61.96 -0.73 21.40
C ILE A 184 -62.59 -2.08 21.10
N LYS A 185 -63.18 -2.72 22.11
CA LYS A 185 -63.84 -3.99 21.89
C LYS A 185 -65.00 -3.84 20.92
N THR A 186 -65.78 -2.75 21.07
CA THR A 186 -66.89 -2.51 20.14
C THR A 186 -66.39 -2.26 18.73
N ARG A 187 -65.28 -1.51 18.59
CA ARG A 187 -64.72 -1.28 17.27
C ARG A 187 -64.30 -2.60 16.62
N LEU A 188 -63.63 -3.45 17.39
CA LEU A 188 -63.22 -4.75 16.87
C LEU A 188 -64.43 -5.59 16.48
N PHE A 189 -65.47 -5.60 17.31
CA PHE A 189 -66.65 -6.40 17.00
C PHE A 189 -67.34 -5.89 15.75
N THR A 190 -67.45 -4.56 15.58
CA THR A 190 -68.15 -4.04 14.41
C THR A 190 -67.35 -4.31 13.14
N ILE A 191 -66.02 -4.20 13.19
CA ILE A 191 -65.23 -4.53 12.01
C ILE A 191 -65.36 -6.01 11.68
N ARG A 192 -65.35 -6.86 12.71
CA ARG A 192 -65.55 -8.29 12.48
C ARG A 192 -66.92 -8.56 11.85
N GLN A 193 -67.95 -7.86 12.33
CA GLN A 193 -69.28 -8.02 11.75
C GLN A 193 -69.30 -7.59 10.30
N GLU A 194 -68.59 -6.51 9.96
CA GLU A 194 -68.56 -6.05 8.58
C GLU A 194 -67.86 -7.07 7.68
N MET A 195 -66.74 -7.62 8.13
CA MET A 195 -66.07 -8.65 7.33
C MET A 195 -66.96 -9.89 7.19
N ALA A 196 -67.68 -10.24 8.25
CA ALA A 196 -68.62 -11.36 8.15
C ALA A 196 -69.72 -11.06 7.13
N SER A 197 -70.22 -9.82 7.13
CA SER A 197 -71.21 -9.42 6.14
C SER A 197 -70.66 -9.56 4.73
N ARG A 198 -69.38 -9.19 4.53
CA ARG A 198 -68.75 -9.44 3.24
C ARG A 198 -68.69 -10.93 2.94
N GLY A 199 -68.60 -11.77 3.98
CA GLY A 199 -68.62 -13.20 3.82
C GLY A 199 -67.27 -13.88 3.90
N LEU A 200 -66.18 -13.12 4.00
CA LEU A 200 -64.83 -13.68 4.05
C LEU A 200 -64.29 -13.77 5.47
N TRP A 201 -65.14 -13.54 6.48
CA TRP A 201 -64.68 -13.62 7.86
C TRP A 201 -64.19 -15.03 8.20
N ASP A 202 -64.94 -16.05 7.76
CA ASP A 202 -64.54 -17.42 8.05
C ASP A 202 -63.25 -17.80 7.33
N SER A 203 -62.99 -17.19 6.17
CA SER A 203 -61.81 -17.50 5.37
C SER A 203 -60.68 -16.49 5.60
N PHE A 204 -60.62 -15.89 6.79
CA PHE A 204 -59.56 -14.94 7.14
C PHE A 204 -58.56 -15.57 8.10
N ARG A 205 -59.01 -16.05 9.26
CA ARG A 205 -58.21 -16.88 10.16
C ARG A 205 -56.84 -16.26 10.48
N GLN A 206 -56.71 -14.94 10.35
CA GLN A 206 -55.45 -14.27 10.63
C GLN A 206 -54.31 -14.86 9.79
N SER A 207 -53.09 -14.42 10.06
CA SER A 207 -51.91 -14.94 9.38
C SER A 207 -50.69 -14.61 10.23
N GLU A 208 -49.59 -15.31 9.95
CA GLU A 208 -48.33 -15.10 10.65
C GLU A 208 -47.21 -14.95 9.64
N ARG A 209 -46.20 -14.17 10.02
CA ARG A 209 -45.09 -13.85 9.12
C ARG A 209 -44.18 -15.07 9.00
N GLY A 210 -44.24 -15.74 7.84
CA GLY A 210 -43.38 -16.88 7.60
C GLY A 210 -41.99 -16.56 7.08
N GLU A 211 -41.71 -15.28 6.80
CA GLU A 211 -40.41 -14.85 6.31
C GLU A 211 -40.03 -15.58 5.03
N GLU A 212 -40.99 -15.69 4.11
CA GLU A 212 -40.75 -16.36 2.85
C GLU A 212 -39.61 -15.69 2.09
N THR A 213 -38.71 -16.52 1.55
CA THR A 213 -37.54 -16.05 0.81
C THR A 213 -37.78 -16.28 -0.68
N ILE A 214 -37.71 -15.22 -1.47
CA ILE A 214 -37.93 -15.32 -2.90
C ILE A 214 -36.61 -15.68 -3.58
N GLU A 215 -36.65 -16.69 -4.44
CA GLU A 215 -35.45 -17.13 -5.13
C GLU A 215 -34.92 -16.01 -6.03
N GLU A 216 -33.61 -15.78 -5.95
CA GLU A 216 -32.98 -14.77 -6.79
C GLU A 216 -32.99 -15.22 -8.25
N ARG A 217 -33.35 -14.29 -9.14
CA ARG A 217 -33.43 -14.58 -10.56
C ARG A 217 -32.76 -13.46 -11.33
N PHE A 218 -31.93 -13.83 -12.32
CA PHE A 218 -31.27 -12.86 -13.19
C PHE A 218 -31.18 -13.51 -14.57
N GLU A 219 -32.06 -13.08 -15.48
CA GLU A 219 -32.23 -13.73 -16.77
C GLU A 219 -31.74 -12.82 -17.88
N ILE A 220 -31.10 -13.42 -18.88
CA ILE A 220 -30.60 -12.71 -20.05
C ILE A 220 -31.63 -12.85 -21.16
N THR A 221 -32.31 -11.75 -21.46
CA THR A 221 -33.38 -11.74 -22.45
C THR A 221 -33.33 -10.44 -23.24
N GLY A 222 -34.04 -10.42 -24.36
CA GLY A 222 -34.09 -9.21 -25.15
C GLY A 222 -32.78 -8.96 -25.89
N THR A 223 -32.53 -7.68 -26.16
CA THR A 223 -31.35 -7.32 -26.94
C THR A 223 -30.07 -7.89 -26.33
N MET A 224 -29.97 -7.87 -25.00
CA MET A 224 -28.80 -8.43 -24.34
C MET A 224 -28.57 -9.86 -24.78
N ARG A 225 -29.62 -10.69 -24.75
CA ARG A 225 -29.49 -12.06 -25.22
C ARG A 225 -28.92 -12.09 -26.62
N ARG A 226 -29.42 -11.23 -27.51
CA ARG A 226 -28.88 -11.18 -28.86
C ARG A 226 -27.38 -10.91 -28.83
N LEU A 227 -26.96 -9.94 -28.02
CA LEU A 227 -25.53 -9.69 -27.88
C LEU A 227 -24.82 -10.94 -27.37
N ALA A 228 -25.42 -11.63 -26.40
CA ALA A 228 -24.81 -12.84 -25.87
C ALA A 228 -24.66 -13.89 -26.97
N ASP A 229 -25.52 -13.85 -27.99
CA ASP A 229 -25.43 -14.81 -29.08
C ASP A 229 -24.32 -14.49 -30.07
N GLN A 230 -23.68 -13.32 -29.95
CA GLN A 230 -22.63 -12.91 -30.87
C GLN A 230 -21.29 -12.73 -30.17
N SER A 231 -21.16 -13.24 -28.95
CA SER A 231 -19.94 -13.12 -28.16
C SER A 231 -19.38 -14.49 -27.83
N LEU A 232 -19.41 -15.40 -28.79
CA LEU A 232 -18.94 -16.77 -28.60
C LEU A 232 -17.92 -17.11 -29.68
N PRO A 233 -17.13 -18.16 -29.48
CA PRO A 233 -16.22 -18.61 -30.54
C PRO A 233 -16.97 -18.81 -31.84
N PRO A 234 -16.26 -18.94 -32.96
CA PRO A 234 -16.95 -18.98 -34.26
C PRO A 234 -17.93 -20.14 -34.41
N ASN A 235 -17.65 -21.29 -33.80
CA ASN A 235 -18.41 -22.51 -34.04
C ASN A 235 -19.61 -22.66 -33.13
N PHE A 236 -20.18 -21.56 -32.63
CA PHE A 236 -21.35 -21.62 -31.77
C PHE A 236 -22.35 -20.55 -32.19
N SER A 237 -23.62 -20.82 -31.92
CA SER A 237 -24.70 -19.98 -32.40
C SER A 237 -25.57 -19.39 -31.28
N SER A 238 -25.43 -19.88 -30.05
CA SER A 238 -26.21 -19.33 -28.94
C SER A 238 -25.44 -19.56 -27.65
N LEU A 239 -25.80 -18.76 -26.63
CA LEU A 239 -25.17 -18.91 -25.33
C LEU A 239 -25.51 -20.25 -24.69
N GLU A 240 -26.73 -20.74 -24.89
CA GLU A 240 -27.12 -22.01 -24.30
C GLU A 240 -26.25 -23.16 -24.82
N ASN A 241 -26.01 -23.18 -26.13
CA ASN A 241 -25.21 -24.26 -26.71
C ASN A 241 -23.78 -24.21 -26.18
N PHE A 242 -23.19 -23.02 -26.10
CA PHE A 242 -21.83 -22.91 -25.58
C PHE A 242 -21.78 -23.31 -24.11
N ARG A 243 -22.78 -22.91 -23.32
CA ARG A 243 -22.82 -23.31 -21.92
C ARG A 243 -22.90 -24.82 -21.80
N ALA A 244 -23.75 -25.46 -22.60
CA ALA A 244 -23.87 -26.92 -22.55
C ALA A 244 -22.55 -27.58 -22.96
N TYR A 245 -21.90 -27.06 -23.99
CA TYR A 245 -20.63 -27.63 -24.42
C TYR A 245 -19.58 -27.51 -23.32
N VAL A 246 -19.51 -26.36 -22.66
CA VAL A 246 -18.52 -26.17 -21.60
C VAL A 246 -18.83 -27.09 -20.42
N ASP A 247 -20.10 -27.19 -20.04
CA ASP A 247 -20.45 -28.00 -18.88
C ASP A 247 -20.05 -29.46 -19.09
N GLY A 248 -20.32 -29.99 -20.28
CA GLY A 248 -19.97 -31.37 -20.58
C GLY A 248 -18.60 -31.50 -21.21
N PHE A 249 -17.70 -30.59 -20.87
CA PHE A 249 -16.34 -30.61 -21.41
C PHE A 249 -15.41 -31.33 -20.44
N GLU A 250 -14.57 -32.19 -20.97
CA GLU A 250 -13.51 -32.84 -20.21
C GLU A 250 -12.20 -32.70 -20.96
N PRO A 251 -11.07 -32.59 -20.25
CA PRO A 251 -9.79 -32.43 -20.93
C PRO A 251 -9.40 -33.70 -21.67
N ASN A 252 -9.30 -33.61 -22.99
CA ASN A 252 -8.91 -34.75 -23.83
C ASN A 252 -7.77 -34.30 -24.74
N GLY A 253 -6.54 -34.38 -24.22
CA GLY A 253 -5.34 -34.08 -24.98
C GLY A 253 -5.44 -32.94 -25.96
N CYS A 254 -6.17 -31.88 -25.60
CA CYS A 254 -6.37 -30.78 -26.53
C CYS A 254 -5.08 -29.98 -26.72
N ILE A 255 -4.42 -29.62 -25.61
CA ILE A 255 -3.24 -28.79 -25.69
C ILE A 255 -2.12 -29.51 -26.43
N GLU A 256 -1.93 -30.80 -26.14
CA GLU A 256 -0.87 -31.55 -26.80
C GLU A 256 -1.13 -31.67 -28.30
N GLY A 257 -2.37 -31.96 -28.68
CA GLY A 257 -2.69 -32.03 -30.09
C GLY A 257 -2.48 -30.71 -30.81
N LYS A 258 -2.93 -29.62 -30.20
CA LYS A 258 -2.74 -28.30 -30.81
C LYS A 258 -1.25 -27.96 -30.93
N LEU A 259 -0.47 -28.30 -29.90
CA LEU A 259 0.96 -28.05 -29.96
C LEU A 259 1.61 -28.85 -31.08
N SER A 260 1.18 -30.10 -31.26
CA SER A 260 1.69 -30.89 -32.38
C SER A 260 1.32 -30.25 -33.71
N GLN A 261 0.09 -29.74 -33.82
CA GLN A 261 -0.34 -29.10 -35.06
C GLN A 261 0.47 -27.84 -35.35
N MET A 262 0.80 -27.07 -34.31
CA MET A 262 1.46 -25.79 -34.51
C MET A 262 2.82 -25.98 -35.19
N SER A 263 3.17 -25.01 -36.04
CA SER A 263 4.43 -25.07 -36.76
C SER A 263 5.61 -24.97 -35.79
N LYS A 264 6.74 -25.52 -36.22
CA LYS A 264 7.96 -25.49 -35.41
C LYS A 264 8.65 -24.13 -35.44
N GLU A 265 8.22 -23.20 -36.29
CA GLU A 265 8.82 -21.88 -36.31
C GLU A 265 8.41 -21.03 -35.11
N VAL A 266 7.34 -21.41 -34.42
CA VAL A 266 6.87 -20.67 -33.25
C VAL A 266 7.61 -21.24 -32.05
N ASN A 267 8.81 -20.73 -31.80
CA ASN A 267 9.64 -21.23 -30.71
C ASN A 267 10.47 -20.11 -30.15
N ALA A 268 10.86 -20.25 -28.88
CA ALA A 268 11.72 -19.29 -28.19
C ALA A 268 13.12 -19.90 -28.11
N ARG A 269 13.89 -19.71 -29.17
CA ARG A 269 15.26 -20.20 -29.20
C ARG A 269 16.14 -19.30 -28.34
N ILE A 270 16.92 -19.91 -27.45
CA ILE A 270 17.77 -19.17 -26.52
C ILE A 270 19.10 -18.88 -27.20
N GLU A 271 19.43 -17.60 -27.32
CA GLU A 271 20.69 -17.18 -27.93
C GLU A 271 21.74 -16.99 -26.83
N PRO A 272 22.86 -17.70 -26.86
CA PRO A 272 23.85 -17.52 -25.79
C PRO A 272 24.48 -16.13 -25.85
N PHE A 273 24.63 -15.54 -24.67
CA PHE A 273 25.23 -14.20 -24.53
C PHE A 273 26.65 -14.39 -24.03
N LEU A 274 27.62 -14.29 -24.94
CA LEU A 274 29.02 -14.47 -24.62
C LEU A 274 29.70 -13.10 -24.51
N ARG A 275 31.02 -13.13 -24.28
CA ARG A 275 31.76 -11.89 -24.15
C ARG A 275 31.95 -11.18 -25.49
N THR A 276 31.90 -11.91 -26.59
CA THR A 276 32.01 -11.33 -27.92
C THR A 276 30.66 -11.01 -28.54
N THR A 277 29.57 -11.25 -27.83
CA THR A 277 28.23 -11.02 -28.35
C THR A 277 27.85 -9.55 -28.36
N PRO A 278 27.92 -8.86 -27.23
CA PRO A 278 27.45 -7.46 -27.19
C PRO A 278 28.31 -6.56 -28.07
N ARG A 279 27.68 -5.51 -28.57
CA ARG A 279 28.30 -4.52 -29.43
C ARG A 279 28.01 -3.12 -28.92
N PRO A 280 28.85 -2.15 -29.23
CA PRO A 280 28.61 -0.78 -28.76
C PRO A 280 27.34 -0.20 -29.34
N LEU A 281 26.68 0.65 -28.56
CA LEU A 281 25.47 1.30 -29.03
C LEU A 281 25.79 2.23 -30.19
N ARG A 282 24.86 2.31 -31.15
CA ARG A 282 25.01 3.17 -32.32
C ARG A 282 24.45 4.54 -31.99
N LEU A 283 25.32 5.51 -31.84
CA LEU A 283 24.85 6.86 -31.54
C LEU A 283 24.39 7.56 -32.81
N PRO A 284 23.43 8.49 -32.69
CA PRO A 284 22.96 9.20 -33.88
C PRO A 284 24.02 10.14 -34.44
N ASP A 285 23.87 10.46 -35.72
CA ASP A 285 24.77 11.36 -36.42
C ASP A 285 24.02 12.62 -36.82
N GLY A 286 24.74 13.73 -36.85
CA GLY A 286 24.15 15.00 -37.20
C GLY A 286 24.92 16.18 -36.64
N PRO A 287 24.30 17.36 -36.63
CA PRO A 287 24.98 18.53 -36.09
C PRO A 287 25.22 18.36 -34.60
N PRO A 288 26.28 18.98 -34.07
CA PRO A 288 26.56 18.85 -32.64
C PRO A 288 25.40 19.37 -31.80
N CYS A 289 25.17 18.71 -30.68
CA CYS A 289 24.11 19.11 -29.75
C CYS A 289 24.48 20.42 -29.06
N SER A 290 23.46 21.19 -28.71
CA SER A 290 23.64 22.52 -28.13
C SER A 290 23.09 22.54 -26.72
N GLN A 291 23.64 23.45 -25.92
CA GLN A 291 23.20 23.61 -24.54
C GLN A 291 21.71 23.92 -24.49
N ARG A 292 21.01 23.26 -23.56
CA ARG A 292 19.58 23.46 -23.41
C ARG A 292 19.14 23.60 -21.96
N SER A 293 20.07 23.80 -21.03
CA SER A 293 19.70 24.00 -19.64
C SER A 293 19.03 25.37 -19.46
N LYS A 294 18.28 25.49 -18.37
CA LYS A 294 17.59 26.74 -18.07
C LYS A 294 18.53 27.82 -17.55
N PHE A 295 19.79 27.49 -17.27
CA PHE A 295 20.78 28.48 -16.86
C PHE A 295 22.16 27.91 -17.10
N LEU A 296 23.15 28.79 -17.18
CA LEU A 296 24.52 28.36 -17.36
C LEU A 296 24.99 27.58 -16.14
N LEU A 297 25.88 26.61 -16.38
CA LEU A 297 26.35 25.72 -15.33
C LEU A 297 27.82 25.90 -15.04
N MET A 298 28.70 25.73 -16.03
CA MET A 298 30.13 25.88 -15.82
C MET A 298 30.67 27.21 -16.31
N ASP A 299 29.98 27.86 -17.24
CA ASP A 299 30.38 29.17 -17.75
C ASP A 299 29.74 30.32 -16.99
N ALA A 300 28.96 30.02 -15.95
CA ALA A 300 28.31 31.07 -15.18
C ALA A 300 29.34 31.88 -14.40
N LEU A 301 29.03 33.17 -14.23
CA LEU A 301 29.85 34.07 -13.43
C LEU A 301 28.91 34.83 -12.49
N LYS A 302 29.40 35.11 -11.29
CA LYS A 302 28.57 35.72 -10.25
C LYS A 302 29.28 36.91 -9.64
N LEU A 303 28.52 37.98 -9.41
CA LEU A 303 29.00 39.15 -8.68
C LEU A 303 28.57 39.03 -7.23
N SER A 304 29.54 39.07 -6.32
CA SER A 304 29.32 38.69 -4.94
C SER A 304 29.52 39.87 -4.00
N ILE A 305 28.75 39.87 -2.91
CA ILE A 305 28.86 40.87 -1.86
C ILE A 305 28.71 40.18 -0.51
N GLU A 306 29.54 40.58 0.44
CA GLU A 306 29.47 40.03 1.80
C GLU A 306 28.25 40.62 2.51
N ASP A 307 27.27 39.76 2.83
CA ASP A 307 26.04 40.18 3.45
C ASP A 307 25.73 39.21 4.60
N PRO A 308 25.54 39.69 5.84
CA PRO A 308 25.21 38.77 6.94
C PRO A 308 23.73 38.44 6.99
N SER A 309 23.25 37.75 5.97
CA SER A 309 21.85 37.34 5.86
C SER A 309 21.79 35.89 5.43
N HIS A 310 20.80 35.16 5.94
CA HIS A 310 20.62 33.75 5.60
C HIS A 310 19.82 33.64 4.30
N GLU A 311 19.51 32.41 3.91
CA GLU A 311 18.83 32.17 2.64
C GLU A 311 17.43 32.76 2.66
N GLY A 312 17.08 33.48 1.59
CA GLY A 312 15.74 34.01 1.44
C GLY A 312 15.39 35.16 2.35
N GLU A 313 16.38 35.82 2.94
CA GLU A 313 16.14 36.88 3.91
C GLU A 313 16.03 38.27 3.29
N GLY A 314 17.04 38.66 2.51
CA GLY A 314 17.06 40.00 1.93
C GLY A 314 16.16 40.13 0.71
N ILE A 315 15.91 41.38 0.35
CA ILE A 315 15.11 41.70 -0.84
C ILE A 315 15.94 41.39 -2.07
N PRO A 316 15.46 40.55 -2.99
CA PRO A 316 16.31 40.17 -4.13
C PRO A 316 16.78 41.35 -4.95
N LEU A 317 15.92 42.34 -5.18
CA LEU A 317 16.31 43.47 -6.00
C LEU A 317 17.44 44.27 -5.36
N TYR A 318 17.38 44.48 -4.05
CA TYR A 318 18.45 45.20 -3.37
C TYR A 318 19.76 44.44 -3.46
N ASP A 319 19.72 43.13 -3.28
CA ASP A 319 20.95 42.35 -3.40
C ASP A 319 21.52 42.45 -4.81
N ALA A 320 20.65 42.39 -5.82
CA ALA A 320 21.12 42.52 -7.20
C ALA A 320 21.73 43.89 -7.43
N ILE A 321 21.11 44.95 -6.91
CA ILE A 321 21.63 46.30 -7.10
C ILE A 321 22.99 46.43 -6.43
N LYS A 322 23.12 45.91 -5.20
CA LYS A 322 24.40 45.98 -4.51
C LYS A 322 25.49 45.21 -5.25
N CYS A 323 25.16 44.01 -5.74
CA CYS A 323 26.14 43.24 -6.49
C CYS A 323 26.55 43.98 -7.76
N MET A 324 25.59 44.60 -8.44
CA MET A 324 25.92 45.39 -9.62
C MET A 324 26.85 46.54 -9.26
N LYS A 325 26.57 47.22 -8.14
CA LYS A 325 27.41 48.32 -7.69
C LYS A 325 28.83 47.83 -7.43
N THR A 326 28.97 46.62 -6.90
CA THR A 326 30.29 46.12 -6.56
C THR A 326 31.23 46.07 -7.75
N PHE A 327 30.70 46.05 -8.97
CA PHE A 327 31.49 45.92 -10.18
C PHE A 327 31.63 47.27 -10.86
N PHE A 328 32.87 47.68 -11.12
CA PHE A 328 33.18 48.84 -11.95
C PHE A 328 33.93 48.39 -13.18
N GLY A 329 33.62 48.99 -14.32
CA GLY A 329 34.23 48.58 -15.57
C GLY A 329 33.21 48.20 -16.62
N TRP A 330 32.01 48.74 -16.51
CA TRP A 330 30.99 48.50 -17.51
C TRP A 330 31.44 49.02 -18.87
N LYS A 331 30.65 48.71 -19.89
CA LYS A 331 30.99 49.07 -21.26
C LYS A 331 29.71 49.13 -22.07
N GLU A 332 29.79 49.78 -23.22
CA GLU A 332 28.65 49.82 -24.12
C GLU A 332 28.43 48.44 -24.72
N PRO A 333 27.25 47.83 -24.57
CA PRO A 333 27.06 46.49 -25.10
C PRO A 333 27.22 46.45 -26.61
N ASN A 334 27.83 45.36 -27.09
CA ASN A 334 27.92 45.10 -28.52
C ASN A 334 27.89 43.59 -28.73
N ILE A 335 27.33 43.17 -29.86
CA ILE A 335 27.01 41.77 -30.10
C ILE A 335 28.26 41.07 -30.62
N ILE A 336 28.64 39.97 -29.94
CA ILE A 336 29.81 39.20 -30.32
C ILE A 336 29.35 38.00 -31.14
N LYS A 337 28.52 37.16 -30.55
CA LYS A 337 27.96 35.97 -31.22
C LYS A 337 26.45 36.12 -31.30
N PRO A 338 25.87 36.40 -32.45
CA PRO A 338 24.43 36.66 -32.52
C PRO A 338 23.61 35.38 -32.66
N HIS A 339 22.34 35.50 -32.27
CA HIS A 339 21.39 34.41 -32.43
C HIS A 339 20.95 34.33 -33.88
N GLU A 340 21.21 33.19 -34.52
CA GLU A 340 21.02 33.09 -35.96
C GLU A 340 19.56 33.33 -36.35
N LYS A 341 18.63 32.72 -35.64
CA LYS A 341 17.22 32.78 -36.01
C LYS A 341 16.47 33.90 -35.31
N GLY A 342 17.15 34.76 -34.54
CA GLY A 342 16.52 35.80 -33.78
C GLY A 342 16.90 37.19 -34.23
N ILE A 343 16.25 38.17 -33.60
CA ILE A 343 16.51 39.58 -33.84
C ILE A 343 17.43 40.05 -32.72
N ASN A 344 18.73 39.97 -32.97
CA ASN A 344 19.71 40.31 -31.94
C ASN A 344 19.56 41.74 -31.43
N PRO A 345 19.28 42.75 -32.25
CA PRO A 345 19.06 44.09 -31.70
C PRO A 345 18.01 44.12 -30.62
N ASN A 346 16.99 43.25 -30.69
CA ASN A 346 16.02 43.18 -29.62
C ASN A 346 16.68 42.71 -28.32
N TYR A 347 17.61 41.76 -28.39
CA TYR A 347 18.33 41.35 -27.18
C TYR A 347 19.17 42.49 -26.63
N LEU A 348 19.85 43.24 -27.51
CA LEU A 348 20.63 44.38 -27.06
C LEU A 348 19.74 45.40 -26.35
N LEU A 349 18.60 45.71 -26.96
CA LEU A 349 17.68 46.66 -26.34
C LEU A 349 17.10 46.11 -25.04
N THR A 350 16.92 44.79 -24.95
CA THR A 350 16.44 44.20 -23.71
C THR A 350 17.44 44.42 -22.58
N TRP A 351 18.72 44.17 -22.87
CA TRP A 351 19.75 44.42 -21.84
C TRP A 351 19.79 45.90 -21.46
N LYS A 352 19.70 46.78 -22.46
CA LYS A 352 19.71 48.22 -22.15
C LYS A 352 18.52 48.59 -21.29
N GLN A 353 17.34 48.04 -21.58
CA GLN A 353 16.16 48.33 -20.78
C GLN A 353 16.30 47.79 -19.38
N VAL A 354 16.91 46.62 -19.23
CA VAL A 354 17.14 46.08 -17.89
C VAL A 354 18.02 47.02 -17.09
N LEU A 355 19.11 47.51 -17.70
CA LEU A 355 19.98 48.44 -17.01
C LEU A 355 19.23 49.72 -16.65
N ALA A 356 18.42 50.23 -17.59
CA ALA A 356 17.67 51.46 -17.33
C ALA A 356 16.70 51.28 -16.18
N GLU A 357 15.99 50.15 -16.13
CA GLU A 357 15.05 49.91 -15.05
C GLU A 357 15.77 49.74 -13.72
N LEU A 358 16.94 49.09 -13.74
CA LEU A 358 17.74 48.99 -12.53
C LEU A 358 18.12 50.37 -12.02
N GLN A 359 18.55 51.26 -12.91
CA GLN A 359 18.87 52.62 -12.49
C GLN A 359 17.63 53.35 -11.96
N ASP A 360 16.48 53.13 -12.61
CA ASP A 360 15.25 53.80 -12.18
C ASP A 360 14.89 53.38 -10.76
N ILE A 361 14.97 52.09 -10.46
CA ILE A 361 14.66 51.64 -9.11
C ILE A 361 15.75 52.10 -8.14
N LYS A 362 17.00 52.16 -8.60
CA LYS A 362 18.09 52.60 -7.75
C LYS A 362 17.87 54.02 -7.26
N ASN A 363 17.44 54.91 -8.16
CA ASN A 363 17.13 56.28 -7.79
C ASN A 363 15.66 56.45 -7.44
N GLU A 364 15.17 55.61 -6.53
CA GLU A 364 13.79 55.70 -6.03
C GLU A 364 13.78 55.71 -4.51
N GLU A 365 14.79 55.10 -3.88
CA GLU A 365 14.91 55.03 -2.43
C GLU A 365 13.84 54.18 -1.78
N LYS A 366 13.22 53.27 -2.55
CA LYS A 366 12.26 52.32 -1.98
C LYS A 366 12.22 51.11 -2.89
N ILE A 367 12.65 49.96 -2.37
CA ILE A 367 12.80 48.74 -3.16
C ILE A 367 11.55 47.90 -2.96
N PRO A 368 10.74 47.69 -3.99
CA PRO A 368 9.59 46.77 -3.86
C PRO A 368 10.04 45.32 -3.96
N ARG A 369 9.16 44.44 -3.50
CA ARG A 369 9.45 43.02 -3.58
C ARG A 369 9.57 42.55 -5.03
N THR A 370 8.76 43.13 -5.92
CA THR A 370 8.77 42.77 -7.32
C THR A 370 8.79 44.03 -8.17
N LYS A 371 9.46 43.94 -9.32
CA LYS A 371 9.59 45.04 -10.27
C LYS A 371 9.00 44.61 -11.59
N ASN A 372 8.09 45.41 -12.13
CA ASN A 372 7.48 45.15 -13.43
C ASN A 372 8.23 45.90 -14.51
N MET A 373 8.47 45.23 -15.63
CA MET A 373 9.20 45.82 -16.76
C MET A 373 8.21 46.30 -17.81
N LYS A 374 8.55 47.43 -18.44
CA LYS A 374 7.67 48.01 -19.44
C LYS A 374 7.54 47.07 -20.63
N LYS A 375 6.35 47.04 -21.22
CA LYS A 375 6.05 46.15 -22.35
C LYS A 375 6.53 46.80 -23.64
N THR A 376 7.84 46.85 -23.80
CA THR A 376 8.44 47.40 -25.01
C THR A 376 8.34 46.39 -26.15
N SER A 377 8.61 46.88 -27.37
CA SER A 377 8.53 46.01 -28.54
C SER A 377 9.54 44.87 -28.44
N GLN A 378 10.76 45.17 -28.00
CA GLN A 378 11.78 44.14 -27.91
C GLN A 378 11.37 43.05 -26.92
N LEU A 379 10.78 43.43 -25.79
CA LEU A 379 10.34 42.44 -24.83
C LEU A 379 9.10 41.71 -25.31
N LYS A 380 8.24 42.38 -26.08
CA LYS A 380 7.10 41.70 -26.68
C LYS A 380 7.57 40.61 -27.63
N TRP A 381 8.58 40.89 -28.44
CA TRP A 381 9.08 39.89 -29.37
C TRP A 381 9.83 38.78 -28.64
N ALA A 382 10.73 39.15 -27.73
CA ALA A 382 11.58 38.16 -27.08
C ALA A 382 10.80 37.23 -26.16
N LEU A 383 9.64 37.67 -25.67
CA LEU A 383 8.81 36.86 -24.79
C LEU A 383 7.64 36.22 -25.53
N GLY A 384 7.67 36.19 -26.85
CA GLY A 384 6.60 35.56 -27.61
C GLY A 384 5.25 36.19 -27.42
N GLU A 385 5.18 37.52 -27.41
CA GLU A 385 3.91 38.20 -27.22
C GLU A 385 3.06 38.10 -28.48
N ASN A 386 1.80 37.71 -28.31
CA ASN A 386 0.84 37.62 -29.41
C ASN A 386 1.38 36.74 -30.54
N MET A 387 1.97 35.61 -30.17
CA MET A 387 2.46 34.65 -31.15
C MET A 387 1.52 33.46 -31.32
N ALA A 388 0.50 33.33 -30.49
CA ALA A 388 -0.43 32.21 -30.61
C ALA A 388 -1.41 32.47 -31.75
N PRO A 389 -1.52 31.56 -32.72
CA PRO A 389 -2.49 31.77 -33.80
C PRO A 389 -3.91 31.88 -33.25
N GLU A 390 -4.72 32.71 -33.90
CA GLU A 390 -6.09 32.91 -33.47
C GLU A 390 -6.87 31.59 -33.53
N LYS A 391 -7.78 31.42 -32.58
CA LYS A 391 -8.59 30.21 -32.49
C LYS A 391 -9.96 30.48 -33.12
N VAL A 392 -10.33 29.69 -34.11
CA VAL A 392 -11.58 29.84 -34.85
C VAL A 392 -12.22 28.47 -35.02
N ASP A 393 -13.50 28.50 -35.39
CA ASP A 393 -14.21 27.26 -35.71
C ASP A 393 -13.72 26.71 -37.05
N PHE A 394 -13.77 25.38 -37.18
CA PHE A 394 -13.26 24.74 -38.38
C PHE A 394 -14.03 25.19 -39.61
N GLU A 395 -15.35 25.30 -39.49
CA GLU A 395 -16.18 25.66 -40.66
C GLU A 395 -15.77 27.01 -41.24
N ASP A 396 -15.22 27.90 -40.43
CA ASP A 396 -14.85 29.23 -40.89
C ASP A 396 -13.47 29.28 -41.55
N CYS A 397 -12.70 28.19 -41.50
CA CYS A 397 -11.40 28.18 -42.14
C CYS A 397 -11.12 26.88 -42.89
N LYS A 398 -12.13 26.04 -43.11
CA LYS A 398 -11.90 24.76 -43.78
C LYS A 398 -11.39 24.93 -45.20
N ASP A 399 -11.60 26.10 -45.80
CA ASP A 399 -11.20 26.35 -47.18
C ASP A 399 -9.80 26.94 -47.31
N VAL A 400 -9.14 27.26 -46.19
CA VAL A 400 -7.80 27.83 -46.26
C VAL A 400 -6.87 26.85 -46.95
N ASN A 401 -6.08 27.36 -47.89
CA ASN A 401 -5.28 26.48 -48.74
C ASN A 401 -4.25 25.70 -47.94
N ASP A 402 -3.53 26.38 -47.03
CA ASP A 402 -2.43 25.76 -46.31
C ASP A 402 -2.84 25.21 -44.95
N LEU A 403 -4.12 25.28 -44.59
CA LEU A 403 -4.56 24.70 -43.34
C LEU A 403 -4.24 23.21 -43.30
N LYS A 404 -3.52 22.77 -42.27
CA LYS A 404 -3.06 21.40 -42.19
C LYS A 404 -2.83 21.04 -40.74
N GLN A 405 -2.65 19.74 -40.50
CA GLN A 405 -2.40 19.25 -39.15
C GLN A 405 -1.07 19.78 -38.62
N TYR A 406 -1.02 19.95 -37.30
CA TYR A 406 0.20 20.43 -36.66
C TYR A 406 1.39 19.58 -37.06
N ASP A 407 2.58 20.14 -36.90
CA ASP A 407 3.80 19.39 -37.19
C ASP A 407 4.06 18.40 -36.07
N SER A 408 4.08 17.10 -36.41
CA SER A 408 4.28 16.02 -35.46
C SER A 408 5.31 15.03 -35.98
N ASP A 409 6.44 15.55 -36.44
CA ASP A 409 7.52 14.71 -36.95
C ASP A 409 8.51 14.39 -35.83
N GLU A 410 9.40 13.44 -36.13
CA GLU A 410 10.43 13.08 -35.17
C GLU A 410 11.37 14.26 -34.93
N PRO A 411 11.84 14.47 -33.71
CA PRO A 411 12.82 15.54 -33.48
C PRO A 411 14.08 15.29 -34.29
N GLU A 412 14.66 16.38 -34.79
CA GLU A 412 15.85 16.27 -35.61
C GLU A 412 16.99 15.68 -34.77
N PRO A 413 17.85 14.85 -35.36
CA PRO A 413 18.92 14.24 -34.58
C PRO A 413 20.13 15.16 -34.44
N ARG A 414 20.90 14.91 -33.39
CA ARG A 414 22.12 15.67 -33.12
C ARG A 414 23.18 14.73 -32.56
N SER A 415 24.41 14.90 -33.02
CA SER A 415 25.51 14.07 -32.55
C SER A 415 25.97 14.55 -31.17
N LEU A 416 26.79 13.72 -30.53
CA LEU A 416 27.30 14.03 -29.20
C LEU A 416 28.45 15.03 -29.30
N ALA A 417 28.44 16.02 -28.41
CA ALA A 417 29.46 17.05 -28.36
C ALA A 417 30.23 16.94 -27.04
N CYS A 418 31.52 17.25 -27.10
CA CYS A 418 32.41 17.05 -25.97
C CYS A 418 32.16 17.99 -24.80
N TRP A 419 31.33 19.02 -24.98
CA TRP A 419 31.14 19.99 -23.90
C TRP A 419 30.34 19.41 -22.74
N ILE A 420 29.52 18.39 -22.99
CA ILE A 420 28.74 17.81 -21.91
C ILE A 420 29.63 17.06 -20.93
N GLN A 421 30.64 16.36 -21.44
CA GLN A 421 31.58 15.69 -20.55
C GLN A 421 32.34 16.69 -19.70
N SER A 422 32.74 17.82 -20.29
CA SER A 422 33.39 18.86 -19.52
C SER A 422 32.44 19.42 -18.46
N GLU A 423 31.18 19.60 -18.82
CA GLU A 423 30.18 20.06 -17.85
C GLU A 423 30.10 19.11 -16.67
N PHE A 424 30.03 17.80 -16.95
CA PHE A 424 29.94 16.83 -15.87
C PHE A 424 31.20 16.85 -15.00
N ASN A 425 32.37 16.92 -15.63
CA ASN A 425 33.61 16.96 -14.87
C ASN A 425 33.64 18.17 -13.95
N LYS A 426 33.24 19.33 -14.45
CA LYS A 426 33.19 20.53 -13.62
C LYS A 426 32.17 20.37 -12.49
N ALA A 427 31.02 19.75 -12.78
CA ALA A 427 29.99 19.57 -11.77
C ALA A 427 30.39 18.56 -10.70
N CYS A 428 31.36 17.70 -10.99
CA CYS A 428 31.80 16.69 -10.03
C CYS A 428 32.94 17.15 -9.14
N GLU A 429 33.35 18.42 -9.23
CA GLU A 429 34.54 18.89 -8.54
C GLU A 429 34.18 19.42 -7.14
N LEU A 430 35.23 19.63 -6.35
CA LEU A 430 35.10 20.19 -5.01
C LEU A 430 35.20 21.70 -5.06
N THR A 431 34.36 22.36 -4.28
CA THR A 431 34.34 23.81 -4.17
C THR A 431 34.95 24.24 -2.84
N ASP A 432 35.37 25.50 -2.78
CA ASP A 432 35.98 26.06 -1.59
C ASP A 432 34.98 26.73 -0.66
N SER A 433 33.69 26.73 -1.02
CA SER A 433 32.68 27.40 -0.22
C SER A 433 31.45 26.50 -0.08
N SER A 434 30.86 26.52 1.11
CA SER A 434 29.64 25.77 1.36
C SER A 434 28.48 26.36 0.57
N TRP A 435 27.56 25.50 0.13
CA TRP A 435 26.45 25.91 -0.71
C TRP A 435 25.08 25.62 -0.13
N VAL A 436 24.97 24.75 0.88
CA VAL A 436 23.70 24.41 1.49
C VAL A 436 23.86 24.43 3.01
N GLU A 437 22.87 24.96 3.70
CA GLU A 437 22.85 25.00 5.16
C GLU A 437 21.55 24.33 5.61
N LEU A 438 21.66 23.07 6.04
CA LEU A 438 20.48 22.31 6.43
C LEU A 438 19.90 22.82 7.74
N ASP A 439 18.62 22.54 7.94
CA ASP A 439 17.91 23.00 9.12
C ASP A 439 18.27 22.12 10.32
N GLU A 440 17.63 22.41 11.45
CA GLU A 440 17.91 21.71 12.70
C GLU A 440 16.97 20.52 12.88
N ILE A 441 17.40 19.56 13.70
CA ILE A 441 16.61 18.39 14.05
C ILE A 441 16.73 18.17 15.55
N GLY A 442 15.95 17.22 16.05
CA GLY A 442 15.92 16.96 17.48
C GLY A 442 17.24 16.45 17.99
N GLU A 443 17.46 16.63 19.28
CA GLU A 443 18.70 16.21 19.91
C GLU A 443 18.81 14.70 19.92
N ASP A 444 20.04 14.21 19.75
CA ASP A 444 20.30 12.78 19.76
C ASP A 444 20.18 12.24 21.17
N VAL A 445 19.41 11.17 21.35
CA VAL A 445 19.19 10.57 22.66
C VAL A 445 19.66 9.12 22.65
N ALA A 446 19.64 8.49 21.46
CA ALA A 446 20.04 7.09 21.36
C ALA A 446 21.44 6.97 20.77
N PRO A 447 22.20 5.93 21.13
CA PRO A 447 23.52 5.76 20.51
C PRO A 447 23.47 5.67 18.99
N ILE A 448 22.45 5.01 18.45
CA ILE A 448 22.32 4.94 17.00
C ILE A 448 22.14 6.34 16.44
N GLU A 449 21.43 7.21 17.15
CA GLU A 449 21.28 8.59 16.70
C GLU A 449 22.62 9.31 16.72
N HIS A 450 23.49 9.00 17.68
CA HIS A 450 24.81 9.62 17.70
C HIS A 450 25.65 9.15 16.51
N ILE A 451 25.61 7.86 16.21
CA ILE A 451 26.32 7.34 15.05
C ILE A 451 25.78 7.99 13.78
N ALA A 452 24.45 8.11 13.69
CA ALA A 452 23.84 8.75 12.54
C ALA A 452 24.27 10.20 12.42
N SER A 453 24.37 10.90 13.54
CA SER A 453 24.77 12.30 13.50
C SER A 453 26.22 12.45 13.05
N MET A 454 27.10 11.57 13.50
CA MET A 454 28.50 11.63 13.05
C MET A 454 28.59 11.36 11.55
N ARG A 455 27.91 10.30 11.08
CA ARG A 455 27.94 10.00 9.66
C ARG A 455 27.31 11.12 8.84
N ARG A 456 26.26 11.75 9.38
CA ARG A 456 25.61 12.86 8.71
C ARG A 456 26.52 14.07 8.63
N ASN A 457 27.29 14.34 9.69
CA ASN A 457 28.26 15.41 9.62
C ASN A 457 29.26 15.15 8.51
N TYR A 458 29.75 13.91 8.42
CA TYR A 458 30.70 13.58 7.35
C TYR A 458 30.07 13.80 5.98
N PHE A 459 28.86 13.29 5.78
CA PHE A 459 28.20 13.40 4.49
C PHE A 459 27.90 14.86 4.13
N THR A 460 27.46 15.64 5.11
CA THR A 460 27.17 17.05 4.85
C THR A 460 28.43 17.80 4.48
N ALA A 461 29.55 17.50 5.14
CA ALA A 461 30.82 18.12 4.76
C ALA A 461 31.18 17.74 3.33
N GLU A 462 30.97 16.47 2.96
CA GLU A 462 31.35 16.03 1.62
C GLU A 462 30.46 16.64 0.55
N VAL A 463 29.18 16.84 0.86
CA VAL A 463 28.21 17.26 -0.15
C VAL A 463 28.08 18.77 -0.26
N SER A 464 28.27 19.50 0.84
CA SER A 464 28.11 20.95 0.80
C SER A 464 29.18 21.63 -0.05
N HIS A 465 30.31 20.98 -0.28
CA HIS A 465 31.39 21.54 -1.08
C HIS A 465 31.44 20.97 -2.50
N CYS A 466 30.28 20.66 -3.07
CA CYS A 466 30.19 20.13 -4.42
C CYS A 466 29.50 21.14 -5.32
N ARG A 467 30.04 21.33 -6.52
CA ARG A 467 29.43 22.26 -7.47
C ARG A 467 28.00 21.86 -7.79
N ALA A 468 27.73 20.55 -7.83
CA ALA A 468 26.36 20.10 -8.08
C ALA A 468 25.40 20.67 -7.05
N THR A 469 25.86 20.85 -5.81
CA THR A 469 25.01 21.48 -4.80
C THR A 469 24.71 22.93 -5.16
N GLU A 470 25.70 23.64 -5.70
CA GLU A 470 25.44 25.00 -6.17
C GLU A 470 24.39 25.00 -7.27
N TYR A 471 24.51 24.06 -8.22
CA TYR A 471 23.49 23.98 -9.26
C TYR A 471 22.13 23.68 -8.68
N ILE A 472 22.07 22.80 -7.68
CA ILE A 472 20.80 22.48 -7.03
C ILE A 472 20.18 23.73 -6.45
N MET A 473 20.96 24.49 -5.68
CA MET A 473 20.42 25.67 -5.02
C MET A 473 19.97 26.71 -6.04
N LYS A 474 20.79 26.93 -7.07
CA LYS A 474 20.43 27.90 -8.09
C LYS A 474 19.15 27.52 -8.80
N GLY A 475 19.04 26.24 -9.21
CA GLY A 475 17.84 25.80 -9.90
C GLY A 475 16.62 25.88 -9.02
N VAL A 476 16.75 25.50 -7.75
CA VAL A 476 15.61 25.55 -6.84
C VAL A 476 15.13 26.99 -6.69
N TYR A 477 16.07 27.93 -6.47
CA TYR A 477 15.69 29.32 -6.31
C TYR A 477 15.02 29.86 -7.58
N ILE A 478 15.62 29.57 -8.73
CA ILE A 478 15.10 30.09 -9.99
C ILE A 478 13.68 29.57 -10.23
N ASN A 479 13.48 28.27 -10.05
CA ASN A 479 12.17 27.69 -10.30
C ASN A 479 11.15 28.18 -9.29
N THR A 480 11.53 28.32 -8.02
CA THR A 480 10.60 28.84 -7.03
C THR A 480 10.16 30.25 -7.38
N ALA A 481 11.13 31.12 -7.72
CA ALA A 481 10.78 32.48 -8.09
C ALA A 481 9.90 32.52 -9.33
N LEU A 482 10.25 31.72 -10.34
CA LEU A 482 9.48 31.70 -11.57
C LEU A 482 8.03 31.27 -11.31
N LEU A 483 7.85 30.19 -10.54
CA LEU A 483 6.51 29.71 -10.27
C LEU A 483 5.71 30.72 -9.46
N ASN A 484 6.33 31.30 -8.42
CA ASN A 484 5.62 32.26 -7.59
C ASN A 484 5.20 33.48 -8.41
N ALA A 485 6.11 34.00 -9.24
CA ALA A 485 5.75 35.14 -10.08
C ALA A 485 4.66 34.77 -11.08
N SER A 486 4.77 33.58 -11.68
CA SER A 486 3.79 33.17 -12.68
C SER A 486 2.40 33.09 -12.07
N CYS A 487 2.29 32.51 -10.87
CA CYS A 487 0.98 32.43 -10.24
C CYS A 487 0.49 33.80 -9.79
N ALA A 488 1.39 34.62 -9.23
CA ALA A 488 0.95 35.89 -8.63
C ALA A 488 0.63 36.92 -9.70
N ALA A 489 1.61 37.28 -10.52
CA ALA A 489 1.46 38.31 -11.55
C ALA A 489 1.60 37.63 -12.91
N MET A 490 0.46 37.23 -13.48
CA MET A 490 0.43 36.49 -14.73
C MET A 490 0.00 37.34 -15.91
N ASP A 491 0.19 38.65 -15.83
CA ASP A 491 -0.18 39.55 -16.91
C ASP A 491 0.88 40.58 -17.26
N ASP A 492 2.00 40.62 -16.53
CA ASP A 492 3.02 41.63 -16.71
C ASP A 492 4.40 40.99 -16.71
N PHE A 493 5.35 41.69 -17.32
CA PHE A 493 6.73 41.20 -17.39
C PHE A 493 7.45 41.58 -16.10
N GLN A 494 7.85 40.56 -15.34
CA GLN A 494 8.51 40.76 -14.06
C GLN A 494 10.01 40.52 -14.21
N LEU A 495 10.80 41.34 -13.52
CA LEU A 495 12.24 41.20 -13.49
C LEU A 495 12.63 40.36 -12.29
N ILE A 496 13.29 39.22 -12.54
CA ILE A 496 13.66 38.29 -11.48
C ILE A 496 15.17 38.12 -11.46
N PRO A 497 15.87 38.63 -10.46
CA PRO A 497 17.32 38.38 -10.39
C PRO A 497 17.61 36.94 -9.98
N MET A 498 18.77 36.45 -10.40
CA MET A 498 19.23 35.12 -10.04
C MET A 498 20.25 35.27 -8.92
N ILE A 499 19.89 34.84 -7.71
CA ILE A 499 20.69 35.05 -6.53
C ILE A 499 20.94 33.72 -5.83
N SER A 500 22.09 33.62 -5.18
CA SER A 500 22.42 32.45 -4.38
C SER A 500 23.26 32.88 -3.19
N LYS A 501 23.01 32.26 -2.03
CA LYS A 501 23.73 32.55 -0.81
C LYS A 501 24.68 31.42 -0.49
N CYS A 502 25.92 31.76 -0.14
CA CYS A 502 26.95 30.77 0.15
C CYS A 502 27.77 31.23 1.34
N ILE A 503 28.62 30.33 1.84
CA ILE A 503 29.54 30.61 2.94
C ILE A 503 30.93 30.19 2.50
N THR A 504 31.87 31.12 2.56
CA THR A 504 33.22 30.87 2.07
C THR A 504 34.04 30.17 3.15
N LYS A 505 35.18 29.60 2.74
CA LYS A 505 35.97 28.80 3.67
C LYS A 505 36.47 29.60 4.87
N GLU A 506 36.49 30.93 4.78
CA GLU A 506 36.80 31.75 5.95
C GLU A 506 35.59 31.99 6.84
N GLY A 507 34.42 31.46 6.47
CA GLY A 507 33.23 31.61 7.27
C GLY A 507 32.41 32.83 6.97
N ARG A 508 32.80 33.63 5.98
CA ARG A 508 32.09 34.86 5.65
C ARG A 508 30.96 34.56 4.67
N ARG A 509 29.76 35.00 5.01
CA ARG A 509 28.60 34.80 4.15
C ARG A 509 28.68 35.71 2.93
N LYS A 510 28.21 35.20 1.79
CA LYS A 510 28.23 35.94 0.54
C LYS A 510 26.91 35.75 -0.19
N THR A 511 26.44 36.82 -0.82
CA THR A 511 25.31 36.78 -1.74
C THR A 511 25.84 37.04 -3.14
N ASN A 512 25.51 36.14 -4.07
CA ASN A 512 26.04 36.17 -5.43
C ASN A 512 24.89 36.32 -6.41
N LEU A 513 25.10 37.18 -7.41
CA LEU A 513 24.14 37.40 -8.48
C LEU A 513 24.70 36.84 -9.77
N TYR A 514 23.95 35.94 -10.39
CA TYR A 514 24.36 35.32 -11.65
C TYR A 514 23.85 36.07 -12.87
N GLY A 515 22.68 36.70 -12.75
CA GLY A 515 22.10 37.38 -13.91
C GLY A 515 20.68 37.81 -13.61
N PHE A 516 19.88 37.88 -14.66
CA PHE A 516 18.49 38.32 -14.54
C PHE A 516 17.60 37.47 -15.44
N ILE A 517 16.35 37.36 -15.04
CA ILE A 517 15.33 36.63 -15.79
C ILE A 517 14.09 37.52 -15.86
N ILE A 518 13.54 37.66 -17.06
CA ILE A 518 12.31 38.42 -17.29
C ILE A 518 11.25 37.42 -17.75
N LYS A 519 10.22 37.23 -16.96
CA LYS A 519 9.15 36.31 -17.33
C LYS A 519 8.11 37.03 -18.18
N GLY A 520 7.52 36.29 -19.11
CA GLY A 520 6.44 36.80 -19.92
C GLY A 520 5.09 36.52 -19.30
N ARG A 521 4.05 36.71 -20.11
CA ARG A 521 2.71 36.36 -19.65
C ARG A 521 2.65 34.87 -19.31
N SER A 522 2.03 34.56 -18.18
CA SER A 522 2.05 33.21 -17.61
C SER A 522 0.65 32.75 -17.27
N HIS A 523 -0.27 32.87 -18.22
CA HIS A 523 -1.63 32.34 -18.05
C HIS A 523 -1.59 30.83 -18.28
N LEU A 524 -0.97 30.15 -17.33
CA LEU A 524 -0.74 28.70 -17.42
C LEU A 524 -2.00 27.97 -16.98
N ARG A 525 -2.54 27.13 -17.86
CA ARG A 525 -3.72 26.34 -17.55
C ARG A 525 -3.41 24.86 -17.47
N ASN A 526 -2.86 24.27 -18.53
CA ASN A 526 -2.43 22.89 -18.47
C ASN A 526 -1.09 22.79 -17.75
N ASP A 527 -0.81 21.61 -17.20
CA ASP A 527 0.46 21.40 -16.53
C ASP A 527 1.62 21.57 -17.50
N THR A 528 1.40 21.33 -18.79
CA THR A 528 2.43 21.47 -19.80
C THR A 528 2.39 22.83 -20.49
N ASP A 529 1.49 23.73 -20.10
CA ASP A 529 1.47 25.06 -20.67
C ASP A 529 2.80 25.75 -20.44
N VAL A 530 3.29 26.44 -21.45
CA VAL A 530 4.62 27.03 -21.45
C VAL A 530 4.52 28.51 -21.12
N VAL A 531 5.36 28.97 -20.21
CA VAL A 531 5.60 30.38 -19.96
C VAL A 531 6.99 30.71 -20.47
N ASN A 532 7.10 31.75 -21.28
CA ASN A 532 8.36 32.16 -21.87
C ASN A 532 9.04 33.19 -20.98
N PHE A 533 10.37 33.12 -20.94
CA PHE A 533 11.16 34.11 -20.23
C PHE A 533 12.45 34.34 -20.98
N VAL A 534 13.08 35.47 -20.70
CA VAL A 534 14.36 35.87 -21.28
C VAL A 534 15.37 35.86 -20.16
N SER A 535 16.43 35.09 -20.32
CA SER A 535 17.48 34.95 -19.32
C SER A 535 18.76 35.59 -19.84
N MET A 536 19.34 36.48 -19.04
CA MET A 536 20.62 37.09 -19.35
C MET A 536 21.58 36.83 -18.20
N GLU A 537 22.66 36.11 -18.48
CA GLU A 537 23.57 35.63 -17.46
C GLU A 537 24.99 36.12 -17.74
N PHE A 538 25.69 36.53 -16.69
CA PHE A 538 27.08 36.94 -16.84
C PHE A 538 27.98 35.72 -17.04
N SER A 539 29.11 35.93 -17.69
CA SER A 539 30.05 34.86 -17.92
C SER A 539 31.40 35.43 -18.35
N LEU A 540 32.44 34.62 -18.22
CA LEU A 540 33.76 34.96 -18.71
C LEU A 540 34.18 34.06 -19.88
N THR A 541 33.27 33.23 -20.37
CA THR A 541 33.60 32.29 -21.45
C THR A 541 33.36 32.95 -22.80
N ASP A 542 34.34 32.86 -23.68
CA ASP A 542 34.20 33.39 -25.03
C ASP A 542 33.36 32.42 -25.86
N PRO A 543 32.20 32.84 -26.38
CA PRO A 543 31.39 31.89 -27.17
C PRO A 543 32.05 31.44 -28.45
N ARG A 544 33.03 32.17 -28.97
CA ARG A 544 33.64 31.83 -30.25
C ARG A 544 34.47 30.57 -30.18
N LEU A 545 34.77 30.05 -28.99
CA LEU A 545 35.52 28.81 -28.88
C LEU A 545 34.67 27.60 -29.23
N GLU A 546 33.42 27.57 -28.77
CA GLU A 546 32.48 26.48 -29.07
C GLU A 546 31.16 27.08 -29.53
N PRO A 547 31.11 27.63 -30.74
CA PRO A 547 29.87 28.26 -31.20
C PRO A 547 28.69 27.31 -31.22
N HIS A 548 28.90 26.05 -31.58
CA HIS A 548 27.78 25.11 -31.68
C HIS A 548 27.09 24.93 -30.34
N LYS A 549 27.82 25.08 -29.24
CA LYS A 549 27.21 24.95 -27.92
C LYS A 549 26.22 26.06 -27.63
N TRP A 550 26.32 27.19 -28.33
CA TRP A 550 25.54 28.39 -28.04
C TRP A 550 24.66 28.76 -29.23
N GLU A 551 24.00 27.77 -29.83
CA GLU A 551 23.13 28.04 -30.97
C GLU A 551 21.94 28.90 -30.57
N LYS A 552 21.36 28.66 -29.40
CA LYS A 552 20.17 29.38 -28.96
C LYS A 552 20.49 30.69 -28.26
N TYR A 553 21.75 31.06 -28.15
CA TYR A 553 22.18 32.20 -27.35
C TYR A 553 22.64 33.35 -28.22
N CYS A 554 22.43 34.56 -27.73
CA CYS A 554 23.03 35.78 -28.27
C CYS A 554 23.96 36.35 -27.20
N VAL A 555 25.23 36.51 -27.53
CA VAL A 555 26.25 36.90 -26.57
C VAL A 555 26.67 38.33 -26.83
N LEU A 556 26.65 39.16 -25.79
CA LEU A 556 27.06 40.54 -25.84
C LEU A 556 28.32 40.75 -25.01
N GLU A 557 29.08 41.78 -25.35
CA GLU A 557 30.24 42.19 -24.57
C GLU A 557 29.83 43.39 -23.72
N ILE A 558 29.73 43.17 -22.41
CA ILE A 558 29.13 44.14 -21.51
C ILE A 558 30.16 44.78 -20.57
N GLY A 559 31.42 44.41 -20.69
CA GLY A 559 32.44 45.03 -19.86
C GLY A 559 33.71 44.21 -19.81
N ASP A 560 34.70 44.80 -19.15
CA ASP A 560 35.99 44.17 -18.91
C ASP A 560 36.23 44.12 -17.41
N MET A 561 36.80 43.01 -16.94
CA MET A 561 37.01 42.75 -15.53
C MET A 561 38.48 42.55 -15.25
N LEU A 562 38.97 43.16 -14.18
CA LEU A 562 40.36 43.05 -13.75
C LEU A 562 40.43 41.99 -12.66
N LEU A 563 40.70 40.76 -13.07
CA LEU A 563 40.75 39.65 -12.14
C LEU A 563 42.11 39.57 -11.49
N ARG A 564 42.14 39.49 -10.16
CA ARG A 564 43.38 39.40 -9.42
C ARG A 564 43.74 37.93 -9.23
N THR A 565 44.87 37.52 -9.82
CA THR A 565 45.36 36.16 -9.71
C THR A 565 46.49 36.11 -8.68
N ALA A 566 47.06 34.92 -8.52
CA ALA A 566 48.16 34.76 -7.57
C ALA A 566 49.37 35.59 -7.99
N VAL A 567 49.78 35.47 -9.26
CA VAL A 567 50.95 36.21 -9.72
C VAL A 567 50.62 37.70 -9.82
N GLY A 568 49.44 38.04 -10.33
CA GLY A 568 49.09 39.43 -10.50
C GLY A 568 47.72 39.57 -11.12
N GLN A 569 47.42 40.79 -11.56
CA GLN A 569 46.12 41.11 -12.14
C GLN A 569 46.15 40.94 -13.65
N VAL A 570 45.01 40.53 -14.21
CA VAL A 570 44.85 40.36 -15.64
C VAL A 570 43.46 40.83 -16.04
N SER A 571 43.35 41.47 -17.19
CA SER A 571 42.08 41.98 -17.69
C SER A 571 41.48 40.99 -18.67
N ARG A 572 40.22 40.62 -18.44
CA ARG A 572 39.50 39.71 -19.32
C ARG A 572 38.14 40.29 -19.66
N PRO A 573 37.64 40.07 -20.87
CA PRO A 573 36.31 40.57 -21.21
C PRO A 573 35.22 39.85 -20.43
N MET A 574 34.15 40.58 -20.15
CA MET A 574 33.00 40.05 -19.43
C MET A 574 31.82 39.97 -20.37
N PHE A 575 31.40 38.75 -20.68
CA PHE A 575 30.33 38.49 -21.65
C PHE A 575 29.00 38.31 -20.93
N LEU A 576 27.92 38.54 -21.68
CA LEU A 576 26.57 38.31 -21.22
C LEU A 576 25.86 37.42 -22.23
N TYR A 577 25.34 36.29 -21.77
CA TYR A 577 24.60 35.37 -22.60
C TYR A 577 23.11 35.64 -22.40
N VAL A 578 22.44 36.10 -23.46
CA VAL A 578 21.02 36.42 -23.42
C VAL A 578 20.29 35.46 -24.35
N ARG A 579 19.23 34.85 -23.86
CA ARG A 579 18.47 33.92 -24.67
C ARG A 579 17.02 33.90 -24.20
N THR A 580 16.17 33.30 -25.03
CA THR A 580 14.78 33.06 -24.69
C THR A 580 14.60 31.58 -24.40
N ASN A 581 13.95 31.28 -23.28
CA ASN A 581 13.66 29.92 -22.88
C ASN A 581 12.21 29.86 -22.41
N GLY A 582 11.75 28.64 -22.12
CA GLY A 582 10.40 28.45 -21.65
C GLY A 582 10.33 27.34 -20.64
N THR A 583 9.32 27.39 -19.79
CA THR A 583 9.15 26.36 -18.77
C THR A 583 7.67 26.15 -18.51
N SER A 584 7.33 24.94 -18.08
CA SER A 584 5.95 24.57 -17.78
C SER A 584 5.76 24.43 -16.28
N LYS A 585 4.50 24.32 -15.88
CA LYS A 585 4.19 24.14 -14.46
C LYS A 585 4.84 22.88 -13.91
N ILE A 586 4.74 21.77 -14.65
CA ILE A 586 5.33 20.52 -14.18
C ILE A 586 6.84 20.65 -14.10
N LYS A 587 7.47 21.25 -15.11
CA LYS A 587 8.92 21.40 -15.09
C LYS A 587 9.37 22.27 -13.93
N MET A 588 8.66 23.39 -13.70
CA MET A 588 9.01 24.24 -12.57
C MET A 588 8.85 23.49 -11.25
N LYS A 589 7.75 22.77 -11.08
CA LYS A 589 7.51 22.04 -9.84
C LYS A 589 8.61 21.02 -9.59
N TRP A 590 9.01 20.29 -10.63
CA TRP A 590 10.11 19.34 -10.46
C TRP A 590 11.46 20.04 -10.34
N GLY A 591 11.52 21.34 -10.66
CA GLY A 591 12.74 22.08 -10.44
C GLY A 591 12.89 22.59 -9.02
N MET A 592 11.77 22.76 -8.30
CA MET A 592 11.85 23.19 -6.92
C MET A 592 12.21 22.06 -5.97
N GLU A 593 12.19 20.81 -6.43
CA GLU A 593 12.48 19.65 -5.60
C GLU A 593 13.81 19.00 -5.98
N MET A 594 14.75 19.79 -6.53
CA MET A 594 16.05 19.24 -6.88
C MET A 594 16.84 18.79 -5.67
N ARG A 595 16.51 19.30 -4.48
CA ARG A 595 17.29 18.94 -3.29
C ARG A 595 17.24 17.45 -3.02
N ARG A 596 16.12 16.79 -3.32
CA ARG A 596 16.03 15.36 -3.09
C ARG A 596 17.10 14.60 -3.86
N CYS A 597 17.64 15.20 -4.92
CA CYS A 597 18.75 14.57 -5.62
C CYS A 597 19.82 14.13 -4.64
N LEU A 598 20.18 15.02 -3.71
CA LEU A 598 21.15 14.67 -2.68
C LEU A 598 20.85 13.30 -2.11
N LEU A 599 19.65 13.14 -1.55
CA LEU A 599 19.27 11.87 -0.93
C LEU A 599 19.70 10.70 -1.80
N GLN A 600 19.34 10.73 -3.08
CA GLN A 600 19.66 9.60 -3.95
C GLN A 600 21.11 9.20 -3.75
N SER A 601 22.04 10.09 -4.11
CA SER A 601 23.45 9.75 -3.99
C SER A 601 23.76 9.28 -2.58
N LEU A 602 23.34 10.07 -1.59
CA LEU A 602 23.66 9.73 -0.21
C LEU A 602 23.19 8.32 0.12
N GLN A 603 21.97 7.98 -0.26
CA GLN A 603 21.49 6.63 0.03
C GLN A 603 22.42 5.59 -0.55
N GLN A 604 22.73 5.71 -1.85
CA GLN A 604 23.61 4.75 -2.48
C GLN A 604 24.95 4.70 -1.75
N ILE A 605 25.40 5.83 -1.22
CA ILE A 605 26.65 5.85 -0.48
C ILE A 605 26.50 5.13 0.85
N GLU A 606 25.43 5.41 1.58
CA GLU A 606 25.27 4.81 2.90
C GLU A 606 25.21 3.29 2.80
N SER A 607 24.33 2.79 1.94
CA SER A 607 24.26 1.34 1.75
C SER A 607 25.62 0.78 1.36
N MET A 608 26.43 1.56 0.64
CA MET A 608 27.76 1.08 0.27
C MET A 608 28.65 0.93 1.50
N ILE A 609 28.59 1.88 2.43
CA ILE A 609 29.39 1.79 3.65
C ILE A 609 28.89 0.66 4.52
N GLU A 610 27.58 0.59 4.76
CA GLU A 610 27.05 -0.40 5.68
C GLU A 610 27.35 -1.82 5.20
N ALA A 611 27.20 -2.07 3.90
CA ALA A 611 27.53 -3.39 3.37
C ALA A 611 28.95 -3.78 3.73
N GLU A 612 29.88 -2.81 3.72
CA GLU A 612 31.24 -3.09 4.13
C GLU A 612 31.38 -3.18 5.64
N SER A 613 30.60 -2.41 6.38
CA SER A 613 30.67 -2.45 7.84
C SER A 613 30.05 -3.73 8.40
N SER A 614 29.06 -4.30 7.69
CA SER A 614 28.42 -5.51 8.18
C SER A 614 29.40 -6.67 8.31
N VAL A 615 30.45 -6.70 7.49
CA VAL A 615 31.41 -7.80 7.51
C VAL A 615 32.64 -7.48 8.34
N LYS A 616 32.69 -6.31 8.97
CA LYS A 616 33.78 -5.94 9.86
C LYS A 616 33.31 -5.60 11.26
N GLU A 617 32.01 -5.44 11.48
CA GLU A 617 31.45 -5.20 12.81
C GLU A 617 32.00 -3.90 13.42
N LYS A 618 32.13 -2.88 12.58
CA LYS A 618 32.52 -1.56 13.05
C LYS A 618 32.19 -0.55 11.96
N ASP A 619 31.73 0.63 12.37
CA ASP A 619 31.40 1.67 11.43
C ASP A 619 32.67 2.10 10.69
N LEU A 620 32.66 1.99 9.37
CA LEU A 620 33.83 2.25 8.56
C LEU A 620 33.79 3.61 7.85
N THR A 621 32.77 4.43 8.12
CA THR A 621 32.65 5.70 7.42
C THR A 621 33.89 6.56 7.61
N LYS A 622 34.32 6.75 8.86
CA LYS A 622 35.53 7.50 9.13
C LYS A 622 36.73 6.84 8.47
N GLU A 623 36.81 5.51 8.56
CA GLU A 623 37.87 4.79 7.86
C GLU A 623 37.65 4.82 6.36
N PHE A 624 36.40 4.99 5.92
CA PHE A 624 36.11 5.01 4.49
C PHE A 624 36.68 6.26 3.83
N PHE A 625 36.40 7.44 4.39
CA PHE A 625 36.88 8.68 3.76
C PHE A 625 37.50 9.61 4.79
N GLU A 626 38.42 9.07 5.60
CA GLU A 626 39.49 9.85 6.19
C GLU A 626 40.85 9.31 5.86
N ASN A 627 40.97 8.03 5.53
CA ASN A 627 42.20 7.46 4.99
C ASN A 627 42.13 7.17 3.49
N LYS A 628 40.93 7.12 2.93
CA LYS A 628 40.75 6.87 1.49
C LYS A 628 41.39 5.55 1.07
N SER A 629 41.34 4.57 1.97
CA SER A 629 41.90 3.27 1.67
C SER A 629 41.14 2.58 0.54
N GLU A 630 39.81 2.68 0.57
CA GLU A 630 38.97 2.01 -0.41
C GLU A 630 38.59 2.97 -1.53
N THR A 631 38.77 2.52 -2.77
CA THR A 631 38.48 3.32 -3.94
C THR A 631 37.67 2.49 -4.93
N TRP A 632 36.78 3.15 -5.66
CA TRP A 632 35.96 2.50 -6.67
C TRP A 632 36.27 3.10 -8.04
N PRO A 633 36.14 2.31 -9.11
CA PRO A 633 36.40 2.86 -10.46
C PRO A 633 35.28 3.82 -10.86
N ILE A 634 35.63 5.09 -11.02
CA ILE A 634 34.64 6.14 -11.24
C ILE A 634 34.99 7.05 -12.41
N GLY A 635 36.10 6.80 -13.11
CA GLY A 635 36.50 7.68 -14.18
C GLY A 635 37.31 6.96 -15.24
N GLU A 636 37.67 7.72 -16.27
CA GLU A 636 38.47 7.23 -17.39
C GLU A 636 39.59 8.21 -17.66
N SER A 637 40.77 7.69 -17.98
CA SER A 637 41.94 8.48 -18.31
C SER A 637 42.68 7.79 -19.44
N PRO A 638 43.58 8.49 -20.13
CA PRO A 638 44.32 7.85 -21.23
C PRO A 638 45.12 6.64 -20.78
N LYS A 639 45.64 6.65 -19.55
CA LYS A 639 46.38 5.50 -19.07
C LYS A 639 45.45 4.31 -18.81
N GLY A 640 44.29 4.57 -18.23
CA GLY A 640 43.35 3.50 -17.95
C GLY A 640 42.26 3.98 -17.01
N VAL A 641 41.52 3.02 -16.45
CA VAL A 641 40.43 3.34 -15.55
C VAL A 641 40.97 4.05 -14.32
N GLU A 642 40.19 5.02 -13.82
CA GLU A 642 40.59 5.83 -12.68
C GLU A 642 39.68 5.53 -11.50
N GLU A 643 40.26 5.45 -10.32
CA GLU A 643 39.56 5.11 -9.10
C GLU A 643 39.50 6.31 -8.16
N GLY A 644 38.37 6.47 -7.48
CA GLY A 644 38.18 7.57 -6.57
C GLY A 644 37.69 7.08 -5.22
N SER A 645 37.87 7.94 -4.22
CA SER A 645 37.43 7.63 -2.88
C SER A 645 35.90 7.66 -2.81
N ILE A 646 35.36 7.21 -1.67
CA ILE A 646 33.91 7.19 -1.52
C ILE A 646 33.35 8.60 -1.57
N GLY A 647 34.12 9.60 -1.15
CA GLY A 647 33.67 10.97 -1.31
C GLY A 647 33.54 11.37 -2.76
N LYS A 648 34.51 11.00 -3.59
CA LYS A 648 34.41 11.27 -5.01
C LYS A 648 33.22 10.54 -5.62
N VAL A 649 32.97 9.32 -5.18
CA VAL A 649 31.81 8.57 -5.67
C VAL A 649 30.51 9.27 -5.28
N CYS A 650 30.44 9.75 -4.04
CA CYS A 650 29.25 10.48 -3.60
C CYS A 650 29.03 11.72 -4.45
N ARG A 651 30.09 12.48 -4.70
CA ARG A 651 29.97 13.68 -5.52
C ARG A 651 29.55 13.33 -6.94
N THR A 652 30.11 12.25 -7.50
CA THR A 652 29.75 11.84 -8.85
C THR A 652 28.28 11.45 -8.93
N LEU A 653 27.79 10.67 -7.97
CA LEU A 653 26.39 10.28 -7.99
C LEU A 653 25.48 11.49 -7.82
N LEU A 654 25.89 12.44 -6.97
CA LEU A 654 25.12 13.66 -6.81
C LEU A 654 25.05 14.45 -8.12
N ALA A 655 26.18 14.56 -8.82
CA ALA A 655 26.19 15.25 -10.11
C ALA A 655 25.31 14.52 -11.12
N LYS A 656 25.36 13.19 -11.13
CA LYS A 656 24.52 12.44 -12.06
C LYS A 656 23.04 12.70 -11.79
N SER A 657 22.64 12.67 -10.51
CA SER A 657 21.25 12.95 -10.18
C SER A 657 20.86 14.36 -10.57
N VAL A 658 21.76 15.33 -10.33
CA VAL A 658 21.45 16.71 -10.67
C VAL A 658 21.25 16.86 -12.17
N PHE A 659 22.13 16.25 -12.96
CA PHE A 659 21.99 16.35 -14.41
C PHE A 659 20.74 15.63 -14.90
N ASN A 660 20.38 14.52 -14.27
CA ASN A 660 19.11 13.88 -14.59
C ASN A 660 17.95 14.84 -14.35
N SER A 661 18.00 15.59 -13.24
CA SER A 661 16.94 16.56 -12.96
C SER A 661 16.94 17.68 -13.99
N LEU A 662 18.12 18.16 -14.39
CA LEU A 662 18.23 19.34 -15.24
C LEU A 662 18.05 19.02 -16.73
N TYR A 663 18.14 17.75 -17.11
CA TYR A 663 18.02 17.34 -18.51
C TYR A 663 16.92 16.29 -18.67
N ALA A 664 15.85 16.44 -17.89
CA ALA A 664 14.75 15.48 -17.98
C ALA A 664 14.13 15.51 -19.36
N SER A 665 13.75 14.34 -19.85
CA SER A 665 13.10 14.21 -21.15
C SER A 665 12.69 12.76 -21.32
N PRO A 666 11.69 12.49 -22.18
CA PRO A 666 11.31 11.10 -22.42
C PRO A 666 12.44 10.26 -22.95
N GLN A 667 13.38 10.85 -23.69
CA GLN A 667 14.51 10.09 -24.21
C GLN A 667 15.32 9.49 -23.08
N LEU A 668 15.59 10.27 -22.02
CA LEU A 668 16.36 9.75 -20.89
C LEU A 668 15.61 8.61 -20.21
N GLU A 669 14.30 8.79 -19.99
CA GLU A 669 13.52 7.75 -19.35
C GLU A 669 13.59 6.45 -20.15
N GLY A 670 13.31 6.54 -21.45
CA GLY A 670 13.34 5.34 -22.28
C GLY A 670 14.70 4.70 -22.31
N PHE A 671 15.76 5.50 -22.47
CA PHE A 671 17.10 4.93 -22.55
C PHE A 671 17.47 4.23 -21.26
N SER A 672 17.17 4.85 -20.11
CA SER A 672 17.50 4.21 -18.84
C SER A 672 16.73 2.91 -18.67
N ALA A 673 15.42 2.94 -18.96
CA ALA A 673 14.62 1.73 -18.78
C ALA A 673 15.10 0.60 -19.68
N GLU A 674 15.46 0.92 -20.93
CA GLU A 674 15.88 -0.13 -21.86
C GLU A 674 17.29 -0.61 -21.58
N SER A 675 18.20 0.28 -21.18
CA SER A 675 19.57 -0.11 -20.92
C SER A 675 19.73 -0.82 -19.58
N ARG A 676 18.75 -0.69 -18.68
CA ARG A 676 18.80 -1.47 -17.45
C ARG A 676 18.86 -2.96 -17.75
N LYS A 677 18.09 -3.42 -18.73
CA LYS A 677 18.09 -4.84 -19.08
C LYS A 677 19.45 -5.28 -19.60
N LEU A 678 20.07 -4.47 -20.45
CA LEU A 678 21.39 -4.83 -20.96
C LEU A 678 22.42 -4.84 -19.84
N LEU A 679 22.32 -3.89 -18.91
CA LEU A 679 23.22 -3.89 -17.76
C LEU A 679 23.04 -5.16 -16.94
N LEU A 680 21.80 -5.59 -16.73
CA LEU A 680 21.55 -6.80 -15.97
C LEU A 680 22.10 -8.03 -16.71
N ILE A 681 21.94 -8.08 -18.02
CA ILE A 681 22.47 -9.20 -18.79
C ILE A 681 23.99 -9.24 -18.69
N VAL A 682 24.64 -8.08 -18.79
CA VAL A 682 26.10 -8.04 -18.68
C VAL A 682 26.52 -8.48 -17.28
N GLN A 683 25.79 -8.03 -16.25
CA GLN A 683 26.12 -8.45 -14.89
C GLN A 683 25.99 -9.97 -14.74
N ALA A 684 24.93 -10.55 -15.30
CA ALA A 684 24.76 -11.99 -15.25
C ALA A 684 25.91 -12.69 -15.96
N LEU A 685 26.36 -12.14 -17.09
CA LEU A 685 27.51 -12.72 -17.77
C LEU A 685 28.75 -12.65 -16.88
N ARG A 686 28.94 -11.54 -16.18
CA ARG A 686 30.10 -11.40 -15.31
C ARG A 686 30.07 -12.40 -14.17
N ASP A 687 28.88 -12.75 -13.67
CA ASP A 687 28.73 -13.80 -12.68
C ASP A 687 28.65 -15.18 -13.31
N ASN A 688 29.06 -15.32 -14.56
CA ASN A 688 29.05 -16.58 -15.31
C ASN A 688 27.81 -17.42 -14.98
N LEU A 689 26.66 -16.77 -15.07
CA LEU A 689 25.37 -17.43 -14.85
C LEU A 689 24.73 -17.89 -16.16
N GLU A 690 25.53 -18.14 -17.19
CA GLU A 690 25.05 -18.60 -18.48
C GLU A 690 23.85 -17.77 -18.96
N PRO A 691 24.04 -16.48 -19.18
CA PRO A 691 22.93 -15.65 -19.63
C PRO A 691 22.50 -16.00 -21.04
N GLY A 692 21.23 -15.78 -21.33
CA GLY A 692 20.69 -16.06 -22.65
C GLY A 692 19.64 -15.05 -23.02
N THR A 693 19.60 -14.74 -24.32
CA THR A 693 18.68 -13.76 -24.87
C THR A 693 17.87 -14.39 -25.99
N PHE A 694 16.60 -13.97 -26.09
CA PHE A 694 15.74 -14.46 -27.15
C PHE A 694 15.80 -13.58 -28.39
N ASP A 695 15.91 -12.27 -28.22
CA ASP A 695 16.10 -11.34 -29.35
C ASP A 695 16.94 -10.17 -28.84
N LEU A 696 18.25 -10.28 -29.02
CA LEU A 696 19.15 -9.21 -28.56
C LEU A 696 19.08 -8.00 -29.48
N GLU A 697 18.96 -8.23 -30.79
CA GLU A 697 18.89 -7.13 -31.73
C GLU A 697 17.67 -6.25 -31.47
N GLY A 698 16.55 -6.86 -31.08
CA GLY A 698 15.39 -6.06 -30.73
C GLY A 698 15.64 -5.16 -29.54
N LEU A 699 16.30 -5.69 -28.52
CA LEU A 699 16.64 -4.86 -27.36
C LEU A 699 17.58 -3.73 -27.76
N TYR A 700 18.55 -4.02 -28.61
CA TYR A 700 19.46 -2.97 -29.06
C TYR A 700 18.72 -1.90 -29.85
N GLU A 701 17.78 -2.31 -30.70
CA GLU A 701 16.98 -1.34 -31.45
C GLU A 701 16.15 -0.47 -30.51
N ALA A 702 15.55 -1.09 -29.49
CA ALA A 702 14.75 -0.34 -28.54
C ALA A 702 15.61 0.66 -27.78
N ILE A 703 16.82 0.26 -27.39
CA ILE A 703 17.73 1.18 -26.71
C ILE A 703 18.11 2.33 -27.62
N GLU A 704 18.43 2.02 -28.88
CA GLU A 704 18.96 3.03 -29.79
C GLU A 704 17.89 4.02 -30.22
N GLU A 705 16.63 3.58 -30.31
CA GLU A 705 15.59 4.47 -30.78
C GLU A 705 15.37 5.66 -29.84
N CYS A 706 15.87 5.58 -28.61
CA CYS A 706 15.68 6.65 -27.64
C CYS A 706 16.79 7.69 -27.69
N LEU A 707 17.87 7.45 -28.43
CA LEU A 707 18.97 8.41 -28.56
C LEU A 707 18.71 9.23 -29.82
N ILE A 708 18.26 10.47 -29.65
CA ILE A 708 17.92 11.30 -30.80
C ILE A 708 18.74 12.58 -30.80
N ASN A 709 18.49 13.46 -29.82
CA ASN A 709 19.17 14.76 -29.80
C ASN A 709 19.52 15.28 -28.42
N ASP A 710 19.27 14.54 -27.36
CA ASP A 710 19.53 15.05 -26.02
C ASP A 710 21.01 14.85 -25.67
N PRO A 711 21.75 15.92 -25.36
CA PRO A 711 23.16 15.72 -24.99
C PRO A 711 23.36 14.79 -23.81
N TRP A 712 22.46 14.87 -22.82
CA TRP A 712 22.63 14.08 -21.60
C TRP A 712 22.49 12.59 -21.89
N VAL A 713 21.46 12.20 -22.64
CA VAL A 713 21.28 10.78 -22.95
C VAL A 713 22.39 10.29 -23.88
N LEU A 714 22.87 11.14 -24.79
CA LEU A 714 23.97 10.74 -25.64
C LEU A 714 25.23 10.50 -24.81
N LEU A 715 25.50 11.37 -23.83
CA LEU A 715 26.63 11.14 -22.94
C LEU A 715 26.44 9.86 -22.14
N ASN A 716 25.22 9.59 -21.69
CA ASN A 716 24.96 8.35 -20.97
C ASN A 716 25.23 7.14 -21.85
N ALA A 717 24.84 7.21 -23.12
CA ALA A 717 25.10 6.10 -24.03
C ALA A 717 26.60 5.93 -24.27
N SER A 718 27.33 7.02 -24.39
CA SER A 718 28.78 6.93 -24.52
C SER A 718 29.41 6.29 -23.29
N TRP A 719 28.92 6.66 -22.10
CA TRP A 719 29.39 6.04 -20.87
C TRP A 719 29.10 4.54 -20.88
N PHE A 720 27.91 4.16 -21.33
CA PHE A 720 27.57 2.74 -21.41
C PHE A 720 28.49 2.01 -22.36
N ASN A 721 28.82 2.63 -23.49
CA ASN A 721 29.77 2.01 -24.41
C ASN A 721 31.13 1.81 -23.75
N SER A 722 31.59 2.82 -23.02
CA SER A 722 32.87 2.68 -22.31
C SER A 722 32.81 1.55 -21.28
N PHE A 723 31.70 1.47 -20.54
CA PHE A 723 31.55 0.41 -19.55
C PHE A 723 31.56 -0.96 -20.21
N LEU A 724 30.86 -1.09 -21.34
CA LEU A 724 30.88 -2.36 -22.07
C LEU A 724 32.30 -2.70 -22.50
N THR A 725 33.05 -1.71 -22.98
CA THR A 725 34.43 -1.96 -23.38
C THR A 725 35.25 -2.45 -22.19
N HIS A 726 35.08 -1.84 -21.02
CA HIS A 726 35.85 -2.21 -19.85
C HIS A 726 35.25 -3.35 -19.05
N ALA A 727 33.98 -3.67 -19.25
CA ALA A 727 33.32 -4.71 -18.48
C ALA A 727 33.47 -6.09 -19.08
N LEU A 728 34.13 -6.23 -20.23
CA LEU A 728 34.27 -7.51 -20.90
C LEU A 728 35.70 -7.87 -21.26
N ARG A 729 36.67 -7.00 -20.96
CA ARG A 729 38.07 -7.30 -21.28
C ARG A 729 38.69 -8.18 -20.19
N MET B 1 41.10 13.19 -16.46
CA MET B 1 40.06 12.43 -15.72
C MET B 1 38.67 12.76 -16.25
N ASP B 2 38.03 11.79 -16.89
CA ASP B 2 36.66 11.92 -17.39
C ASP B 2 35.77 11.05 -16.51
N VAL B 3 34.97 11.69 -15.67
CA VAL B 3 34.14 10.94 -14.73
C VAL B 3 33.10 10.13 -15.49
N ASN B 4 32.86 8.91 -15.01
CA ASN B 4 31.96 7.97 -15.68
C ASN B 4 31.28 7.13 -14.61
N PRO B 5 30.13 7.56 -14.10
CA PRO B 5 29.48 6.80 -13.03
C PRO B 5 29.14 5.37 -13.42
N THR B 6 28.92 5.11 -14.71
CA THR B 6 28.64 3.75 -15.13
C THR B 6 29.77 2.80 -14.75
N LEU B 7 31.01 3.28 -14.79
CA LEU B 7 32.15 2.44 -14.44
C LEU B 7 32.06 1.95 -13.00
N LEU B 8 31.23 2.58 -12.17
CA LEU B 8 31.05 2.10 -10.80
C LEU B 8 30.55 0.66 -10.79
N PHE B 9 29.89 0.22 -11.86
CA PHE B 9 29.40 -1.15 -11.91
C PHE B 9 30.52 -2.17 -12.06
N LEU B 10 31.74 -1.74 -12.39
CA LEU B 10 32.85 -2.69 -12.51
C LEU B 10 33.17 -3.32 -11.17
N LYS B 11 32.95 -2.61 -10.07
CA LYS B 11 33.18 -3.13 -8.73
C LYS B 11 31.88 -3.47 -8.01
N VAL B 12 30.96 -2.53 -7.93
CA VAL B 12 29.67 -2.80 -7.27
C VAL B 12 28.77 -3.53 -8.25
N PRO B 13 28.23 -4.70 -7.88
CA PRO B 13 27.29 -5.38 -8.77
C PRO B 13 26.09 -4.51 -9.09
N VAL B 14 25.56 -4.67 -10.31
CA VAL B 14 24.51 -3.79 -10.80
C VAL B 14 23.31 -3.79 -9.85
N GLN B 15 22.94 -4.97 -9.35
CA GLN B 15 21.77 -5.04 -8.48
C GLN B 15 21.98 -4.23 -7.20
N ASN B 16 23.22 -4.16 -6.72
CA ASN B 16 23.53 -3.39 -5.52
C ASN B 16 23.58 -1.89 -5.77
N ALA B 17 23.77 -1.47 -7.02
CA ALA B 17 23.77 -0.06 -7.39
C ALA B 17 22.69 0.23 -8.43
N ILE B 18 21.58 -0.51 -8.36
CA ILE B 18 20.52 -0.34 -9.35
C ILE B 18 19.87 1.02 -9.23
N SER B 19 19.88 1.61 -8.03
CA SER B 19 19.26 2.92 -7.85
C SER B 19 19.91 3.97 -8.75
N THR B 20 21.18 3.76 -9.12
CA THR B 20 21.87 4.70 -10.00
C THR B 20 21.27 4.72 -11.40
N THR B 21 20.48 3.71 -11.76
CA THR B 21 19.91 3.59 -13.09
C THR B 21 18.46 4.06 -13.15
N PHE B 22 17.97 4.72 -12.10
CA PHE B 22 16.59 5.22 -12.06
C PHE B 22 16.61 6.74 -12.04
N PRO B 23 16.44 7.41 -13.18
CA PRO B 23 16.43 8.89 -13.18
C PRO B 23 15.07 9.47 -12.81
N TYR B 24 14.68 9.28 -11.55
CA TYR B 24 13.37 9.69 -11.07
C TYR B 24 13.38 11.03 -10.36
N THR B 25 14.51 11.74 -10.38
CA THR B 25 14.57 13.10 -9.85
C THR B 25 14.09 14.15 -10.85
N GLY B 26 13.96 13.77 -12.13
CA GLY B 26 13.45 14.68 -13.14
C GLY B 26 11.96 14.46 -13.40
N ASP B 27 11.35 15.45 -14.03
CA ASP B 27 9.92 15.40 -14.29
C ASP B 27 9.63 14.28 -15.29
N PRO B 28 8.51 13.59 -15.14
CA PRO B 28 8.18 12.50 -16.06
C PRO B 28 7.56 13.03 -17.34
N PRO B 29 7.66 12.29 -18.45
CA PRO B 29 7.08 12.75 -19.71
C PRO B 29 5.57 12.90 -19.61
N TYR B 30 5.05 13.88 -20.34
CA TYR B 30 3.62 14.21 -20.30
C TYR B 30 3.07 14.26 -21.72
N SER B 31 1.76 14.13 -21.82
CA SER B 31 1.05 14.26 -23.08
C SER B 31 0.52 15.67 -23.22
N HIS B 32 0.81 16.31 -24.36
CA HIS B 32 0.51 17.72 -24.55
C HIS B 32 -0.86 17.94 -25.20
N GLY B 33 -1.15 17.24 -26.29
CA GLY B 33 -2.37 17.48 -27.03
C GLY B 33 -3.40 16.38 -26.95
N THR B 34 -3.86 15.92 -28.10
CA THR B 34 -4.93 14.95 -28.18
C THR B 34 -4.39 13.53 -28.16
N GLY B 35 -5.20 12.61 -27.63
CA GLY B 35 -4.90 11.20 -27.65
C GLY B 35 -5.55 10.45 -28.78
N THR B 36 -6.13 11.14 -29.77
CA THR B 36 -6.81 10.46 -30.87
C THR B 36 -5.85 9.59 -31.66
N GLY B 37 -4.64 10.10 -31.93
CA GLY B 37 -3.69 9.34 -32.71
C GLY B 37 -3.32 8.03 -32.03
N TYR B 38 -3.06 8.08 -30.71
CA TYR B 38 -2.71 6.88 -29.98
C TYR B 38 -3.85 5.88 -29.98
N THR B 39 -5.08 6.37 -29.76
CA THR B 39 -6.23 5.46 -29.75
C THR B 39 -6.43 4.81 -31.11
N MET B 40 -6.32 5.59 -32.18
CA MET B 40 -6.49 5.03 -33.52
C MET B 40 -5.40 4.01 -33.82
N ASP B 41 -4.16 4.30 -33.43
CA ASP B 41 -3.07 3.35 -33.63
C ASP B 41 -3.31 2.08 -32.83
N THR B 42 -3.80 2.21 -31.60
CA THR B 42 -4.08 1.03 -30.78
C THR B 42 -5.17 0.18 -31.42
N VAL B 43 -6.22 0.82 -31.94
CA VAL B 43 -7.30 0.06 -32.60
C VAL B 43 -6.75 -0.66 -33.82
N ASN B 44 -5.94 0.02 -34.62
CA ASN B 44 -5.36 -0.60 -35.80
C ASN B 44 -4.50 -1.79 -35.42
N ARG B 45 -3.66 -1.64 -34.38
CA ARG B 45 -2.83 -2.75 -33.94
C ARG B 45 -3.67 -3.92 -33.44
N THR B 46 -4.72 -3.62 -32.66
CA THR B 46 -5.57 -4.69 -32.14
C THR B 46 -6.21 -5.47 -33.28
N HIS B 47 -6.70 -4.77 -34.31
CA HIS B 47 -7.30 -5.45 -35.44
C HIS B 47 -6.27 -6.06 -36.38
N LYS B 48 -4.99 -5.70 -36.25
CA LYS B 48 -3.95 -6.29 -37.09
C LYS B 48 -3.40 -7.58 -36.51
N TYR B 49 -3.24 -7.65 -35.18
CA TYR B 49 -2.73 -8.85 -34.55
C TYR B 49 -3.70 -10.02 -34.63
N SER B 50 -4.95 -9.77 -35.03
CA SER B 50 -5.94 -10.82 -35.15
C SER B 50 -6.72 -10.70 -36.45
N GLU B 51 -6.06 -10.27 -37.53
CA GLU B 51 -6.74 -10.02 -38.78
C GLU B 51 -7.21 -11.30 -39.46
N LYS B 52 -6.63 -12.45 -39.12
CA LYS B 52 -7.04 -13.72 -39.71
C LYS B 52 -8.18 -14.34 -38.90
N GLY B 53 -9.24 -13.58 -38.68
CA GLY B 53 -10.38 -14.05 -37.93
C GLY B 53 -11.66 -13.99 -38.75
N LYS B 54 -12.80 -14.14 -38.09
CA LYS B 54 -14.10 -14.09 -38.74
C LYS B 54 -14.69 -12.71 -38.59
N TRP B 55 -15.07 -12.10 -39.71
CA TRP B 55 -15.70 -10.79 -39.70
C TRP B 55 -17.21 -10.95 -39.68
N THR B 56 -17.86 -10.27 -38.74
CA THR B 56 -19.31 -10.34 -38.63
C THR B 56 -19.85 -8.92 -38.45
N THR B 57 -21.14 -8.76 -38.66
CA THR B 57 -21.83 -7.49 -38.47
C THR B 57 -22.84 -7.64 -37.35
N ASN B 58 -22.63 -6.91 -36.25
CA ASN B 58 -23.53 -7.00 -35.12
C ASN B 58 -24.93 -6.61 -35.53
N THR B 59 -25.91 -7.44 -35.16
CA THR B 59 -27.30 -7.18 -35.51
C THR B 59 -27.95 -6.13 -34.62
N GLU B 60 -27.35 -5.81 -33.48
CA GLU B 60 -27.92 -4.84 -32.54
C GLU B 60 -27.30 -3.47 -32.68
N THR B 61 -25.97 -3.39 -32.77
CA THR B 61 -25.27 -2.12 -32.97
C THR B 61 -24.94 -1.85 -34.43
N GLY B 62 -25.00 -2.86 -35.29
CA GLY B 62 -24.69 -2.64 -36.70
C GLY B 62 -23.25 -2.21 -36.93
N ALA B 63 -22.31 -2.81 -36.23
CA ALA B 63 -20.91 -2.47 -36.37
C ALA B 63 -20.09 -3.72 -36.65
N PRO B 64 -19.02 -3.61 -37.44
CA PRO B 64 -18.20 -4.80 -37.72
C PRO B 64 -17.49 -5.28 -36.46
N GLN B 65 -17.36 -6.60 -36.35
CA GLN B 65 -16.68 -7.24 -35.23
C GLN B 65 -15.80 -8.36 -35.74
N LEU B 66 -14.64 -8.51 -35.12
CA LEU B 66 -13.64 -9.49 -35.51
C LEU B 66 -13.56 -10.58 -34.44
N ASN B 67 -13.64 -11.83 -34.87
CA ASN B 67 -13.62 -12.99 -33.97
C ASN B 67 -12.43 -13.86 -34.31
N PRO B 68 -11.29 -13.72 -33.62
CA PRO B 68 -10.14 -14.57 -33.89
C PRO B 68 -10.08 -15.86 -33.08
N ILE B 69 -11.08 -16.11 -32.23
CA ILE B 69 -11.07 -17.33 -31.42
C ILE B 69 -11.12 -18.54 -32.33
N ASP B 70 -10.35 -19.57 -31.98
CA ASP B 70 -10.26 -20.78 -32.78
C ASP B 70 -9.75 -20.49 -34.19
N GLY B 71 -9.05 -19.38 -34.35
CA GLY B 71 -8.47 -19.04 -35.63
C GLY B 71 -7.26 -19.88 -35.93
N PRO B 72 -6.65 -19.63 -37.09
CA PRO B 72 -5.48 -20.42 -37.49
C PRO B 72 -4.37 -20.30 -36.46
N LEU B 73 -3.65 -21.39 -36.25
CA LEU B 73 -2.55 -21.37 -35.31
C LEU B 73 -1.45 -20.45 -35.82
N PRO B 74 -0.76 -19.73 -34.93
CA PRO B 74 0.32 -18.85 -35.38
C PRO B 74 1.41 -19.62 -36.11
N GLU B 75 1.97 -19.00 -37.14
CA GLU B 75 3.08 -19.57 -37.90
C GLU B 75 4.36 -18.79 -37.71
N ASP B 76 4.32 -17.66 -36.99
CA ASP B 76 5.51 -16.86 -36.71
C ASP B 76 5.43 -16.33 -35.29
N ASN B 77 6.53 -15.76 -34.83
CA ASN B 77 6.64 -15.28 -33.46
C ASN B 77 5.97 -13.94 -33.23
N GLU B 78 5.34 -13.37 -34.25
CA GLU B 78 4.66 -12.10 -34.07
C GLU B 78 3.44 -12.26 -33.17
N PRO B 79 2.99 -11.17 -32.54
CA PRO B 79 1.85 -11.29 -31.63
C PRO B 79 0.62 -11.83 -32.33
N SER B 80 -0.15 -12.64 -31.61
CA SER B 80 -1.34 -13.28 -32.13
C SER B 80 -2.47 -13.16 -31.12
N GLY B 81 -3.70 -13.09 -31.64
CA GLY B 81 -4.87 -13.06 -30.79
C GLY B 81 -5.74 -14.30 -30.95
N TYR B 82 -5.19 -15.33 -31.58
CA TYR B 82 -5.95 -16.55 -31.89
C TYR B 82 -5.83 -17.51 -30.71
N ALA B 83 -6.68 -17.29 -29.72
CA ALA B 83 -6.74 -18.16 -28.56
C ALA B 83 -7.71 -19.31 -28.81
N GLN B 84 -7.27 -20.52 -28.48
CA GLN B 84 -8.05 -21.72 -28.70
C GLN B 84 -8.94 -21.99 -27.50
N THR B 85 -10.25 -22.13 -27.76
CA THR B 85 -11.19 -22.37 -26.67
C THR B 85 -10.87 -23.66 -25.94
N ASP B 86 -10.58 -24.72 -26.69
CA ASP B 86 -10.31 -26.01 -26.07
C ASP B 86 -9.08 -25.95 -25.18
N CYS B 87 -8.02 -25.27 -25.63
CA CYS B 87 -6.80 -25.19 -24.84
C CYS B 87 -7.05 -24.44 -23.53
N VAL B 88 -7.78 -23.33 -23.58
CA VAL B 88 -8.04 -22.56 -22.37
C VAL B 88 -8.93 -23.36 -21.42
N LEU B 89 -9.92 -24.07 -21.95
CA LEU B 89 -10.76 -24.90 -21.11
C LEU B 89 -9.96 -26.01 -20.46
N GLU B 90 -9.03 -26.60 -21.20
CA GLU B 90 -8.16 -27.63 -20.64
C GLU B 90 -7.28 -27.06 -19.53
N ALA B 91 -6.74 -25.86 -19.74
CA ALA B 91 -5.93 -25.22 -18.71
C ALA B 91 -6.75 -24.97 -17.45
N MET B 92 -7.98 -24.47 -17.62
CA MET B 92 -8.84 -24.24 -16.45
C MET B 92 -9.16 -25.55 -15.74
N ALA B 93 -9.45 -26.61 -16.49
CA ALA B 93 -9.74 -27.90 -15.88
C ALA B 93 -8.55 -28.43 -15.10
N PHE B 94 -7.35 -28.32 -15.67
CA PHE B 94 -6.16 -28.79 -14.96
C PHE B 94 -5.88 -27.94 -13.73
N LEU B 95 -6.13 -26.63 -13.80
CA LEU B 95 -6.00 -25.79 -12.61
C LEU B 95 -6.96 -26.24 -11.53
N GLU B 96 -8.21 -26.54 -11.90
CA GLU B 96 -9.17 -27.03 -10.93
C GLU B 96 -8.71 -28.35 -10.33
N GLU B 97 -8.14 -29.23 -11.15
CA GLU B 97 -7.64 -30.49 -10.65
C GLU B 97 -6.51 -30.29 -9.65
N SER B 98 -5.58 -29.38 -9.95
CA SER B 98 -4.44 -29.16 -9.07
C SER B 98 -4.86 -28.55 -7.74
N HIS B 99 -5.95 -27.78 -7.73
CA HIS B 99 -6.45 -27.13 -6.51
C HIS B 99 -7.94 -27.46 -6.40
N PRO B 100 -8.27 -28.69 -6.02
CA PRO B 100 -9.68 -29.10 -6.02
C PRO B 100 -10.52 -28.20 -5.14
N GLY B 101 -11.72 -27.88 -5.63
CA GLY B 101 -12.65 -27.05 -4.88
C GLY B 101 -12.37 -25.57 -4.93
N ILE B 102 -11.34 -25.13 -5.64
CA ILE B 102 -11.03 -23.71 -5.69
C ILE B 102 -12.16 -22.94 -6.35
N PHE B 103 -12.62 -23.41 -7.52
CA PHE B 103 -13.69 -22.72 -8.21
C PHE B 103 -14.98 -22.76 -7.41
N GLU B 104 -15.28 -23.90 -6.78
CA GLU B 104 -16.52 -24.02 -6.02
C GLU B 104 -16.54 -23.05 -4.84
N ASN B 105 -15.47 -23.03 -4.04
CA ASN B 105 -15.43 -22.15 -2.88
C ASN B 105 -15.41 -20.69 -3.31
N SER B 106 -14.64 -20.36 -4.35
CA SER B 106 -14.61 -18.99 -4.83
C SER B 106 -15.99 -18.55 -5.30
N CYS B 107 -16.69 -19.43 -6.02
CA CYS B 107 -18.04 -19.11 -6.47
C CYS B 107 -18.98 -18.92 -5.30
N LEU B 108 -18.87 -19.76 -4.28
CA LEU B 108 -19.74 -19.61 -3.10
C LEU B 108 -19.51 -18.26 -2.43
N GLU B 109 -18.24 -17.88 -2.26
CA GLU B 109 -17.94 -16.57 -1.68
C GLU B 109 -18.50 -15.45 -2.55
N THR B 110 -18.38 -15.58 -3.86
CA THR B 110 -18.88 -14.53 -4.75
C THR B 110 -20.40 -14.44 -4.69
N MET B 111 -21.10 -15.56 -4.62
CA MET B 111 -22.55 -15.51 -4.45
C MET B 111 -22.92 -14.83 -3.14
N GLU B 112 -22.17 -15.11 -2.07
CA GLU B 112 -22.44 -14.42 -0.82
C GLU B 112 -22.24 -12.92 -0.99
N ILE B 113 -21.18 -12.50 -1.68
CA ILE B 113 -20.90 -11.08 -1.83
C ILE B 113 -21.96 -10.39 -2.68
N VAL B 114 -22.41 -11.08 -3.74
CA VAL B 114 -23.24 -10.42 -4.75
C VAL B 114 -24.56 -9.95 -4.14
N GLN B 115 -25.20 -10.81 -3.34
CA GLN B 115 -26.50 -10.46 -2.78
C GLN B 115 -26.41 -9.38 -1.71
N GLN B 116 -25.22 -9.10 -1.19
CA GLN B 116 -25.05 -8.13 -0.12
C GLN B 116 -24.41 -6.82 -0.57
N THR B 117 -24.10 -6.68 -1.85
CA THR B 117 -23.46 -5.46 -2.33
C THR B 117 -24.50 -4.38 -2.61
N ARG B 118 -24.22 -3.17 -2.16
CA ARG B 118 -25.08 -2.03 -2.39
C ARG B 118 -24.66 -1.30 -3.67
N VAL B 119 -25.60 -0.52 -4.21
CA VAL B 119 -25.30 0.26 -5.41
C VAL B 119 -24.27 1.33 -5.10
N ASP B 120 -24.30 1.89 -3.90
CA ASP B 120 -23.37 2.96 -3.55
C ASP B 120 -21.92 2.50 -3.62
N LYS B 121 -21.69 1.18 -3.63
CA LYS B 121 -20.33 0.68 -3.80
C LYS B 121 -19.69 1.18 -5.08
N LEU B 122 -20.49 1.53 -6.09
CA LEU B 122 -19.96 2.05 -7.34
C LEU B 122 -19.50 3.49 -7.24
N THR B 123 -19.85 4.20 -6.17
CA THR B 123 -19.39 5.57 -5.99
C THR B 123 -17.90 5.66 -5.74
N GLN B 124 -17.24 4.56 -5.42
CA GLN B 124 -15.80 4.55 -5.14
C GLN B 124 -14.98 4.27 -6.39
N GLY B 125 -15.19 5.09 -7.43
CA GLY B 125 -14.47 5.00 -8.66
C GLY B 125 -13.60 6.21 -8.91
N ARG B 126 -13.18 6.38 -10.15
CA ARG B 126 -12.35 7.52 -10.54
C ARG B 126 -12.62 7.83 -12.00
N GLN B 127 -13.23 8.99 -12.25
CA GLN B 127 -13.39 9.52 -13.61
C GLN B 127 -13.91 8.46 -14.57
N THR B 128 -15.14 8.04 -14.31
CA THR B 128 -15.83 7.12 -15.21
C THR B 128 -16.49 7.90 -16.35
N TYR B 129 -16.60 7.24 -17.50
CA TYR B 129 -17.31 7.82 -18.63
C TYR B 129 -18.79 7.96 -18.31
N ASP B 130 -19.41 9.02 -18.82
CA ASP B 130 -20.80 9.33 -18.57
C ASP B 130 -21.48 9.51 -19.93
N TRP B 131 -22.41 8.61 -20.23
CA TRP B 131 -23.12 8.66 -21.51
C TRP B 131 -24.16 9.76 -21.54
N THR B 132 -24.73 10.11 -20.38
CA THR B 132 -25.74 11.16 -20.35
C THR B 132 -25.16 12.49 -20.82
N LEU B 133 -23.96 12.82 -20.36
CA LEU B 133 -23.25 14.00 -20.84
C LEU B 133 -22.21 13.68 -21.90
N ASN B 134 -21.88 12.40 -22.09
CA ASN B 134 -20.89 11.99 -23.08
C ASN B 134 -19.51 12.54 -22.73
N ARG B 135 -19.13 12.45 -21.45
CA ARG B 135 -17.85 12.99 -21.01
C ARG B 135 -17.44 12.29 -19.72
N ASN B 136 -16.18 12.45 -19.33
CA ASN B 136 -15.70 11.87 -18.11
C ASN B 136 -16.21 12.65 -16.90
N GLN B 137 -16.73 11.94 -15.91
CA GLN B 137 -17.26 12.55 -14.70
C GLN B 137 -16.82 11.70 -13.51
N PRO B 138 -16.81 12.26 -12.31
CA PRO B 138 -16.53 11.46 -11.13
C PRO B 138 -17.56 10.35 -10.97
N ALA B 139 -17.12 9.24 -10.36
CA ALA B 139 -17.96 8.05 -10.29
C ALA B 139 -19.32 8.37 -9.68
N ALA B 140 -19.34 9.10 -8.57
CA ALA B 140 -20.60 9.41 -7.90
C ALA B 140 -21.51 10.23 -8.81
N THR B 141 -20.95 11.24 -9.48
CA THR B 141 -21.76 12.06 -10.37
C THR B 141 -22.33 11.24 -11.52
N ALA B 142 -21.50 10.40 -12.14
CA ALA B 142 -21.98 9.58 -13.24
C ALA B 142 -23.08 8.64 -12.79
N LEU B 143 -22.90 8.00 -11.63
CA LEU B 143 -23.93 7.11 -11.12
C LEU B 143 -25.22 7.85 -10.84
N ALA B 144 -25.12 9.03 -10.22
CA ALA B 144 -26.33 9.81 -9.93
C ALA B 144 -27.05 10.21 -11.21
N ASN B 145 -26.30 10.64 -12.23
CA ASN B 145 -26.93 11.02 -13.49
C ASN B 145 -27.61 9.83 -14.14
N THR B 146 -26.95 8.67 -14.14
CA THR B 146 -27.56 7.48 -14.73
C THR B 146 -28.82 7.10 -13.99
N ILE B 147 -28.79 7.15 -12.66
CA ILE B 147 -29.98 6.80 -11.87
C ILE B 147 -31.10 7.78 -12.17
N GLU B 148 -30.79 9.07 -12.24
CA GLU B 148 -31.83 10.06 -12.53
C GLU B 148 -32.45 9.82 -13.90
N VAL B 149 -31.63 9.55 -14.91
CA VAL B 149 -32.16 9.29 -16.25
C VAL B 149 -33.04 8.05 -16.24
N PHE B 150 -32.58 6.98 -15.60
CA PHE B 150 -33.38 5.75 -15.54
C PHE B 150 -34.71 6.00 -14.84
N ARG B 151 -34.70 6.74 -13.73
CA ARG B 151 -35.95 7.06 -13.05
C ARG B 151 -36.87 7.86 -13.96
N SER B 152 -36.32 8.83 -14.68
CA SER B 152 -37.13 9.63 -15.59
C SER B 152 -37.71 8.79 -16.71
N ASN B 153 -37.02 7.71 -17.10
CA ASN B 153 -37.48 6.84 -18.17
C ASN B 153 -38.31 5.66 -17.66
N GLY B 154 -38.98 5.81 -16.53
CA GLY B 154 -39.82 4.74 -16.01
C GLY B 154 -39.05 3.48 -15.69
N LEU B 155 -37.88 3.61 -15.07
CA LEU B 155 -37.04 2.47 -14.70
C LEU B 155 -36.64 2.67 -13.24
N THR B 156 -37.40 2.08 -12.34
CA THR B 156 -37.23 2.26 -10.90
C THR B 156 -36.96 0.93 -10.20
N ALA B 157 -36.15 0.09 -10.83
CA ALA B 157 -35.80 -1.20 -10.24
C ALA B 157 -34.69 -1.09 -9.21
N ASN B 158 -33.98 0.04 -9.15
CA ASN B 158 -32.86 0.22 -8.24
C ASN B 158 -33.25 0.88 -6.94
N GLU B 159 -34.55 1.12 -6.71
CA GLU B 159 -34.96 1.73 -5.46
C GLU B 159 -34.52 0.91 -4.25
N SER B 160 -34.40 -0.41 -4.42
CA SER B 160 -33.99 -1.26 -3.32
C SER B 160 -32.59 -0.91 -2.82
N GLY B 161 -31.73 -0.40 -3.71
CA GLY B 161 -30.38 -0.04 -3.35
C GLY B 161 -29.35 -1.13 -3.57
N ARG B 162 -29.78 -2.35 -3.89
CA ARG B 162 -28.85 -3.43 -4.17
C ARG B 162 -28.23 -3.26 -5.56
N LEU B 163 -26.96 -3.64 -5.67
CA LEU B 163 -26.27 -3.51 -6.95
C LEU B 163 -26.90 -4.39 -8.01
N ILE B 164 -27.29 -5.61 -7.65
CA ILE B 164 -27.92 -6.51 -8.61
C ILE B 164 -29.21 -5.91 -9.15
N ASP B 165 -29.94 -5.20 -8.31
CA ASP B 165 -31.13 -4.50 -8.79
C ASP B 165 -30.76 -3.46 -9.82
N PHE B 166 -29.65 -2.74 -9.59
CA PHE B 166 -29.20 -1.75 -10.57
C PHE B 166 -28.81 -2.44 -11.88
N LEU B 167 -28.22 -3.63 -11.81
CA LEU B 167 -27.87 -4.35 -13.03
C LEU B 167 -29.12 -4.79 -13.78
N LYS B 168 -30.14 -5.25 -13.05
CA LYS B 168 -31.42 -5.55 -13.69
C LYS B 168 -31.98 -4.31 -14.37
N ASP B 169 -31.87 -3.16 -13.70
CA ASP B 169 -32.35 -1.91 -14.29
C ASP B 169 -31.58 -1.57 -15.55
N VAL B 170 -30.27 -1.81 -15.56
CA VAL B 170 -29.45 -1.54 -16.74
C VAL B 170 -29.91 -2.43 -17.89
N MET B 171 -30.16 -3.71 -17.61
CA MET B 171 -30.64 -4.61 -18.66
C MET B 171 -31.99 -4.14 -19.19
N ASP B 172 -32.90 -3.76 -18.31
CA ASP B 172 -34.20 -3.29 -18.75
C ASP B 172 -34.05 -2.05 -19.62
N SER B 173 -33.19 -1.12 -19.23
CA SER B 173 -32.96 0.07 -20.03
C SER B 173 -32.42 -0.30 -21.40
N MET B 174 -31.47 -1.23 -21.46
CA MET B 174 -30.99 -1.67 -22.77
C MET B 174 -32.10 -2.30 -23.58
N ASP B 175 -33.12 -2.86 -22.92
CA ASP B 175 -34.27 -3.40 -23.64
C ASP B 175 -35.25 -2.32 -24.08
N LYS B 176 -35.09 -1.09 -23.60
CA LYS B 176 -36.04 -0.03 -23.95
C LYS B 176 -35.93 0.32 -25.43
N GLU B 177 -37.08 0.65 -26.03
CA GLU B 177 -37.11 1.06 -27.43
C GLU B 177 -36.62 2.49 -27.63
N GLU B 178 -36.74 3.35 -26.63
CA GLU B 178 -36.34 4.74 -26.76
C GLU B 178 -35.92 5.26 -25.39
N MET B 179 -34.97 6.19 -25.39
CA MET B 179 -34.41 6.76 -24.17
C MET B 179 -34.55 8.27 -24.20
N GLU B 180 -34.71 8.87 -23.02
CA GLU B 180 -34.88 10.31 -22.87
C GLU B 180 -33.75 10.85 -22.02
N ILE B 181 -33.09 11.91 -22.51
CA ILE B 181 -31.96 12.52 -21.82
C ILE B 181 -32.21 14.02 -21.70
N THR B 182 -31.53 14.64 -20.75
CA THR B 182 -31.62 16.08 -20.53
C THR B 182 -30.26 16.71 -20.83
N THR B 183 -30.27 17.73 -21.67
CA THR B 183 -29.06 18.43 -22.09
C THR B 183 -29.16 19.91 -21.75
N HIS B 184 -28.06 20.49 -21.30
CA HIS B 184 -28.01 21.90 -20.93
C HIS B 184 -27.28 22.69 -22.00
N PHE B 185 -27.94 23.73 -22.51
CA PHE B 185 -27.38 24.63 -23.50
C PHE B 185 -27.52 26.05 -22.98
N GLN B 186 -26.47 26.84 -23.17
CA GLN B 186 -26.45 28.23 -22.68
C GLN B 186 -26.32 29.16 -23.87
N ARG B 187 -27.26 30.10 -23.98
CA ARG B 187 -27.25 31.08 -25.06
C ARG B 187 -27.98 32.35 -24.65
N THR B 204 -27.56 32.67 -19.53
CA THR B 204 -28.78 31.94 -19.89
C THR B 204 -28.56 30.45 -19.78
N ILE B 205 -29.42 29.78 -19.02
CA ILE B 205 -29.38 28.32 -18.85
C ILE B 205 -30.67 27.76 -19.41
N GLY B 206 -30.54 26.88 -20.40
CA GLY B 206 -31.68 26.25 -21.04
C GLY B 206 -31.56 24.75 -21.02
N LYS B 207 -32.70 24.07 -20.84
CA LYS B 207 -32.75 22.62 -20.70
C LYS B 207 -33.55 22.04 -21.87
N LYS B 208 -33.01 20.98 -22.48
CA LYS B 208 -33.62 20.35 -23.63
C LYS B 208 -33.75 18.86 -23.40
N LYS B 209 -34.79 18.27 -23.99
CA LYS B 209 -35.03 16.83 -23.94
C LYS B 209 -34.60 16.22 -25.26
N GLN B 210 -33.70 15.24 -25.19
CA GLN B 210 -33.16 14.57 -26.37
C GLN B 210 -33.58 13.11 -26.35
N ARG B 211 -34.12 12.63 -27.46
CA ARG B 211 -34.60 11.26 -27.58
C ARG B 211 -33.59 10.44 -28.36
N LEU B 212 -33.16 9.32 -27.77
CA LEU B 212 -32.19 8.43 -28.38
C LEU B 212 -32.88 7.12 -28.75
N ASN B 213 -32.74 6.73 -30.01
CA ASN B 213 -33.29 5.45 -30.46
C ASN B 213 -32.51 4.30 -29.82
N LYS B 214 -32.97 3.08 -30.10
CA LYS B 214 -32.39 1.91 -29.46
C LYS B 214 -30.90 1.77 -29.81
N ARG B 215 -30.57 1.91 -31.10
CA ARG B 215 -29.18 1.71 -31.52
C ARG B 215 -28.26 2.76 -30.94
N SER B 216 -28.70 4.02 -30.92
CA SER B 216 -27.86 5.08 -30.40
C SER B 216 -27.55 4.87 -28.92
N TYR B 217 -28.57 4.60 -28.12
CA TYR B 217 -28.35 4.36 -26.70
C TYR B 217 -27.53 3.10 -26.48
N LEU B 218 -27.76 2.06 -27.28
CA LEU B 218 -26.97 0.84 -27.16
C LEU B 218 -25.50 1.11 -27.42
N ILE B 219 -25.20 1.91 -28.43
CA ILE B 219 -23.81 2.27 -28.72
C ILE B 219 -23.23 3.09 -27.59
N ARG B 220 -24.02 4.02 -27.04
CA ARG B 220 -23.52 4.85 -25.95
C ARG B 220 -23.22 4.01 -24.71
N ALA B 221 -24.07 3.05 -24.40
CA ALA B 221 -23.87 2.21 -23.23
C ALA B 221 -22.68 1.26 -23.40
N LEU B 222 -22.27 1.00 -24.63
CA LEU B 222 -21.09 0.19 -24.90
C LEU B 222 -19.88 1.03 -25.27
N THR B 223 -19.96 2.35 -25.09
CA THR B 223 -18.91 3.26 -25.49
C THR B 223 -17.89 3.43 -24.37
N LEU B 224 -16.65 3.68 -24.76
CA LEU B 224 -15.52 3.79 -23.84
C LEU B 224 -14.77 5.09 -24.14
N ASN B 225 -14.49 5.87 -23.10
CA ASN B 225 -13.79 7.13 -23.28
C ASN B 225 -12.29 6.89 -23.26
N THR B 226 -11.60 7.32 -24.31
CA THR B 226 -10.18 7.10 -24.46
C THR B 226 -9.42 8.39 -24.20
N MET B 227 -8.28 8.27 -23.52
CA MET B 227 -7.39 9.39 -23.28
C MET B 227 -5.96 8.88 -23.37
N THR B 228 -5.01 9.77 -23.10
CA THR B 228 -3.58 9.43 -23.16
C THR B 228 -3.00 9.44 -21.75
N LYS B 229 -2.19 8.43 -21.46
CA LYS B 229 -1.60 8.29 -20.13
C LYS B 229 -0.37 9.18 -20.00
N ASP B 230 -0.30 9.95 -18.93
CA ASP B 230 0.80 10.86 -18.67
C ASP B 230 1.49 10.48 -17.37
N ALA B 231 2.68 11.05 -17.17
CA ALA B 231 3.48 10.80 -15.98
C ALA B 231 3.89 9.33 -15.87
N GLU B 232 4.08 8.68 -17.02
CA GLU B 232 4.53 7.30 -17.07
C GLU B 232 6.04 7.26 -17.23
N ARG B 233 6.70 6.45 -16.42
CA ARG B 233 8.16 6.38 -16.40
C ARG B 233 8.65 5.20 -17.23
N GLY B 234 9.81 5.39 -17.86
CA GLY B 234 10.47 4.33 -18.57
C GLY B 234 9.99 4.08 -19.98
N LYS B 235 9.20 4.98 -20.56
CA LYS B 235 8.68 4.81 -21.91
C LYS B 235 8.97 6.05 -22.74
N LEU B 236 9.53 5.83 -23.93
CA LEU B 236 9.82 6.93 -24.84
C LEU B 236 8.55 7.47 -25.49
N LYS B 237 7.61 6.60 -25.81
CA LYS B 237 6.39 6.97 -26.52
C LYS B 237 5.19 6.84 -25.59
N ARG B 238 4.26 7.77 -25.73
CA ARG B 238 3.04 7.74 -24.93
C ARG B 238 2.10 6.65 -25.46
N ARG B 239 1.17 6.25 -24.61
CA ARG B 239 0.16 5.26 -24.98
C ARG B 239 -1.19 5.71 -24.45
N ALA B 240 -2.24 5.06 -24.94
CA ALA B 240 -3.61 5.44 -24.63
C ALA B 240 -4.21 4.48 -23.61
N ILE B 241 -5.17 4.99 -22.86
CA ILE B 241 -5.93 4.21 -21.88
C ILE B 241 -7.40 4.52 -22.10
N ALA B 242 -8.25 3.65 -21.55
CA ALA B 242 -9.69 3.76 -21.73
C ALA B 242 -10.40 3.62 -20.39
N THR B 243 -11.56 4.26 -20.30
CA THR B 243 -12.40 4.20 -19.11
C THR B 243 -13.82 3.88 -19.56
N PRO B 244 -14.49 2.91 -18.93
CA PRO B 244 -15.84 2.53 -19.36
C PRO B 244 -16.91 3.34 -18.66
N GLY B 245 -18.14 3.19 -19.14
CA GLY B 245 -19.28 3.88 -18.57
C GLY B 245 -19.83 3.18 -17.35
N MET B 246 -20.89 3.77 -16.81
CA MET B 246 -21.51 3.21 -15.61
C MET B 246 -22.24 1.91 -15.87
N GLN B 247 -22.61 1.64 -17.11
CA GLN B 247 -23.41 0.45 -17.41
C GLN B 247 -22.63 -0.84 -17.10
N ILE B 248 -21.35 -0.89 -17.47
CA ILE B 248 -20.58 -2.12 -17.34
C ILE B 248 -19.80 -2.21 -16.03
N ARG B 249 -19.68 -1.11 -15.29
CA ARG B 249 -18.88 -1.13 -14.07
C ARG B 249 -19.47 -2.09 -13.04
N GLY B 250 -20.80 -2.14 -12.94
CA GLY B 250 -21.41 -3.04 -11.98
C GLY B 250 -21.07 -4.49 -12.23
N PHE B 251 -21.18 -4.93 -13.48
CA PHE B 251 -20.83 -6.31 -13.82
C PHE B 251 -19.33 -6.56 -13.63
N VAL B 252 -18.50 -5.60 -14.01
CA VAL B 252 -17.06 -5.76 -13.84
C VAL B 252 -16.72 -5.91 -12.37
N TYR B 253 -17.47 -5.24 -11.50
CA TYR B 253 -17.18 -5.35 -10.06
C TYR B 253 -17.32 -6.79 -9.59
N PHE B 254 -18.42 -7.44 -9.95
CA PHE B 254 -18.62 -8.84 -9.54
C PHE B 254 -17.59 -9.75 -10.19
N VAL B 255 -17.26 -9.52 -11.46
CA VAL B 255 -16.24 -10.34 -12.10
C VAL B 255 -14.91 -10.21 -11.36
N GLU B 256 -14.54 -8.98 -11.01
CA GLU B 256 -13.30 -8.77 -10.28
C GLU B 256 -13.34 -9.42 -8.90
N ALA B 257 -14.49 -9.36 -8.23
CA ALA B 257 -14.60 -10.00 -6.93
C ALA B 257 -14.38 -11.51 -7.04
N LEU B 258 -15.00 -12.15 -8.05
CA LEU B 258 -14.79 -13.58 -8.23
C LEU B 258 -13.33 -13.88 -8.56
N ALA B 259 -12.71 -13.08 -9.43
CA ALA B 259 -11.32 -13.32 -9.79
C ALA B 259 -10.41 -13.15 -8.58
N ARG B 260 -10.70 -12.17 -7.72
CA ARG B 260 -9.90 -11.97 -6.52
C ARG B 260 -10.07 -13.14 -5.55
N SER B 261 -11.30 -13.63 -5.40
CA SER B 261 -11.51 -14.80 -4.55
C SER B 261 -10.72 -15.99 -5.08
N ILE B 262 -10.69 -16.18 -6.39
CA ILE B 262 -9.91 -17.27 -6.96
C ILE B 262 -8.43 -17.05 -6.71
N CYS B 263 -7.95 -15.83 -6.93
CA CYS B 263 -6.51 -15.56 -6.83
C CYS B 263 -6.00 -15.69 -5.41
N GLU B 264 -6.81 -15.31 -4.43
CA GLU B 264 -6.33 -15.37 -3.04
C GLU B 264 -5.97 -16.79 -2.64
N LYS B 265 -6.55 -17.79 -3.30
CA LYS B 265 -6.28 -19.20 -3.00
C LYS B 265 -5.18 -19.80 -3.86
N LEU B 266 -4.60 -19.04 -4.79
CA LEU B 266 -3.56 -19.53 -5.66
C LEU B 266 -2.23 -18.99 -5.17
N GLU B 267 -1.27 -19.90 -4.92
CA GLU B 267 0.02 -19.47 -4.41
C GLU B 267 0.83 -18.77 -5.49
N GLN B 268 0.67 -19.18 -6.75
CA GLN B 268 1.45 -18.63 -7.84
C GLN B 268 0.95 -17.27 -8.30
N SER B 269 -0.22 -16.83 -7.85
CA SER B 269 -0.78 -15.55 -8.25
C SER B 269 -0.17 -14.44 -7.41
N GLY B 270 0.34 -13.41 -8.06
CA GLY B 270 0.93 -12.28 -7.38
C GLY B 270 -0.02 -11.23 -6.90
N LEU B 271 -1.32 -11.43 -7.09
CA LEU B 271 -2.35 -10.49 -6.68
C LEU B 271 -3.39 -11.22 -5.83
N PRO B 272 -4.09 -10.51 -4.95
CA PRO B 272 -4.03 -9.06 -4.70
C PRO B 272 -2.89 -8.69 -3.77
N VAL B 273 -1.94 -9.62 -3.56
CA VAL B 273 -0.77 -9.33 -2.77
C VAL B 273 -0.03 -8.13 -3.35
N GLY B 274 0.60 -7.35 -2.47
CA GLY B 274 1.37 -6.21 -2.91
C GLY B 274 2.46 -5.80 -1.94
N GLY B 275 3.67 -5.64 -2.45
CA GLY B 275 4.76 -5.14 -1.64
C GLY B 275 5.67 -6.22 -1.10
N ASN B 276 5.70 -6.36 0.23
CA ASN B 276 6.62 -7.31 0.85
C ASN B 276 6.16 -8.75 0.66
N GLU B 277 4.85 -9.00 0.71
CA GLU B 277 4.37 -10.38 0.56
C GLU B 277 4.69 -10.93 -0.82
N LYS B 278 4.68 -10.08 -1.84
CA LYS B 278 5.08 -10.52 -3.18
C LYS B 278 6.54 -10.97 -3.18
N LYS B 279 7.40 -10.20 -2.54
CA LYS B 279 8.81 -10.60 -2.44
C LYS B 279 8.95 -11.89 -1.66
N ALA B 280 8.17 -12.05 -0.59
CA ALA B 280 8.22 -13.29 0.17
C ALA B 280 7.82 -14.48 -0.68
N LYS B 281 6.76 -14.34 -1.48
CA LYS B 281 6.34 -15.41 -2.37
C LYS B 281 7.41 -15.73 -3.38
N LEU B 282 8.03 -14.70 -3.97
CA LEU B 282 9.08 -14.93 -4.95
C LEU B 282 10.26 -15.66 -4.33
N ALA B 283 10.68 -15.24 -3.13
CA ALA B 283 11.79 -15.90 -2.45
C ALA B 283 11.44 -17.35 -2.13
N ASN B 284 10.21 -17.60 -1.68
CA ASN B 284 9.80 -18.96 -1.37
C ASN B 284 9.85 -19.83 -2.62
N VAL B 285 9.34 -19.32 -3.74
CA VAL B 285 9.38 -20.10 -4.98
C VAL B 285 10.82 -20.37 -5.40
N VAL B 286 11.67 -19.36 -5.30
CA VAL B 286 13.06 -19.53 -5.73
C VAL B 286 13.75 -20.60 -4.89
N ARG B 287 13.57 -20.53 -3.56
CA ARG B 287 14.21 -21.52 -2.70
C ARG B 287 13.63 -22.91 -2.93
N LYS B 288 12.32 -23.01 -3.15
CA LYS B 288 11.72 -24.31 -3.41
C LYS B 288 12.27 -24.91 -4.70
N MET B 289 12.47 -24.10 -5.73
CA MET B 289 12.98 -24.61 -6.99
C MET B 289 14.47 -24.89 -6.95
N MET B 290 15.23 -24.18 -6.11
CA MET B 290 16.69 -24.32 -6.11
C MET B 290 17.17 -25.35 -5.08
N THR B 291 16.86 -25.12 -3.80
CA THR B 291 17.43 -25.96 -2.76
C THR B 291 16.93 -27.40 -2.87
N ASN B 292 15.64 -27.58 -3.13
CA ASN B 292 15.11 -28.94 -3.19
C ASN B 292 15.76 -29.74 -4.31
N SER B 293 15.92 -29.13 -5.48
CA SER B 293 16.50 -29.83 -6.61
C SER B 293 17.96 -30.19 -6.34
N GLN B 294 18.37 -31.35 -6.84
CA GLN B 294 19.74 -31.81 -6.67
C GLN B 294 20.69 -30.98 -7.53
N ASP B 295 21.98 -31.10 -7.22
CA ASP B 295 22.99 -30.38 -8.00
C ASP B 295 23.00 -30.84 -9.45
N THR B 296 22.56 -32.08 -9.71
CA THR B 296 22.54 -32.58 -11.08
C THR B 296 21.47 -31.89 -11.91
N GLU B 297 20.39 -31.43 -11.28
CA GLU B 297 19.30 -30.79 -12.00
C GLU B 297 19.63 -29.32 -12.26
N LEU B 298 19.83 -28.99 -13.53
CA LEU B 298 20.04 -27.60 -13.91
C LEU B 298 18.76 -26.79 -13.71
N SER B 299 18.92 -25.54 -13.31
CA SER B 299 17.81 -24.64 -13.07
C SER B 299 18.11 -23.28 -13.68
N PHE B 300 17.12 -22.70 -14.35
CA PHE B 300 17.26 -21.39 -14.97
C PHE B 300 16.02 -20.57 -14.66
N THR B 301 16.17 -19.25 -14.78
CA THR B 301 15.10 -18.31 -14.52
C THR B 301 14.97 -17.34 -15.69
N ILE B 302 13.72 -17.09 -16.08
CA ILE B 302 13.37 -16.14 -17.12
C ILE B 302 12.68 -14.97 -16.45
N THR B 303 13.24 -13.78 -16.62
CA THR B 303 12.64 -12.53 -16.18
C THR B 303 11.93 -11.86 -17.36
N GLY B 304 10.94 -12.57 -17.89
CA GLY B 304 10.30 -12.14 -19.11
C GLY B 304 9.20 -11.12 -18.89
N ASP B 305 8.67 -10.61 -20.01
CA ASP B 305 7.54 -9.71 -20.00
C ASP B 305 6.65 -10.06 -21.18
N ASN B 306 5.36 -9.78 -21.04
CA ASN B 306 4.38 -10.07 -22.08
C ASN B 306 4.09 -8.81 -22.87
N THR B 307 4.17 -8.92 -24.19
CA THR B 307 3.95 -7.79 -25.09
C THR B 307 2.51 -7.75 -25.54
N LYS B 308 1.97 -6.54 -25.66
CA LYS B 308 0.59 -6.32 -26.09
C LYS B 308 -0.38 -7.15 -25.25
N TRP B 309 -0.23 -7.03 -23.93
CA TRP B 309 -1.05 -7.82 -23.02
C TRP B 309 -2.53 -7.52 -23.21
N ASN B 310 -2.87 -6.24 -23.32
CA ASN B 310 -4.26 -5.80 -23.37
C ASN B 310 -4.84 -5.79 -24.78
N GLU B 311 -4.04 -6.07 -25.79
CA GLU B 311 -4.54 -6.11 -27.16
C GLU B 311 -4.86 -7.52 -27.64
N ASN B 312 -4.22 -8.54 -27.07
CA ASN B 312 -4.41 -9.91 -27.51
C ASN B 312 -5.34 -10.72 -26.60
N GLN B 313 -5.88 -10.10 -25.55
CA GLN B 313 -6.82 -10.77 -24.66
C GLN B 313 -8.23 -10.56 -25.18
N ASN B 314 -8.96 -11.65 -25.37
CA ASN B 314 -10.28 -11.55 -25.97
C ASN B 314 -11.36 -11.68 -24.92
N PRO B 315 -12.38 -10.81 -24.92
CA PRO B 315 -13.49 -11.00 -23.98
C PRO B 315 -14.19 -12.33 -24.12
N ARG B 316 -14.17 -12.92 -25.33
CA ARG B 316 -14.78 -14.23 -25.51
C ARG B 316 -14.07 -15.29 -24.69
N MET B 317 -12.74 -15.22 -24.61
CA MET B 317 -12.00 -16.20 -23.83
C MET B 317 -12.31 -16.05 -22.35
N PHE B 318 -12.44 -14.82 -21.88
CA PHE B 318 -12.86 -14.61 -20.49
C PHE B 318 -14.26 -15.11 -20.26
N LEU B 319 -15.14 -14.98 -21.26
CA LEU B 319 -16.47 -15.55 -21.15
C LEU B 319 -16.40 -17.07 -21.00
N ALA B 320 -15.56 -17.72 -21.79
CA ALA B 320 -15.41 -19.17 -21.67
C ALA B 320 -14.86 -19.55 -20.30
N MET B 321 -13.86 -18.81 -19.82
CA MET B 321 -13.28 -19.10 -18.51
C MET B 321 -14.31 -18.94 -17.40
N ILE B 322 -15.10 -17.87 -17.47
CA ILE B 322 -16.13 -17.65 -16.45
C ILE B 322 -17.19 -18.73 -16.51
N THR B 323 -17.56 -19.15 -17.72
CA THR B 323 -18.54 -20.21 -17.87
C THR B 323 -18.04 -21.50 -17.26
N TYR B 324 -16.78 -21.84 -17.49
CA TYR B 324 -16.22 -23.05 -16.89
C TYR B 324 -16.12 -22.93 -15.37
N ILE B 325 -15.74 -21.75 -14.88
CA ILE B 325 -15.56 -21.58 -13.43
C ILE B 325 -16.89 -21.74 -12.70
N THR B 326 -17.97 -21.22 -13.27
CA THR B 326 -19.27 -21.21 -12.61
C THR B 326 -20.10 -22.44 -12.93
N ARG B 327 -19.46 -23.56 -13.24
CA ARG B 327 -20.19 -24.79 -13.54
C ARG B 327 -20.94 -25.28 -12.30
N ASN B 328 -22.12 -25.87 -12.53
CA ASN B 328 -22.94 -26.40 -11.47
C ASN B 328 -23.32 -25.32 -10.46
N GLN B 329 -23.72 -24.16 -10.97
CA GLN B 329 -24.07 -23.01 -10.16
C GLN B 329 -25.44 -22.49 -10.59
N PRO B 330 -26.12 -21.72 -9.73
CA PRO B 330 -27.42 -21.19 -10.11
C PRO B 330 -27.34 -20.37 -11.40
N GLU B 331 -28.42 -20.43 -12.18
CA GLU B 331 -28.42 -19.79 -13.49
C GLU B 331 -28.23 -18.28 -13.37
N TRP B 332 -28.90 -17.66 -12.40
CA TRP B 332 -28.78 -16.21 -12.26
C TRP B 332 -27.33 -15.80 -11.98
N PHE B 333 -26.63 -16.56 -11.13
CA PHE B 333 -25.24 -16.25 -10.84
C PHE B 333 -24.39 -16.35 -12.09
N ARG B 334 -24.58 -17.42 -12.88
CA ARG B 334 -23.82 -17.56 -14.12
C ARG B 334 -24.08 -16.40 -15.06
N ASN B 335 -25.36 -16.00 -15.18
CA ASN B 335 -25.71 -14.91 -16.08
C ASN B 335 -25.04 -13.61 -15.65
N VAL B 336 -25.16 -13.26 -14.36
CA VAL B 336 -24.61 -12.00 -13.89
C VAL B 336 -23.09 -11.99 -14.01
N LEU B 337 -22.46 -13.15 -13.81
CA LEU B 337 -21.01 -13.20 -13.91
C LEU B 337 -20.54 -13.16 -15.36
N SER B 338 -21.31 -13.74 -16.28
CA SER B 338 -20.89 -13.84 -17.67
C SER B 338 -21.32 -12.67 -18.52
N ILE B 339 -22.16 -11.77 -18.00
CA ILE B 339 -22.60 -10.63 -18.82
C ILE B 339 -21.45 -9.68 -19.10
N ALA B 340 -20.55 -9.47 -18.14
CA ALA B 340 -19.48 -8.51 -18.35
C ALA B 340 -18.61 -8.84 -19.55
N PRO B 341 -18.12 -10.08 -19.72
CA PRO B 341 -17.41 -10.39 -20.97
C PRO B 341 -18.24 -10.13 -22.21
N ILE B 342 -19.54 -10.39 -22.15
CA ILE B 342 -20.41 -10.12 -23.30
C ILE B 342 -20.41 -8.64 -23.63
N MET B 343 -20.55 -7.80 -22.61
CA MET B 343 -20.52 -6.36 -22.84
C MET B 343 -19.17 -5.91 -23.40
N PHE B 344 -18.08 -6.47 -22.88
CA PHE B 344 -16.76 -6.09 -23.37
C PHE B 344 -16.55 -6.54 -24.81
N SER B 345 -17.15 -7.66 -25.22
CA SER B 345 -16.95 -8.13 -26.58
C SER B 345 -17.50 -7.14 -27.59
N ASN B 346 -18.68 -6.57 -27.33
CA ASN B 346 -19.30 -5.59 -28.22
C ASN B 346 -19.07 -4.19 -27.70
N LYS B 347 -17.80 -3.77 -27.70
CA LYS B 347 -17.39 -2.49 -27.12
C LYS B 347 -16.97 -1.53 -28.22
N MET B 348 -17.35 -0.26 -28.05
CA MET B 348 -16.98 0.81 -28.96
C MET B 348 -16.08 1.80 -28.21
N ALA B 349 -15.07 2.31 -28.91
CA ALA B 349 -14.09 3.22 -28.32
C ALA B 349 -14.24 4.60 -28.93
N ARG B 350 -14.35 5.62 -28.08
CA ARG B 350 -14.34 6.99 -28.56
C ARG B 350 -12.93 7.39 -28.98
N LEU B 351 -12.86 8.20 -30.03
CA LEU B 351 -11.58 8.59 -30.62
C LEU B 351 -11.06 9.91 -30.03
N GLY B 352 -10.97 9.99 -28.71
CA GLY B 352 -10.37 11.14 -28.08
C GLY B 352 -11.10 12.43 -28.41
N LYS B 353 -10.35 13.53 -28.39
CA LYS B 353 -10.89 14.86 -28.64
C LYS B 353 -10.94 15.20 -30.12
N GLY B 354 -9.99 14.71 -30.89
CA GLY B 354 -9.91 15.05 -32.31
C GLY B 354 -8.51 15.47 -32.70
N TYR B 355 -8.41 16.57 -33.44
CA TYR B 355 -7.11 17.06 -33.89
C TYR B 355 -7.14 18.58 -33.90
N MET B 356 -5.97 19.17 -34.14
CA MET B 356 -5.83 20.61 -34.28
C MET B 356 -5.17 20.92 -35.61
N PHE B 357 -5.77 21.84 -36.36
CA PHE B 357 -5.24 22.28 -37.64
C PHE B 357 -4.76 23.72 -37.51
N GLU B 358 -3.70 24.06 -38.25
CA GLU B 358 -3.08 25.36 -38.15
C GLU B 358 -2.66 25.85 -39.53
N SER B 359 -2.87 27.14 -39.77
CA SER B 359 -2.49 27.81 -41.01
C SER B 359 -1.44 28.86 -40.66
N LYS B 360 -0.21 28.64 -41.16
CA LYS B 360 0.86 29.61 -40.93
C LYS B 360 0.61 30.91 -41.67
N SER B 361 0.27 30.82 -42.96
CA SER B 361 0.11 32.03 -43.76
C SER B 361 -0.97 32.93 -43.18
N MET B 362 -2.12 32.35 -42.81
CA MET B 362 -3.19 33.12 -42.20
C MET B 362 -3.07 33.21 -40.69
N LYS B 363 -2.10 32.53 -40.09
CA LYS B 363 -1.87 32.59 -38.64
C LYS B 363 -3.15 32.26 -37.87
N LEU B 364 -3.66 31.05 -38.10
CA LEU B 364 -4.90 30.60 -37.49
C LEU B 364 -4.73 29.19 -36.95
N ARG B 365 -5.55 28.85 -35.96
CA ARG B 365 -5.62 27.49 -35.45
C ARG B 365 -7.07 27.15 -35.12
N THR B 366 -7.41 25.87 -35.27
CA THR B 366 -8.77 25.42 -35.06
C THR B 366 -8.75 23.97 -34.60
N GLN B 367 -9.85 23.56 -33.96
CA GLN B 367 -10.02 22.22 -33.43
C GLN B 367 -11.03 21.47 -34.27
N VAL B 368 -10.66 20.29 -34.75
CA VAL B 368 -11.54 19.42 -35.52
C VAL B 368 -11.94 18.26 -34.62
N PRO B 369 -13.21 18.14 -34.24
CA PRO B 369 -13.62 17.03 -33.37
C PRO B 369 -13.42 15.68 -34.05
N ALA B 370 -13.16 14.66 -33.24
CA ALA B 370 -12.97 13.32 -33.78
C ALA B 370 -14.21 12.82 -34.50
N GLU B 371 -15.39 13.29 -34.09
CA GLU B 371 -16.62 12.81 -34.69
C GLU B 371 -16.65 13.08 -36.19
N MET B 372 -15.92 14.08 -36.66
CA MET B 372 -15.91 14.44 -38.07
C MET B 372 -14.88 13.65 -38.88
N LEU B 373 -14.04 12.84 -38.23
CA LEU B 373 -13.03 12.10 -38.96
C LEU B 373 -13.62 11.07 -39.91
N ALA B 374 -14.89 10.73 -39.76
CA ALA B 374 -15.50 9.71 -40.62
C ALA B 374 -15.54 10.16 -42.08
N ASN B 375 -15.92 11.42 -42.33
CA ASN B 375 -16.13 11.92 -43.67
C ASN B 375 -15.47 13.28 -43.84
N ILE B 376 -14.22 13.40 -43.42
CA ILE B 376 -13.45 14.61 -43.56
C ILE B 376 -12.40 14.39 -44.64
N ASP B 377 -12.09 15.45 -45.39
CA ASP B 377 -11.06 15.36 -46.42
C ASP B 377 -9.73 14.98 -45.80
N LEU B 378 -8.96 14.17 -46.53
CA LEU B 378 -7.69 13.67 -46.03
C LEU B 378 -6.50 14.55 -46.43
N LYS B 379 -6.75 15.67 -47.11
CA LYS B 379 -5.64 16.51 -47.55
C LYS B 379 -4.97 17.23 -46.39
N TYR B 380 -5.65 17.36 -45.24
CA TYR B 380 -5.07 18.09 -44.11
C TYR B 380 -3.98 17.28 -43.42
N PHE B 381 -4.20 15.99 -43.22
CA PHE B 381 -3.35 15.20 -42.34
C PHE B 381 -2.04 14.84 -43.03
N ASN B 382 -1.09 14.38 -42.23
CA ASN B 382 0.19 13.93 -42.74
C ASN B 382 0.09 12.46 -43.13
N LYS B 383 1.21 11.89 -43.59
CA LYS B 383 1.19 10.55 -44.15
C LYS B 383 0.70 9.52 -43.13
N SER B 384 1.31 9.51 -41.94
CA SER B 384 0.98 8.50 -40.95
C SER B 384 -0.46 8.64 -40.47
N THR B 385 -0.88 9.87 -40.15
CA THR B 385 -2.24 10.08 -39.67
C THR B 385 -3.25 9.74 -40.75
N ARG B 386 -2.97 10.11 -42.00
CA ARG B 386 -3.86 9.76 -43.10
C ARG B 386 -3.99 8.24 -43.24
N GLU B 387 -2.86 7.53 -43.13
CA GLU B 387 -2.91 6.07 -43.21
C GLU B 387 -3.76 5.50 -42.08
N LYS B 388 -3.58 6.01 -40.85
CA LYS B 388 -4.36 5.52 -39.73
C LYS B 388 -5.84 5.75 -39.94
N ILE B 389 -6.21 6.94 -40.40
CA ILE B 389 -7.62 7.25 -40.61
C ILE B 389 -8.20 6.36 -41.71
N GLU B 390 -7.45 6.17 -42.80
CA GLU B 390 -7.93 5.32 -43.87
C GLU B 390 -8.13 3.89 -43.40
N LYS B 391 -7.22 3.39 -42.56
CA LYS B 391 -7.32 2.01 -42.11
C LYS B 391 -8.43 1.84 -41.07
N ILE B 392 -8.76 2.90 -40.32
CA ILE B 392 -9.79 2.77 -39.29
C ILE B 392 -11.17 3.19 -39.76
N ARG B 393 -11.29 3.82 -40.93
CA ARG B 393 -12.58 4.29 -41.40
C ARG B 393 -13.67 3.23 -41.40
N PRO B 394 -13.43 2.00 -41.85
CA PRO B 394 -14.54 1.02 -41.88
C PRO B 394 -15.17 0.78 -40.52
N LEU B 395 -14.42 0.90 -39.44
CA LEU B 395 -14.90 0.55 -38.11
C LEU B 395 -15.63 1.69 -37.41
N LEU B 396 -15.70 2.87 -38.02
CA LEU B 396 -16.24 4.04 -37.36
C LEU B 396 -17.77 4.04 -37.46
N ILE B 397 -18.44 3.98 -36.31
CA ILE B 397 -19.89 4.00 -36.23
C ILE B 397 -20.29 5.08 -35.24
N ASP B 398 -21.11 6.04 -35.68
CA ASP B 398 -21.59 7.12 -34.83
C ASP B 398 -20.44 7.88 -34.18
N GLY B 399 -19.30 7.95 -34.86
CA GLY B 399 -18.13 8.64 -34.34
C GLY B 399 -17.27 7.83 -33.42
N THR B 400 -17.61 6.57 -33.16
CA THR B 400 -16.81 5.69 -32.32
C THR B 400 -16.35 4.50 -33.14
N ALA B 401 -15.16 4.00 -32.83
CA ALA B 401 -14.57 2.89 -33.55
C ALA B 401 -14.97 1.58 -32.89
N SER B 402 -15.47 0.64 -33.69
CA SER B 402 -15.80 -0.68 -33.17
C SER B 402 -14.52 -1.45 -32.87
N LEU B 403 -14.46 -2.07 -31.70
CA LEU B 403 -13.28 -2.81 -31.25
C LEU B 403 -13.77 -4.06 -30.53
N SER B 404 -13.85 -5.17 -31.25
CA SER B 404 -14.30 -6.43 -30.67
C SER B 404 -13.15 -7.12 -29.94
N PRO B 405 -11.98 -7.27 -30.56
CA PRO B 405 -10.88 -7.96 -29.87
C PRO B 405 -10.18 -7.05 -28.88
N GLY B 406 -9.36 -7.68 -28.04
CA GLY B 406 -8.53 -6.97 -27.10
C GLY B 406 -9.25 -6.55 -25.84
N MET B 407 -8.45 -6.06 -24.89
CA MET B 407 -8.92 -5.60 -23.59
C MET B 407 -8.29 -4.25 -23.27
N MET B 408 -8.47 -3.29 -24.18
CA MET B 408 -7.80 -2.00 -24.08
C MET B 408 -7.84 -1.44 -22.67
N MET B 409 -9.02 -1.44 -22.04
CA MET B 409 -9.15 -0.88 -20.70
C MET B 409 -8.38 -1.70 -19.68
N GLY B 410 -8.30 -3.01 -19.87
CA GLY B 410 -7.58 -3.86 -18.94
C GLY B 410 -8.22 -3.92 -17.57
N MET B 411 -9.55 -3.90 -17.50
CA MET B 411 -10.24 -4.03 -16.23
C MET B 411 -10.20 -5.45 -15.68
N PHE B 412 -9.93 -6.44 -16.53
CA PHE B 412 -9.83 -7.82 -16.09
C PHE B 412 -8.37 -8.18 -15.79
N ASN B 413 -7.77 -7.37 -14.93
CA ASN B 413 -6.40 -7.65 -14.49
C ASN B 413 -6.31 -9.00 -13.80
N MET B 414 -7.24 -9.29 -12.91
CA MET B 414 -7.17 -10.50 -12.09
C MET B 414 -7.55 -11.75 -12.87
N LEU B 415 -8.49 -11.66 -13.81
CA LEU B 415 -8.78 -12.80 -14.67
C LEU B 415 -7.56 -13.14 -15.53
N SER B 416 -6.88 -12.12 -16.05
CA SER B 416 -5.65 -12.36 -16.81
C SER B 416 -4.60 -13.00 -15.92
N THR B 417 -4.49 -12.53 -14.68
CA THR B 417 -3.56 -13.16 -13.74
C THR B 417 -3.93 -14.62 -13.51
N VAL B 418 -5.22 -14.93 -13.41
CA VAL B 418 -5.66 -16.31 -13.22
C VAL B 418 -5.24 -17.15 -14.42
N LEU B 419 -5.43 -16.62 -15.64
CA LEU B 419 -5.03 -17.37 -16.82
C LEU B 419 -3.53 -17.64 -16.83
N GLY B 420 -2.74 -16.62 -16.51
CA GLY B 420 -1.30 -16.81 -16.44
C GLY B 420 -0.90 -17.83 -15.39
N VAL B 421 -1.58 -17.80 -14.25
CA VAL B 421 -1.29 -18.75 -13.18
C VAL B 421 -1.63 -20.17 -13.63
N SER B 422 -2.73 -20.32 -14.36
CA SER B 422 -3.08 -21.64 -14.90
C SER B 422 -2.00 -22.13 -15.86
N ILE B 423 -1.51 -21.25 -16.72
CA ILE B 423 -0.44 -21.65 -17.64
C ILE B 423 0.80 -22.06 -16.85
N LEU B 424 1.12 -21.31 -15.80
CA LEU B 424 2.27 -21.68 -14.96
C LEU B 424 2.05 -23.05 -14.31
N ASN B 425 0.86 -23.28 -13.77
CA ASN B 425 0.55 -24.54 -13.12
C ASN B 425 0.60 -25.70 -14.10
N LEU B 426 0.40 -25.42 -15.38
CA LEU B 426 0.51 -26.46 -16.40
C LEU B 426 1.93 -27.01 -16.51
N GLY B 427 2.87 -26.45 -15.73
CA GLY B 427 4.25 -26.88 -15.76
C GLY B 427 4.63 -27.95 -14.77
N GLN B 428 3.69 -28.48 -13.99
CA GLN B 428 4.02 -29.53 -13.04
C GLN B 428 4.52 -30.77 -13.76
N LYS B 429 5.39 -31.53 -13.09
CA LYS B 429 5.98 -32.70 -13.71
C LYS B 429 4.91 -33.67 -14.21
N LYS B 430 3.77 -33.73 -13.52
CA LYS B 430 2.71 -34.64 -13.95
C LYS B 430 2.02 -34.17 -15.22
N TYR B 431 2.05 -32.86 -15.52
CA TYR B 431 1.42 -32.34 -16.71
C TYR B 431 2.40 -32.25 -17.88
N THR B 432 3.67 -31.91 -17.62
CA THR B 432 4.65 -31.91 -18.69
C THR B 432 4.99 -33.32 -19.13
N LYS B 433 4.84 -34.31 -18.23
CA LYS B 433 5.08 -35.70 -18.56
C LYS B 433 6.45 -35.90 -19.18
N THR B 434 7.45 -35.25 -18.60
CA THR B 434 8.82 -35.35 -19.07
C THR B 434 9.75 -34.85 -17.97
N THR B 435 11.05 -34.91 -18.24
CA THR B 435 12.03 -34.57 -17.22
C THR B 435 11.95 -33.11 -16.80
N TYR B 436 11.79 -32.20 -17.76
CA TYR B 436 11.78 -30.79 -17.43
C TYR B 436 10.43 -30.37 -16.85
N TRP B 437 10.46 -29.31 -16.05
CA TRP B 437 9.25 -28.74 -15.48
C TRP B 437 9.53 -27.28 -15.14
N TRP B 438 8.49 -26.56 -14.75
CA TRP B 438 8.66 -25.15 -14.46
C TRP B 438 7.64 -24.69 -13.43
N ASP B 439 7.96 -23.56 -12.80
CA ASP B 439 7.09 -22.92 -11.82
C ASP B 439 7.53 -21.48 -11.68
N GLY B 440 6.65 -20.63 -11.15
CA GLY B 440 7.01 -19.24 -10.99
C GLY B 440 5.84 -18.43 -10.46
N LEU B 441 5.92 -17.12 -10.69
CA LEU B 441 4.92 -16.19 -10.22
C LEU B 441 4.42 -15.35 -11.38
N GLN B 442 3.12 -15.01 -11.32
CA GLN B 442 2.47 -14.22 -12.36
C GLN B 442 1.64 -13.14 -11.68
N SER B 443 1.93 -11.89 -12.03
CA SER B 443 1.17 -10.74 -11.54
C SER B 443 0.76 -9.91 -12.75
N SER B 444 -0.53 -9.91 -13.06
CA SER B 444 -1.04 -9.18 -14.21
C SER B 444 -0.32 -9.62 -15.48
N ASP B 445 0.36 -8.70 -16.16
CA ASP B 445 1.06 -9.02 -17.39
C ASP B 445 2.52 -9.42 -17.17
N ASP B 446 3.02 -9.32 -15.94
CA ASP B 446 4.40 -9.65 -15.63
C ASP B 446 4.49 -11.04 -15.05
N PHE B 447 5.62 -11.70 -15.28
CA PHE B 447 5.82 -13.06 -14.81
C PHE B 447 7.30 -13.32 -14.60
N ALA B 448 7.60 -14.11 -13.58
CA ALA B 448 8.94 -14.66 -13.37
C ALA B 448 8.83 -16.17 -13.45
N LEU B 449 9.62 -16.78 -14.31
CA LEU B 449 9.54 -18.22 -14.56
C LEU B 449 10.84 -18.89 -14.15
N ILE B 450 10.75 -20.14 -13.71
CA ILE B 450 11.90 -20.95 -13.36
C ILE B 450 11.70 -22.33 -13.96
N VAL B 451 12.68 -22.78 -14.73
CA VAL B 451 12.62 -24.07 -15.43
C VAL B 451 13.74 -24.95 -14.91
N ASN B 452 13.37 -26.15 -14.45
CA ASN B 452 14.31 -27.15 -13.98
C ASN B 452 14.33 -28.31 -14.96
N ALA B 453 15.53 -28.73 -15.36
CA ALA B 453 15.69 -29.83 -16.30
C ALA B 453 17.07 -30.44 -16.10
N PRO B 454 17.25 -31.70 -16.47
CA PRO B 454 18.57 -32.34 -16.24
C PRO B 454 19.72 -31.65 -16.95
N ASN B 455 19.51 -31.09 -18.15
CA ASN B 455 20.59 -30.52 -18.93
C ASN B 455 20.09 -29.28 -19.66
N HIS B 456 20.98 -28.65 -20.42
CA HIS B 456 20.63 -27.45 -21.16
C HIS B 456 19.57 -27.73 -22.22
N GLU B 457 19.67 -28.89 -22.87
CA GLU B 457 18.65 -29.24 -23.86
C GLU B 457 17.28 -29.32 -23.22
N GLY B 458 17.20 -29.89 -22.02
CA GLY B 458 15.94 -29.93 -21.31
C GLY B 458 15.43 -28.55 -20.95
N ILE B 459 16.35 -27.65 -20.58
CA ILE B 459 15.95 -26.28 -20.27
C ILE B 459 15.36 -25.61 -21.50
N GLN B 460 16.02 -25.78 -22.65
CA GLN B 460 15.50 -25.21 -23.88
C GLN B 460 14.15 -25.81 -24.23
N ALA B 461 14.00 -27.12 -24.05
CA ALA B 461 12.74 -27.77 -24.36
C ALA B 461 11.62 -27.22 -23.47
N GLY B 462 11.90 -27.06 -22.18
CA GLY B 462 10.89 -26.52 -21.28
C GLY B 462 10.52 -25.09 -21.63
N VAL B 463 11.51 -24.27 -21.97
CA VAL B 463 11.22 -22.90 -22.36
C VAL B 463 10.37 -22.87 -23.62
N ASP B 464 10.71 -23.69 -24.61
CA ASP B 464 9.92 -23.74 -25.83
C ASP B 464 8.51 -24.21 -25.55
N ARG B 465 8.35 -25.22 -24.70
CA ARG B 465 7.02 -25.71 -24.37
C ARG B 465 6.19 -24.63 -23.71
N PHE B 466 6.77 -23.90 -22.76
CA PHE B 466 6.04 -22.83 -22.10
C PHE B 466 5.67 -21.74 -23.09
N TYR B 467 6.60 -21.35 -23.95
CA TYR B 467 6.33 -20.30 -24.92
C TYR B 467 5.22 -20.70 -25.88
N ARG B 468 5.25 -21.95 -26.36
CA ARG B 468 4.23 -22.40 -27.30
C ARG B 468 2.88 -22.53 -26.63
N THR B 469 2.84 -23.01 -25.38
CA THR B 469 1.57 -23.07 -24.67
C THR B 469 1.00 -21.67 -24.46
N CYS B 470 1.85 -20.72 -24.08
CA CYS B 470 1.39 -19.35 -23.91
C CYS B 470 0.85 -18.78 -25.21
N LYS B 471 1.54 -19.03 -26.31
CA LYS B 471 1.04 -18.58 -27.62
C LYS B 471 -0.30 -19.22 -27.91
N LEU B 472 -0.46 -20.50 -27.60
CA LEU B 472 -1.70 -21.20 -27.85
C LEU B 472 -2.86 -20.57 -27.09
N VAL B 473 -2.63 -20.24 -25.81
CA VAL B 473 -3.71 -19.66 -24.99
C VAL B 473 -3.93 -18.19 -25.28
N GLY B 474 -3.04 -17.55 -26.04
CA GLY B 474 -3.18 -16.15 -26.37
C GLY B 474 -2.22 -15.21 -25.66
N ILE B 475 -1.19 -15.73 -25.01
CA ILE B 475 -0.21 -14.93 -24.29
C ILE B 475 1.09 -14.96 -25.06
N ASN B 476 1.61 -13.78 -25.39
CA ASN B 476 2.83 -13.65 -26.19
C ASN B 476 3.95 -13.16 -25.29
N MET B 477 5.06 -13.90 -25.29
CA MET B 477 6.23 -13.52 -24.51
C MET B 477 7.09 -12.59 -25.37
N SER B 478 7.38 -11.40 -24.84
CA SER B 478 8.16 -10.41 -25.57
C SER B 478 9.62 -10.88 -25.58
N LYS B 479 10.02 -11.55 -26.65
CA LYS B 479 11.39 -12.03 -26.75
C LYS B 479 12.38 -10.88 -26.75
N LYS B 480 11.93 -9.68 -27.11
CA LYS B 480 12.85 -8.56 -27.28
C LYS B 480 13.40 -8.06 -25.94
N LYS B 481 12.59 -8.09 -24.88
CA LYS B 481 12.98 -7.54 -23.58
C LYS B 481 13.12 -8.61 -22.51
N SER B 482 13.09 -9.89 -22.86
CA SER B 482 13.24 -10.98 -21.91
C SER B 482 14.62 -11.61 -22.03
N TYR B 483 15.06 -12.26 -20.95
CA TYR B 483 16.32 -12.97 -20.95
C TYR B 483 16.27 -14.07 -19.90
N ILE B 484 17.18 -15.03 -20.03
CA ILE B 484 17.23 -16.19 -19.16
C ILE B 484 18.63 -16.31 -18.58
N ASN B 485 18.72 -16.71 -17.31
CA ASN B 485 20.02 -16.88 -16.67
C ASN B 485 19.87 -17.83 -15.50
N ARG B 486 21.01 -18.34 -15.02
CA ARG B 486 20.98 -19.25 -13.88
C ARG B 486 20.16 -18.65 -12.75
N THR B 487 19.39 -19.49 -12.08
CA THR B 487 18.40 -19.02 -11.11
C THR B 487 19.10 -18.59 -9.81
N GLY B 488 19.89 -17.53 -9.94
CA GLY B 488 20.54 -16.92 -8.81
C GLY B 488 20.11 -15.48 -8.64
N THR B 489 19.75 -14.84 -9.74
CA THR B 489 19.28 -13.47 -9.74
C THR B 489 18.15 -13.32 -10.74
N PHE B 490 17.31 -12.31 -10.54
CA PHE B 490 16.22 -12.03 -11.46
C PHE B 490 15.62 -10.67 -11.11
N GLU B 491 14.62 -10.27 -11.88
CA GLU B 491 13.87 -9.04 -11.66
C GLU B 491 12.40 -9.31 -11.87
N PHE B 492 11.57 -8.58 -11.13
CA PHE B 492 10.12 -8.76 -11.22
C PHE B 492 9.45 -7.47 -10.78
N THR B 493 8.88 -6.73 -11.72
CA THR B 493 8.16 -5.49 -11.43
C THR B 493 9.01 -4.55 -10.59
N SER B 494 10.25 -4.36 -11.01
CA SER B 494 11.24 -3.47 -10.39
C SER B 494 11.77 -4.02 -9.07
N PHE B 495 11.37 -5.21 -8.66
CA PHE B 495 11.97 -5.87 -7.51
C PHE B 495 13.14 -6.71 -7.99
N PHE B 496 14.35 -6.36 -7.56
CA PHE B 496 15.57 -7.00 -8.02
C PHE B 496 16.06 -7.98 -6.98
N TYR B 497 16.16 -9.26 -7.35
CA TYR B 497 16.62 -10.32 -6.47
C TYR B 497 18.01 -10.72 -6.90
N ARG B 498 18.98 -10.59 -5.99
CA ARG B 498 20.34 -11.08 -6.18
C ARG B 498 20.70 -11.87 -4.94
N TYR B 499 20.36 -13.17 -4.94
CA TYR B 499 20.53 -14.00 -3.75
C TYR B 499 19.86 -13.35 -2.56
N GLY B 500 18.69 -12.76 -2.79
CA GLY B 500 18.00 -11.97 -1.78
C GLY B 500 17.53 -10.69 -2.44
N PHE B 501 16.40 -10.17 -1.94
CA PHE B 501 15.80 -8.98 -2.53
C PHE B 501 16.55 -7.75 -2.06
N VAL B 502 17.30 -7.13 -2.97
CA VAL B 502 18.02 -5.90 -2.67
C VAL B 502 17.08 -4.72 -2.88
N ALA B 503 16.99 -3.85 -1.88
CA ALA B 503 16.09 -2.72 -1.95
C ALA B 503 16.69 -1.63 -2.83
N ASN B 504 15.85 -1.02 -3.66
CA ASN B 504 16.23 0.13 -4.47
C ASN B 504 15.41 1.32 -3.98
N PHE B 505 16.11 2.42 -3.67
CA PHE B 505 15.48 3.58 -3.05
C PHE B 505 14.93 4.57 -4.07
N SER B 506 15.42 4.53 -5.32
CA SER B 506 15.01 5.52 -6.29
C SER B 506 13.51 5.47 -6.57
N MET B 507 12.93 4.27 -6.57
CA MET B 507 11.51 4.14 -6.92
C MET B 507 10.62 5.00 -6.02
N GLU B 508 11.02 5.19 -4.77
CA GLU B 508 10.23 5.96 -3.82
C GLU B 508 10.67 7.42 -3.70
N LEU B 509 11.66 7.84 -4.47
CA LEU B 509 12.10 9.23 -4.39
C LEU B 509 10.98 10.23 -4.66
N PRO B 510 10.11 10.04 -5.65
CA PRO B 510 9.03 11.02 -5.86
C PRO B 510 8.14 11.17 -4.65
N SER B 511 7.98 10.12 -3.84
CA SER B 511 7.15 10.21 -2.64
C SER B 511 7.75 11.13 -1.59
N PHE B 512 9.05 11.42 -1.65
CA PHE B 512 9.69 12.30 -0.69
C PHE B 512 9.41 13.74 -1.08
N GLY B 513 8.58 14.41 -0.28
CA GLY B 513 8.25 15.79 -0.56
C GLY B 513 6.94 16.16 0.09
N VAL B 514 6.53 17.40 -0.16
CA VAL B 514 5.27 17.92 0.37
C VAL B 514 4.14 17.34 -0.46
N SER B 515 3.33 16.47 0.15
CA SER B 515 2.29 15.77 -0.61
C SER B 515 1.26 16.74 -1.17
N GLY B 516 0.85 17.72 -0.38
CA GLY B 516 -0.11 18.70 -0.84
C GLY B 516 -1.52 18.41 -0.38
N ILE B 517 -1.67 17.88 0.82
CA ILE B 517 -2.98 17.66 1.42
C ILE B 517 -3.27 18.86 2.31
N ASN B 518 -2.44 19.06 3.32
CA ASN B 518 -2.47 20.26 4.16
C ASN B 518 -1.26 20.18 5.08
N GLU B 519 -1.09 21.19 5.92
CA GLU B 519 0.11 21.27 6.75
C GLU B 519 0.27 20.03 7.62
N SER B 520 -0.76 19.69 8.38
CA SER B 520 -0.66 18.57 9.32
C SER B 520 -0.53 17.25 8.56
N ALA B 521 -1.39 17.03 7.57
CA ALA B 521 -1.32 15.79 6.81
C ALA B 521 0.00 15.66 6.08
N ASP B 522 0.50 16.77 5.53
CA ASP B 522 1.79 16.72 4.83
C ASP B 522 2.93 16.37 5.78
N MET B 523 2.94 16.97 6.97
CA MET B 523 3.99 16.65 7.94
C MET B 523 3.93 15.17 8.33
N SER B 524 2.72 14.70 8.64
CA SER B 524 2.56 13.30 9.03
C SER B 524 2.99 12.37 7.93
N VAL B 525 2.60 12.67 6.68
CA VAL B 525 2.94 11.80 5.56
C VAL B 525 4.45 11.81 5.33
N GLY B 526 5.09 12.97 5.47
CA GLY B 526 6.54 13.01 5.27
C GLY B 526 7.28 12.17 6.29
N VAL B 527 6.93 12.31 7.56
CA VAL B 527 7.61 11.52 8.59
C VAL B 527 7.30 10.03 8.40
N THR B 528 6.05 9.71 8.08
CA THR B 528 5.69 8.31 7.86
C THR B 528 6.44 7.72 6.67
N VAL B 529 6.61 8.50 5.60
CA VAL B 529 7.34 8.03 4.45
C VAL B 529 8.80 7.77 4.81
N ILE B 530 9.41 8.68 5.56
CA ILE B 530 10.80 8.46 5.98
C ILE B 530 10.91 7.17 6.78
N LYS B 531 10.00 6.98 7.74
CA LYS B 531 10.05 5.78 8.58
C LYS B 531 9.83 4.52 7.76
N ASN B 532 8.85 4.55 6.85
CA ASN B 532 8.54 3.35 6.07
C ASN B 532 9.68 3.00 5.13
N ASN B 533 10.34 4.01 4.56
CA ASN B 533 11.48 3.72 3.70
C ASN B 533 12.67 3.23 4.51
N MET B 534 12.81 3.68 5.76
CA MET B 534 13.80 3.10 6.65
C MET B 534 13.52 1.63 6.87
N ILE B 535 12.25 1.28 7.13
CA ILE B 535 11.91 -0.11 7.44
C ILE B 535 12.06 -1.00 6.22
N ASN B 536 11.57 -0.55 5.06
CA ASN B 536 11.45 -1.37 3.87
C ASN B 536 12.60 -1.20 2.89
N ASN B 537 12.91 0.04 2.50
CA ASN B 537 13.82 0.29 1.39
C ASN B 537 15.27 0.47 1.84
N ASP B 538 15.57 0.16 3.11
CA ASP B 538 16.94 0.21 3.61
C ASP B 538 17.53 1.61 3.50
N LEU B 539 16.83 2.56 4.11
CA LEU B 539 17.30 3.94 4.19
C LEU B 539 18.11 4.10 5.46
N GLY B 540 19.38 4.48 5.32
CA GLY B 540 20.29 4.54 6.43
C GLY B 540 19.92 5.61 7.44
N PRO B 541 20.42 5.47 8.67
CA PRO B 541 20.09 6.47 9.70
C PRO B 541 20.50 7.89 9.31
N ALA B 542 21.75 8.07 8.88
CA ALA B 542 22.22 9.40 8.51
C ALA B 542 21.43 9.95 7.33
N THR B 543 21.19 9.11 6.33
CA THR B 543 20.37 9.54 5.20
C THR B 543 18.95 9.85 5.64
N ALA B 544 18.43 9.10 6.61
CA ALA B 544 17.09 9.41 7.13
C ALA B 544 17.07 10.77 7.79
N GLN B 545 18.11 11.09 8.57
CA GLN B 545 18.16 12.41 9.22
C GLN B 545 18.26 13.52 8.17
N MET B 546 19.09 13.32 7.14
CA MET B 546 19.20 14.34 6.10
C MET B 546 17.91 14.48 5.32
N ALA B 547 17.20 13.37 5.09
CA ALA B 547 15.89 13.44 4.46
C ALA B 547 14.91 14.21 5.32
N LEU B 548 14.97 14.02 6.65
CA LEU B 548 14.13 14.78 7.55
C LEU B 548 14.44 16.28 7.43
N GLN B 549 15.73 16.63 7.40
CA GLN B 549 16.10 18.03 7.28
C GLN B 549 15.60 18.62 5.97
N LEU B 550 15.81 17.90 4.86
CA LEU B 550 15.38 18.41 3.57
C LEU B 550 13.87 18.54 3.49
N PHE B 551 13.15 17.57 4.05
CA PHE B 551 11.70 17.64 4.04
C PHE B 551 11.22 18.83 4.85
N ILE B 552 11.85 19.09 6.01
CA ILE B 552 11.43 20.24 6.81
C ILE B 552 11.69 21.53 6.05
N LYS B 553 12.84 21.64 5.39
CA LYS B 553 13.14 22.83 4.61
C LYS B 553 12.11 23.05 3.51
N ASP B 554 11.82 21.98 2.75
CA ASP B 554 10.86 22.08 1.66
C ASP B 554 9.47 22.41 2.19
N TYR B 555 9.08 21.80 3.30
CA TYR B 555 7.79 22.06 3.91
C TYR B 555 7.66 23.52 4.32
N ARG B 556 8.70 24.04 4.99
CA ARG B 556 8.69 25.44 5.39
C ARG B 556 8.57 26.37 4.19
N TYR B 557 9.33 26.09 3.14
CA TYR B 557 9.26 26.95 1.95
C TYR B 557 7.90 26.86 1.29
N THR B 558 7.32 25.66 1.21
CA THR B 558 6.06 25.47 0.52
C THR B 558 4.92 26.16 1.26
N TYR B 559 4.87 26.02 2.58
CA TYR B 559 3.78 26.56 3.37
C TYR B 559 4.10 27.90 4.00
N ARG B 560 5.26 28.49 3.68
CA ARG B 560 5.62 29.82 4.17
C ARG B 560 5.51 29.89 5.69
N CYS B 561 6.01 28.83 6.35
CA CYS B 561 5.92 28.73 7.81
C CYS B 561 7.32 28.66 8.41
N HIS B 562 8.22 29.52 7.95
CA HIS B 562 9.56 29.56 8.51
C HIS B 562 9.53 29.93 9.99
N ARG B 563 10.62 29.62 10.67
CA ARG B 563 10.70 29.91 12.10
C ARG B 563 10.52 31.40 12.36
N GLY B 564 9.83 31.72 13.45
CA GLY B 564 9.65 33.11 13.83
C GLY B 564 10.96 33.84 14.07
N ASP B 565 12.03 33.10 14.38
CA ASP B 565 13.33 33.73 14.60
C ASP B 565 13.84 34.38 13.32
N THR B 566 13.68 33.71 12.18
CA THR B 566 14.24 34.21 10.93
C THR B 566 13.45 35.43 10.44
N GLN B 567 14.08 36.19 9.55
CA GLN B 567 13.50 37.40 8.98
C GLN B 567 13.07 37.20 7.53
N ILE B 568 12.98 35.95 7.08
CA ILE B 568 12.46 35.68 5.75
C ILE B 568 11.12 36.37 5.58
N GLN B 569 10.97 37.11 4.49
CA GLN B 569 9.80 37.94 4.26
C GLN B 569 8.80 37.18 3.38
N THR B 570 7.60 36.98 3.91
CA THR B 570 6.51 36.35 3.19
C THR B 570 5.21 36.95 3.69
N ARG B 571 4.13 36.67 2.96
CA ARG B 571 2.83 37.22 3.34
C ARG B 571 2.44 36.79 4.75
N ARG B 572 2.87 35.60 5.16
CA ARG B 572 2.54 35.01 6.45
C ARG B 572 3.59 35.33 7.52
N ALA B 573 4.65 36.05 7.18
CA ALA B 573 5.74 36.26 8.13
C ALA B 573 5.27 37.09 9.33
N PHE B 574 4.43 38.09 9.10
CA PHE B 574 4.04 38.98 10.20
C PHE B 574 3.28 38.22 11.28
N GLU B 575 2.28 37.43 10.90
CA GLU B 575 1.51 36.69 11.89
C GLU B 575 2.38 35.69 12.62
N LEU B 576 3.27 35.00 11.89
CA LEU B 576 4.17 34.05 12.53
C LEU B 576 5.06 34.74 13.54
N GLY B 577 5.58 35.91 13.20
CA GLY B 577 6.42 36.64 14.14
C GLY B 577 5.66 37.09 15.36
N LYS B 578 4.45 37.59 15.17
CA LYS B 578 3.64 38.01 16.32
C LYS B 578 3.35 36.83 17.24
N LEU B 579 2.99 35.68 16.66
CA LEU B 579 2.75 34.50 17.48
C LEU B 579 4.02 34.05 18.19
N TRP B 580 5.15 34.04 17.48
CA TRP B 580 6.41 33.61 18.07
C TRP B 580 6.79 34.49 19.25
N GLU B 581 6.62 35.80 19.11
CA GLU B 581 6.90 36.70 20.23
C GLU B 581 5.87 36.54 21.34
N GLN B 582 4.65 36.12 21.02
CA GLN B 582 3.62 36.01 22.03
C GLN B 582 3.83 34.80 22.94
N THR B 583 4.20 33.66 22.37
CA THR B 583 4.35 32.45 23.17
C THR B 583 5.62 32.50 24.00
N ARG B 584 5.62 31.72 25.09
CA ARG B 584 6.75 31.61 26.00
C ARG B 584 7.51 30.31 25.79
N SER B 585 6.80 29.19 25.65
CA SER B 585 7.43 27.89 25.39
C SER B 585 7.58 27.73 23.88
N LYS B 586 8.61 28.38 23.33
CA LYS B 586 8.79 28.41 21.89
C LYS B 586 9.12 27.04 21.31
N ALA B 587 9.51 26.08 22.14
CA ALA B 587 9.77 24.73 21.65
C ALA B 587 8.49 23.98 21.33
N GLY B 588 7.36 24.37 21.91
CA GLY B 588 6.11 23.68 21.69
C GLY B 588 5.36 24.07 20.45
N LEU B 589 5.75 25.17 19.80
CA LEU B 589 5.05 25.61 18.61
C LEU B 589 5.18 24.58 17.49
N LEU B 590 4.10 24.39 16.75
CA LEU B 590 4.14 23.50 15.60
C LEU B 590 4.97 24.11 14.48
N VAL B 591 5.61 23.25 13.69
CA VAL B 591 6.40 23.74 12.56
C VAL B 591 5.52 24.54 11.61
N SER B 592 4.25 24.19 11.50
CA SER B 592 3.32 24.99 10.72
C SER B 592 3.20 26.40 11.28
N ASP B 593 3.44 26.57 12.58
CA ASP B 593 3.38 27.87 13.22
C ASP B 593 4.77 28.45 13.48
N GLY B 594 5.78 27.99 12.75
CA GLY B 594 7.11 28.53 12.91
C GLY B 594 7.89 27.95 14.05
N GLY B 595 7.46 26.83 14.62
CA GLY B 595 8.18 26.21 15.70
C GLY B 595 9.39 25.46 15.22
N PRO B 596 10.19 24.98 16.15
CA PRO B 596 11.40 24.23 15.81
C PRO B 596 11.07 22.80 15.41
N ASN B 597 12.07 22.14 14.86
CA ASN B 597 11.96 20.75 14.42
C ASN B 597 12.58 19.85 15.48
N LEU B 598 11.73 19.15 16.23
CA LEU B 598 12.17 18.24 17.27
C LEU B 598 12.24 16.79 16.80
N TYR B 599 11.91 16.52 15.54
CA TYR B 599 11.88 15.16 15.05
C TYR B 599 13.29 14.57 14.96
N ASN B 600 13.39 13.27 15.19
CA ASN B 600 14.63 12.53 15.01
C ASN B 600 14.27 11.08 14.73
N ILE B 601 15.29 10.24 14.58
CA ILE B 601 15.06 8.85 14.20
C ILE B 601 14.17 8.16 15.23
N ARG B 602 14.38 8.44 16.51
CA ARG B 602 13.67 7.70 17.55
C ARG B 602 12.17 7.97 17.51
N ASN B 603 11.78 9.22 17.27
CA ASN B 603 10.38 9.62 17.39
C ASN B 603 9.72 9.88 16.03
N LEU B 604 10.17 9.19 14.99
CA LEU B 604 9.57 9.37 13.68
C LEU B 604 8.12 8.92 13.63
N HIS B 605 7.70 8.04 14.55
CA HIS B 605 6.36 7.45 14.51
C HIS B 605 5.36 8.20 15.36
N ILE B 606 5.75 9.26 16.04
CA ILE B 606 4.87 10.02 16.92
C ILE B 606 4.34 11.23 16.15
N PRO B 607 3.02 11.44 16.08
CA PRO B 607 2.53 12.64 15.40
C PRO B 607 3.02 13.91 16.07
N GLU B 608 3.14 14.96 15.27
CA GLU B 608 3.77 16.19 15.75
C GLU B 608 3.04 16.76 16.96
N VAL B 609 1.70 16.79 16.92
CA VAL B 609 0.95 17.40 18.01
C VAL B 609 1.24 16.66 19.32
N CYS B 610 1.24 15.33 19.28
CA CYS B 610 1.55 14.56 20.49
C CYS B 610 3.04 14.59 20.80
N LEU B 611 3.89 14.74 19.78
CA LEU B 611 5.33 14.76 20.01
C LEU B 611 5.75 15.89 20.94
N LYS B 612 4.96 16.97 20.96
CA LYS B 612 5.29 18.14 21.78
C LYS B 612 4.08 18.63 22.55
N TRP B 613 3.15 17.74 22.87
CA TRP B 613 1.93 18.14 23.56
C TRP B 613 2.23 18.78 24.90
N GLU B 614 3.33 18.40 25.55
CA GLU B 614 3.66 18.91 26.87
C GLU B 614 4.47 20.19 26.84
N LEU B 615 4.98 20.60 25.67
CA LEU B 615 5.78 21.81 25.55
C LEU B 615 4.97 23.01 25.07
N MET B 616 3.67 22.85 24.87
CA MET B 616 2.85 23.93 24.33
C MET B 616 2.18 24.71 25.44
N ASP B 617 1.99 26.01 25.20
CA ASP B 617 1.26 26.85 26.14
C ASP B 617 -0.19 26.39 26.25
N GLU B 618 -0.79 26.65 27.41
CA GLU B 618 -2.19 26.30 27.60
C GLU B 618 -3.07 27.05 26.61
N ASP B 619 -2.83 28.36 26.43
CA ASP B 619 -3.65 29.13 25.51
C ASP B 619 -3.41 28.70 24.07
N TYR B 620 -2.15 28.50 23.68
CA TYR B 620 -1.85 28.02 22.33
C TYR B 620 -2.43 26.64 22.10
N GLN B 621 -2.32 25.76 23.10
CA GLN B 621 -2.88 24.42 22.96
C GLN B 621 -4.39 24.47 22.79
N GLY B 622 -5.07 25.31 23.58
CA GLY B 622 -6.51 25.43 23.44
C GLY B 622 -6.92 26.01 22.10
N ARG B 623 -6.19 27.02 21.63
CA ARG B 623 -6.53 27.64 20.35
C ARG B 623 -6.33 26.67 19.20
N LEU B 624 -5.18 25.98 19.18
CA LEU B 624 -4.88 25.10 18.06
C LEU B 624 -5.86 23.94 17.99
N CYS B 625 -6.03 23.22 19.09
CA CYS B 625 -6.90 22.05 19.12
C CYS B 625 -8.29 22.43 19.60
N ASN B 626 -8.89 23.37 18.90
CA ASN B 626 -10.24 23.84 19.20
C ASN B 626 -11.22 23.22 18.22
N PRO B 627 -12.10 22.31 18.65
CA PRO B 627 -13.04 21.70 17.69
C PRO B 627 -13.99 22.70 17.07
N MET B 628 -14.17 23.88 17.68
CA MET B 628 -15.08 24.89 17.14
C MET B 628 -14.48 25.68 15.99
N ASN B 629 -13.21 25.47 15.66
CA ASN B 629 -12.57 26.26 14.61
C ASN B 629 -13.26 25.98 13.27
N PRO B 630 -13.34 26.99 12.39
CA PRO B 630 -14.03 26.79 11.12
C PRO B 630 -13.21 26.09 10.05
N PHE B 631 -11.90 25.91 10.25
CA PHE B 631 -11.05 25.38 9.20
C PHE B 631 -11.19 23.87 9.01
N VAL B 632 -11.69 23.16 10.02
CA VAL B 632 -11.73 21.70 9.98
C VAL B 632 -13.11 21.26 9.50
N SER B 633 -13.12 20.39 8.49
CA SER B 633 -14.35 19.80 7.97
C SER B 633 -14.12 18.30 7.82
N HIS B 634 -15.08 17.50 8.28
CA HIS B 634 -14.95 16.05 8.29
C HIS B 634 -15.98 15.44 7.35
N LYS B 635 -15.49 14.66 6.38
CA LYS B 635 -16.35 13.92 5.47
C LYS B 635 -16.56 12.50 6.04
N GLU B 636 -17.11 11.60 5.22
CA GLU B 636 -17.30 10.22 5.60
C GLU B 636 -16.06 9.64 6.27
N ILE B 637 -16.24 8.63 7.11
CA ILE B 637 -15.13 8.13 7.93
C ILE B 637 -13.99 7.62 7.06
N ASP B 638 -14.32 6.95 5.95
CA ASP B 638 -13.28 6.34 5.14
C ASP B 638 -12.27 7.35 4.62
N SER B 639 -12.63 8.63 4.59
CA SER B 639 -11.73 9.69 4.16
C SER B 639 -10.96 10.31 5.30
N VAL B 640 -11.16 9.84 6.54
CA VAL B 640 -10.51 10.43 7.70
C VAL B 640 -9.09 9.89 7.82
N ASN B 641 -8.12 10.80 7.92
CA ASN B 641 -6.72 10.45 8.09
C ASN B 641 -6.25 9.50 6.98
N ASN B 642 -6.88 9.57 5.82
CA ASN B 642 -6.54 8.73 4.68
C ASN B 642 -6.36 9.62 3.45
N ALA B 643 -5.25 9.44 2.74
CA ALA B 643 -4.93 10.25 1.58
C ALA B 643 -4.69 9.33 0.39
N VAL B 644 -4.76 9.91 -0.81
CA VAL B 644 -4.53 9.19 -2.05
C VAL B 644 -3.17 9.62 -2.59
N VAL B 645 -2.26 8.66 -2.73
CA VAL B 645 -0.90 8.91 -3.20
C VAL B 645 -0.63 8.00 -4.40
N MET B 646 -0.18 8.60 -5.49
CA MET B 646 0.11 7.84 -6.70
C MET B 646 1.61 7.59 -6.78
N PRO B 647 2.07 6.34 -6.69
CA PRO B 647 3.52 6.10 -6.76
C PRO B 647 4.08 6.30 -8.16
N ALA B 648 5.38 6.11 -8.31
CA ALA B 648 5.99 6.20 -9.64
C ALA B 648 5.42 5.12 -10.56
N HIS B 649 5.27 3.90 -10.04
CA HIS B 649 4.74 2.78 -10.80
C HIS B 649 3.50 2.23 -10.10
N GLY B 650 2.49 1.89 -10.89
CA GLY B 650 1.28 1.29 -10.35
C GLY B 650 0.17 2.31 -10.16
N PRO B 651 -0.98 1.85 -9.69
CA PRO B 651 -2.14 2.73 -9.54
C PRO B 651 -2.07 3.52 -8.24
N ALA B 652 -3.02 4.45 -8.10
CA ALA B 652 -3.10 5.26 -6.90
C ALA B 652 -3.42 4.39 -5.69
N LYS B 653 -2.65 4.55 -4.63
CA LYS B 653 -2.84 3.83 -3.38
C LYS B 653 -3.43 4.76 -2.32
N SER B 654 -3.95 4.15 -1.27
CA SER B 654 -4.48 4.88 -0.12
C SER B 654 -3.49 4.74 1.03
N MET B 655 -2.98 5.87 1.49
CA MET B 655 -2.02 5.92 2.58
C MET B 655 -2.70 6.44 3.84
N GLU B 656 -2.50 5.72 4.94
CA GLU B 656 -3.05 6.11 6.23
C GLU B 656 -1.94 6.75 7.06
N TYR B 657 -2.19 7.97 7.53
CA TYR B 657 -1.23 8.74 8.31
C TYR B 657 -1.83 9.06 9.67
N ASP B 658 -0.96 9.27 10.65
CA ASP B 658 -1.36 9.64 12.00
C ASP B 658 -1.31 11.14 12.15
N ALA B 659 -2.42 11.74 12.56
CA ALA B 659 -2.48 13.18 12.76
C ALA B 659 -3.65 13.53 13.65
N VAL B 660 -3.54 14.67 14.31
CA VAL B 660 -4.58 15.18 15.20
C VAL B 660 -5.34 16.28 14.48
N ALA B 661 -6.66 16.25 14.57
CA ALA B 661 -7.50 17.24 13.93
C ALA B 661 -7.25 18.60 14.57
N THR B 662 -6.57 19.49 13.84
CA THR B 662 -6.26 20.83 14.33
C THR B 662 -6.69 21.88 13.32
N THR B 663 -6.32 23.14 13.56
CA THR B 663 -6.60 24.18 12.59
C THR B 663 -5.77 24.04 11.32
N HIS B 664 -4.76 23.18 11.33
CA HIS B 664 -3.92 22.93 10.17
C HIS B 664 -4.44 21.79 9.31
N SER B 665 -5.68 21.35 9.52
CA SER B 665 -6.32 20.31 8.72
C SER B 665 -7.35 20.89 7.76
N TRP B 666 -7.06 22.06 7.20
CA TRP B 666 -7.98 22.72 6.28
C TRP B 666 -7.99 22.00 4.93
N ILE B 667 -8.87 22.43 4.05
CA ILE B 667 -9.04 21.86 2.72
C ILE B 667 -8.75 22.97 1.70
N PRO B 668 -7.99 22.70 0.66
CA PRO B 668 -7.71 23.75 -0.34
C PRO B 668 -8.93 24.06 -1.19
N LYS B 669 -8.82 25.14 -1.95
CA LYS B 669 -9.93 25.61 -2.77
C LYS B 669 -10.11 24.72 -3.99
N ARG B 670 -11.29 24.83 -4.60
CA ARG B 670 -11.68 24.01 -5.75
C ARG B 670 -11.50 24.78 -7.05
N ASN B 671 -11.45 24.02 -8.14
CA ASN B 671 -11.37 24.62 -9.47
C ASN B 671 -12.67 25.35 -9.78
N ARG B 672 -12.55 26.50 -10.44
CA ARG B 672 -13.70 27.34 -10.76
C ARG B 672 -13.96 27.48 -12.25
N SER B 673 -13.16 26.85 -13.11
CA SER B 673 -13.33 27.02 -14.55
C SER B 673 -14.70 26.54 -15.00
N ILE B 674 -15.32 25.62 -14.26
CA ILE B 674 -16.65 25.15 -14.61
C ILE B 674 -17.66 26.27 -14.65
N LEU B 675 -17.36 27.41 -14.01
CA LEU B 675 -18.25 28.56 -14.05
C LEU B 675 -18.38 29.16 -15.44
N ASN B 676 -17.45 28.86 -16.36
CA ASN B 676 -17.46 29.43 -17.70
C ASN B 676 -17.83 28.40 -18.76
N THR B 677 -18.69 27.45 -18.43
CA THR B 677 -19.12 26.41 -19.36
C THR B 677 -20.63 26.25 -19.26
N SER B 678 -21.17 25.38 -20.11
CA SER B 678 -22.60 25.07 -20.07
C SER B 678 -22.97 24.16 -18.90
N GLN B 679 -21.99 23.48 -18.31
CA GLN B 679 -22.23 22.57 -17.20
C GLN B 679 -22.21 23.28 -15.85
N ARG B 680 -22.19 24.61 -15.83
CA ARG B 680 -22.17 25.34 -14.56
C ARG B 680 -23.37 24.96 -13.70
N GLY B 681 -24.51 24.64 -14.32
CA GLY B 681 -25.71 24.40 -13.55
C GLY B 681 -25.53 23.31 -12.50
N ILE B 682 -24.82 22.24 -12.86
CA ILE B 682 -24.63 21.15 -11.92
C ILE B 682 -24.01 21.65 -10.64
N LEU B 683 -23.07 22.59 -10.74
CA LEU B 683 -22.46 23.16 -9.55
C LEU B 683 -23.53 23.64 -8.59
N GLU B 684 -24.47 24.45 -9.08
CA GLU B 684 -25.56 24.90 -8.23
C GLU B 684 -26.26 23.70 -7.59
N ASP B 685 -26.65 22.73 -8.42
CA ASP B 685 -27.30 21.54 -7.89
C ASP B 685 -26.45 20.92 -6.78
N GLU B 686 -25.14 20.79 -7.02
CA GLU B 686 -24.27 20.22 -6.01
C GLU B 686 -24.47 20.93 -4.69
N GLN B 687 -24.39 22.26 -4.70
CA GLN B 687 -24.56 23.02 -3.47
C GLN B 687 -25.84 22.60 -2.76
N MET B 688 -26.96 22.57 -3.51
CA MET B 688 -28.23 22.21 -2.90
C MET B 688 -28.09 20.88 -2.17
N TYR B 689 -27.57 19.87 -2.86
CA TYR B 689 -27.43 18.56 -2.23
C TYR B 689 -26.73 18.70 -0.90
N GLN B 690 -25.56 19.35 -0.90
CA GLN B 690 -24.80 19.47 0.33
C GLN B 690 -25.67 20.03 1.44
N LYS B 691 -26.35 21.15 1.14
CA LYS B 691 -27.24 21.73 2.13
C LYS B 691 -28.12 20.66 2.75
N CYS B 692 -28.89 19.98 1.92
CA CYS B 692 -29.79 18.94 2.43
C CYS B 692 -29.00 17.92 3.23
N CYS B 693 -27.92 17.40 2.64
CA CYS B 693 -27.13 16.39 3.35
C CYS B 693 -26.64 16.93 4.68
N ASN B 694 -26.19 18.19 4.71
CA ASN B 694 -25.74 18.75 5.97
C ASN B 694 -26.86 18.73 6.99
N LEU B 695 -28.07 19.12 6.58
CA LEU B 695 -29.18 19.12 7.52
C LEU B 695 -29.44 17.71 8.05
N PHE B 696 -29.17 16.69 7.24
CA PHE B 696 -29.34 15.32 7.70
C PHE B 696 -28.35 15.00 8.82
N GLU B 697 -27.12 15.50 8.69
CA GLU B 697 -26.12 15.25 9.73
C GLU B 697 -26.58 15.80 11.07
N LYS B 698 -27.13 17.02 11.07
CA LYS B 698 -27.67 17.61 12.29
C LYS B 698 -28.83 16.79 12.85
N PHE B 699 -29.44 15.95 12.02
CA PHE B 699 -30.58 15.14 12.45
C PHE B 699 -30.19 13.70 12.77
N PHE B 700 -29.30 13.11 11.99
CA PHE B 700 -28.83 11.73 12.18
C PHE B 700 -27.33 11.78 12.43
N PRO B 701 -26.89 11.89 13.69
CA PRO B 701 -25.44 12.06 13.93
C PRO B 701 -24.59 10.93 13.39
N SER B 702 -25.11 9.70 13.34
CA SER B 702 -24.33 8.55 12.92
C SER B 702 -24.33 8.36 11.42
N SER B 703 -24.97 9.24 10.66
CA SER B 703 -25.13 9.01 9.23
C SER B 703 -23.78 8.91 8.51
N SER B 704 -22.84 9.80 8.85
CA SER B 704 -21.57 9.79 8.14
C SER B 704 -20.68 8.64 8.58
N TYR B 705 -20.84 8.16 9.82
CA TYR B 705 -20.03 7.03 10.27
C TYR B 705 -20.46 5.75 9.59
N ARG B 706 -21.76 5.44 9.63
CA ARG B 706 -22.32 4.27 8.94
C ARG B 706 -23.42 4.73 8.00
N ARG B 707 -23.40 4.22 6.78
CA ARG B 707 -24.37 4.65 5.78
C ARG B 707 -25.77 4.23 6.21
N PRO B 708 -26.73 5.15 6.28
CA PRO B 708 -28.09 4.76 6.63
C PRO B 708 -28.73 3.95 5.52
N VAL B 709 -29.73 3.16 5.89
CA VAL B 709 -30.50 2.35 4.95
C VAL B 709 -31.98 2.57 5.23
N GLY B 710 -32.77 2.72 4.16
CA GLY B 710 -34.19 2.91 4.31
C GLY B 710 -34.89 3.27 3.00
N ILE B 711 -36.11 2.76 2.83
CA ILE B 711 -36.89 3.09 1.65
C ILE B 711 -37.58 4.44 1.81
N SER B 712 -37.72 4.94 3.04
CA SER B 712 -38.45 6.17 3.27
C SER B 712 -37.69 7.37 2.71
N SER B 713 -38.43 8.43 2.43
CA SER B 713 -37.84 9.66 1.95
C SER B 713 -37.16 10.41 3.10
N MET B 714 -36.37 11.43 2.72
CA MET B 714 -35.64 12.19 3.73
C MET B 714 -36.60 12.84 4.72
N VAL B 715 -37.63 13.52 4.22
CA VAL B 715 -38.47 14.35 5.08
C VAL B 715 -39.21 13.47 6.10
N GLU B 716 -39.65 12.29 5.70
CA GLU B 716 -40.39 11.42 6.61
C GLU B 716 -39.53 11.05 7.82
N ALA B 717 -38.32 10.54 7.57
CA ALA B 717 -37.44 10.18 8.67
C ALA B 717 -37.07 11.40 9.49
N MET B 718 -36.84 12.54 8.82
CA MET B 718 -36.48 13.75 9.53
C MET B 718 -37.58 14.15 10.52
N VAL B 719 -38.83 14.18 10.06
CA VAL B 719 -39.93 14.61 10.93
C VAL B 719 -40.14 13.59 12.05
N SER B 720 -40.03 12.30 11.74
CA SER B 720 -40.17 11.29 12.79
C SER B 720 -39.13 11.50 13.88
N ARG B 721 -37.86 11.62 13.48
CA ARG B 721 -36.81 11.83 14.46
C ARG B 721 -37.02 13.13 15.23
N ALA B 722 -37.47 14.18 14.54
CA ALA B 722 -37.71 15.46 15.21
C ALA B 722 -38.75 15.32 16.30
N ARG B 723 -39.89 14.69 15.98
CA ARG B 723 -40.94 14.52 16.98
C ARG B 723 -40.45 13.70 18.17
N ILE B 724 -39.78 12.58 17.89
CA ILE B 724 -39.35 11.70 18.97
C ILE B 724 -38.33 12.40 19.86
N ASP B 725 -37.34 13.06 19.24
CA ASP B 725 -36.32 13.76 20.01
C ASP B 725 -36.95 14.88 20.83
N ALA B 726 -37.90 15.62 20.25
CA ALA B 726 -38.55 16.69 20.98
C ALA B 726 -39.27 16.15 22.21
N ARG B 727 -40.02 15.07 22.04
CA ARG B 727 -40.75 14.52 23.17
C ARG B 727 -39.78 14.03 24.26
N ILE B 728 -38.71 13.35 23.85
CA ILE B 728 -37.76 12.85 24.83
C ILE B 728 -37.09 14.00 25.58
N ASP B 729 -36.69 15.04 24.85
CA ASP B 729 -36.03 16.18 25.48
C ASP B 729 -36.97 16.88 26.45
N PHE B 730 -38.23 17.08 26.06
CA PHE B 730 -39.18 17.70 26.97
C PHE B 730 -39.40 16.84 28.20
N GLU B 731 -39.47 15.52 28.02
CA GLU B 731 -39.65 14.62 29.16
C GLU B 731 -38.46 14.72 30.12
N SER B 732 -37.24 14.80 29.58
CA SER B 732 -36.07 14.91 30.43
C SER B 732 -36.07 16.18 31.27
N GLY B 733 -36.86 17.19 30.87
CA GLY B 733 -36.90 18.44 31.60
C GLY B 733 -35.81 19.42 31.23
N ARG B 734 -35.08 19.19 30.15
CA ARG B 734 -34.02 20.10 29.73
C ARG B 734 -34.52 21.31 28.96
N ILE B 735 -35.78 21.29 28.51
CA ILE B 735 -36.33 22.35 27.67
C ILE B 735 -37.68 22.78 28.25
N LYS B 736 -37.96 24.07 28.18
CA LYS B 736 -39.22 24.61 28.67
C LYS B 736 -40.36 24.25 27.70
N LYS B 737 -41.58 24.39 28.20
CA LYS B 737 -42.75 24.02 27.40
C LYS B 737 -42.88 24.87 26.15
N GLU B 738 -42.51 26.15 26.23
CA GLU B 738 -42.68 27.03 25.06
C GLU B 738 -41.85 26.54 23.89
N GLU B 739 -40.59 26.14 24.13
CA GLU B 739 -39.75 25.65 23.04
C GLU B 739 -40.31 24.37 22.45
N PHE B 740 -40.79 23.46 23.29
CA PHE B 740 -41.37 22.22 22.80
C PHE B 740 -42.58 22.51 21.92
N ALA B 741 -43.46 23.41 22.37
CA ALA B 741 -44.63 23.75 21.58
C ALA B 741 -44.23 24.37 20.25
N GLU B 742 -43.24 25.27 20.27
CA GLU B 742 -42.83 25.91 19.04
C GLU B 742 -42.24 24.91 18.05
N ILE B 743 -41.39 23.99 18.52
CA ILE B 743 -40.81 23.01 17.63
C ILE B 743 -41.88 22.07 17.10
N MET B 744 -42.88 21.73 17.94
CA MET B 744 -43.96 20.88 17.45
C MET B 744 -44.78 21.59 16.38
N LYS B 745 -45.03 22.89 16.57
CA LYS B 745 -45.75 23.65 15.54
C LYS B 745 -44.95 23.70 14.24
N ILE B 746 -43.64 23.91 14.34
CA ILE B 746 -42.81 23.95 13.13
C ILE B 746 -42.77 22.58 12.47
N CYS B 747 -42.79 21.50 13.27
CA CYS B 747 -42.83 20.16 12.69
C CYS B 747 -44.13 19.93 11.95
N SER B 748 -45.25 20.39 12.51
CA SER B 748 -46.51 20.30 11.79
C SER B 748 -46.45 21.10 10.49
N THR B 749 -45.86 22.29 10.54
CA THR B 749 -45.68 23.09 9.34
C THR B 749 -44.89 22.33 8.28
N ILE B 750 -43.78 21.70 8.70
CA ILE B 750 -42.96 20.93 7.77
C ILE B 750 -43.75 19.80 7.17
N GLU B 751 -44.50 19.07 8.00
CA GLU B 751 -45.28 17.96 7.49
C GLU B 751 -46.30 18.41 6.46
N GLU B 752 -46.99 19.53 6.72
CA GLU B 752 -47.98 20.00 5.76
C GLU B 752 -47.32 20.48 4.47
N LEU B 753 -46.19 21.20 4.58
CA LEU B 753 -45.49 21.62 3.36
C LEU B 753 -44.96 20.43 2.57
N ARG B 754 -44.71 19.31 3.23
CA ARG B 754 -44.23 18.13 2.52
C ARG B 754 -45.24 17.67 1.47
N ARG B 755 -46.52 17.87 1.74
CA ARG B 755 -47.55 17.43 0.80
C ARG B 755 -47.68 18.36 -0.40
N GLN B 756 -47.17 19.59 -0.30
CA GLN B 756 -47.21 20.53 -1.41
C GLN B 756 -45.90 21.32 -1.49
N MET C 1 -33.91 23.26 18.14
CA MET C 1 -34.60 24.50 17.70
C MET C 1 -34.03 24.96 16.37
N GLU C 2 -32.70 25.10 16.31
CA GLU C 2 -32.06 25.53 15.08
C GLU C 2 -32.31 24.54 13.95
N ARG C 3 -32.33 23.24 14.24
CA ARG C 3 -32.47 22.25 13.20
C ARG C 3 -33.81 22.39 12.48
N ILE C 4 -34.88 22.57 13.24
CA ILE C 4 -36.21 22.65 12.65
C ILE C 4 -36.36 23.95 11.87
N LYS C 5 -35.77 25.04 12.36
CA LYS C 5 -35.80 26.29 11.60
C LYS C 5 -35.07 26.14 10.28
N GLU C 6 -33.92 25.47 10.29
CA GLU C 6 -33.18 25.24 9.05
C GLU C 6 -34.00 24.38 8.10
N LEU C 7 -34.67 23.34 8.61
CA LEU C 7 -35.53 22.53 7.76
C LEU C 7 -36.67 23.34 7.18
N ARG C 8 -37.25 24.25 7.97
CA ARG C 8 -38.31 25.12 7.46
C ARG C 8 -37.79 25.96 6.31
N ASP C 9 -36.67 26.66 6.51
CA ASP C 9 -36.12 27.47 5.43
C ASP C 9 -35.77 26.61 4.23
N LEU C 10 -35.34 25.36 4.46
CA LEU C 10 -34.97 24.47 3.36
C LEU C 10 -36.19 24.09 2.54
N MET C 11 -37.30 23.79 3.21
CA MET C 11 -38.55 23.49 2.53
C MET C 11 -39.19 24.74 1.93
N SER C 12 -38.73 25.94 2.32
CA SER C 12 -39.26 27.15 1.71
C SER C 12 -39.02 27.17 0.21
N GLN C 13 -37.83 26.77 -0.23
CA GLN C 13 -37.53 26.73 -1.65
C GLN C 13 -38.25 25.56 -2.32
N SER C 14 -38.33 25.64 -3.64
CA SER C 14 -39.05 24.63 -4.43
C SER C 14 -38.11 23.52 -4.92
N ARG C 15 -36.95 23.89 -5.46
CA ARG C 15 -36.01 22.88 -5.92
C ARG C 15 -35.51 22.02 -4.76
N THR C 16 -35.21 22.65 -3.63
CA THR C 16 -34.80 21.90 -2.45
C THR C 16 -35.94 21.03 -1.94
N ARG C 17 -37.17 21.55 -1.97
CA ARG C 17 -38.31 20.75 -1.55
C ARG C 17 -38.45 19.51 -2.44
N GLU C 18 -38.20 19.67 -3.74
CA GLU C 18 -38.21 18.52 -4.63
C GLU C 18 -37.11 17.54 -4.28
N ILE C 19 -35.91 18.05 -3.98
CA ILE C 19 -34.79 17.16 -3.67
C ILE C 19 -35.09 16.34 -2.42
N LEU C 20 -35.57 17.01 -1.37
CA LEU C 20 -35.79 16.33 -0.09
C LEU C 20 -36.86 15.27 -0.20
N THR C 21 -37.94 15.55 -0.92
CA THR C 21 -39.12 14.70 -0.92
C THR C 21 -39.09 13.61 -1.97
N LYS C 22 -38.08 13.57 -2.84
CA LYS C 22 -38.03 12.60 -3.94
C LYS C 22 -36.76 11.78 -3.92
N THR C 23 -35.96 11.86 -2.86
CA THR C 23 -34.75 11.07 -2.72
C THR C 23 -34.86 10.24 -1.45
N THR C 24 -34.66 8.93 -1.58
CA THR C 24 -34.76 8.04 -0.44
C THR C 24 -33.51 8.14 0.43
N VAL C 25 -33.67 7.80 1.71
CA VAL C 25 -32.55 7.82 2.63
C VAL C 25 -31.44 6.90 2.16
N ASP C 26 -31.81 5.81 1.48
CA ASP C 26 -30.79 4.92 0.93
C ASP C 26 -29.97 5.62 -0.15
N HIS C 27 -30.62 6.42 -0.99
CA HIS C 27 -29.95 7.06 -2.11
C HIS C 27 -29.06 8.22 -1.68
N MET C 28 -29.11 8.62 -0.40
CA MET C 28 -28.26 9.70 0.07
C MET C 28 -26.80 9.45 -0.29
N ALA C 29 -26.32 8.23 -0.02
CA ALA C 29 -24.92 7.92 -0.26
C ALA C 29 -24.49 8.29 -1.68
N ILE C 30 -25.44 8.37 -2.61
CA ILE C 30 -25.13 8.74 -3.99
C ILE C 30 -25.12 10.24 -4.16
N ILE C 31 -26.17 10.93 -3.68
CA ILE C 31 -26.25 12.36 -3.88
C ILE C 31 -25.37 13.14 -2.92
N LYS C 32 -24.97 12.54 -1.79
CA LYS C 32 -24.08 13.23 -0.87
C LYS C 32 -22.68 13.36 -1.46
N LYS C 33 -22.24 12.38 -2.24
CA LYS C 33 -20.96 12.44 -2.93
C LYS C 33 -21.05 13.08 -4.30
N TYR C 34 -22.26 13.47 -4.73
CA TYR C 34 -22.42 14.15 -6.00
C TYR C 34 -21.61 15.44 -6.02
N THR C 35 -20.63 15.50 -6.91
CA THR C 35 -19.73 16.66 -6.97
C THR C 35 -19.14 16.75 -8.37
N SER C 36 -18.84 17.98 -8.78
CA SER C 36 -18.17 18.21 -10.05
C SER C 36 -16.65 18.27 -9.90
N GLY C 37 -16.14 18.25 -8.68
CA GLY C 37 -14.71 18.34 -8.46
C GLY C 37 -13.98 17.03 -8.71
N ARG C 38 -13.14 17.01 -9.74
CA ARG C 38 -12.41 15.80 -10.07
C ARG C 38 -11.37 15.51 -9.00
N GLN C 39 -11.09 14.22 -8.81
CA GLN C 39 -10.06 13.82 -7.86
C GLN C 39 -8.71 14.40 -8.27
N GLU C 40 -7.94 14.84 -7.28
CA GLU C 40 -6.69 15.52 -7.57
C GLU C 40 -5.73 14.59 -8.29
N LYS C 41 -5.10 15.10 -9.35
CA LYS C 41 -4.15 14.34 -10.15
C LYS C 41 -2.71 14.59 -9.76
N ASN C 42 -2.37 15.82 -9.35
CA ASN C 42 -1.03 16.15 -8.89
C ASN C 42 -1.17 17.00 -7.63
N PRO C 43 -1.44 16.39 -6.48
CA PRO C 43 -1.65 17.19 -5.26
C PRO C 43 -0.45 18.03 -4.87
N ALA C 44 0.77 17.54 -5.10
CA ALA C 44 1.95 18.31 -4.74
C ALA C 44 2.06 19.56 -5.61
N LEU C 45 1.96 19.39 -6.93
CA LEU C 45 2.04 20.54 -7.83
C LEU C 45 0.87 21.49 -7.58
N ARG C 46 -0.33 20.95 -7.35
CA ARG C 46 -1.47 21.81 -7.07
C ARG C 46 -1.24 22.63 -5.80
N MET C 47 -0.70 22.00 -4.76
CA MET C 47 -0.45 22.72 -3.52
C MET C 47 0.60 23.80 -3.72
N LYS C 48 1.68 23.48 -4.42
CA LYS C 48 2.71 24.50 -4.67
C LYS C 48 2.14 25.67 -5.46
N TRP C 49 1.33 25.38 -6.49
CA TRP C 49 0.75 26.42 -7.30
C TRP C 49 -0.23 27.26 -6.50
N MET C 50 -1.05 26.62 -5.65
CA MET C 50 -2.10 27.32 -4.93
C MET C 50 -1.56 28.14 -3.76
N MET C 51 -0.47 27.70 -3.15
CA MET C 51 0.07 28.43 -2.00
C MET C 51 0.52 29.83 -2.36
N ALA C 52 0.75 30.11 -3.65
CA ALA C 52 1.10 31.45 -4.10
C ALA C 52 -0.12 32.33 -4.33
N MET C 53 -1.33 31.79 -4.21
CA MET C 53 -2.53 32.58 -4.38
C MET C 53 -2.85 33.33 -3.09
N LYS C 54 -3.76 34.31 -3.21
CA LYS C 54 -4.14 35.11 -2.05
C LYS C 54 -5.04 34.33 -1.10
N TYR C 55 -5.98 33.56 -1.63
CA TYR C 55 -6.95 32.81 -0.83
C TYR C 55 -6.96 31.36 -1.29
N PRO C 56 -6.00 30.55 -0.85
CA PRO C 56 -5.95 29.15 -1.29
C PRO C 56 -6.71 28.17 -0.40
N ILE C 57 -7.17 28.60 0.78
CA ILE C 57 -7.82 27.69 1.72
C ILE C 57 -9.32 27.96 1.71
N THR C 58 -10.08 26.97 2.16
CA THR C 58 -11.52 27.10 2.33
C THR C 58 -11.86 27.04 3.81
N ALA C 59 -12.89 27.78 4.21
CA ALA C 59 -13.29 27.82 5.61
C ALA C 59 -14.80 27.97 5.69
N ASP C 60 -15.35 27.60 6.84
CA ASP C 60 -16.78 27.71 7.06
C ASP C 60 -17.19 29.18 7.06
N LYS C 61 -18.45 29.44 6.68
CA LYS C 61 -18.95 30.80 6.66
C LYS C 61 -18.90 31.45 8.03
N ARG C 62 -18.90 30.65 9.10
CA ARG C 62 -18.85 31.21 10.44
C ARG C 62 -17.60 32.08 10.63
N ILE C 63 -16.51 31.73 9.95
CA ILE C 63 -15.29 32.52 10.05
C ILE C 63 -15.58 33.99 9.79
N MET C 64 -16.57 34.28 8.96
CA MET C 64 -16.87 35.67 8.61
C MET C 64 -17.10 36.51 9.85
N GLU C 65 -17.64 35.92 10.91
CA GLU C 65 -17.92 36.65 12.15
C GLU C 65 -17.05 36.19 13.31
N MET C 66 -16.02 35.40 13.05
CA MET C 66 -15.13 34.93 14.11
C MET C 66 -13.76 35.60 14.11
N ILE C 67 -13.25 36.00 12.94
CA ILE C 67 -11.96 36.66 12.87
C ILE C 67 -12.12 37.94 12.07
N PRO C 68 -11.30 38.97 12.30
CA PRO C 68 -11.45 40.22 11.58
C PRO C 68 -11.15 40.05 10.09
N GLU C 69 -11.78 40.91 9.29
CA GLU C 69 -11.58 40.86 7.85
C GLU C 69 -10.13 41.13 7.49
N ARG C 70 -9.49 42.05 8.21
CA ARG C 70 -8.13 42.48 7.89
C ARG C 70 -7.26 42.43 9.14
N ASN C 71 -5.98 42.14 8.92
CA ASN C 71 -5.00 42.10 9.99
C ASN C 71 -4.80 43.50 10.58
N GLU C 72 -3.99 43.56 11.64
CA GLU C 72 -3.55 44.87 12.14
C GLU C 72 -2.62 45.56 11.15
N GLN C 73 -1.97 44.79 10.27
CA GLN C 73 -1.17 45.34 9.18
C GLN C 73 -2.01 45.57 7.93
N ARG C 74 -3.33 45.67 8.06
CA ARG C 74 -4.22 45.86 6.93
C ARG C 74 -4.07 44.70 5.93
N GLN C 75 -3.85 43.50 6.46
CA GLN C 75 -3.70 42.30 5.64
C GLN C 75 -5.02 41.54 5.65
N THR C 76 -5.63 41.41 4.48
CA THR C 76 -6.89 40.69 4.38
C THR C 76 -6.70 39.22 4.73
N LEU C 77 -7.57 38.71 5.59
CA LEU C 77 -7.50 37.31 6.04
C LEU C 77 -8.45 36.40 5.29
N TRP C 78 -9.69 36.82 5.08
CA TRP C 78 -10.67 36.02 4.38
C TRP C 78 -11.38 36.86 3.33
N SER C 79 -11.89 36.20 2.30
CA SER C 79 -12.57 36.84 1.20
C SER C 79 -14.03 36.43 1.18
N LYS C 80 -14.87 37.30 0.62
CA LYS C 80 -16.30 37.04 0.60
C LYS C 80 -16.67 35.96 -0.41
N THR C 81 -15.88 35.79 -1.46
CA THR C 81 -16.21 34.84 -2.51
C THR C 81 -16.39 33.43 -1.94
N ASN C 82 -17.43 32.75 -2.38
CA ASN C 82 -17.73 31.40 -1.93
C ASN C 82 -16.95 30.38 -2.74
N ASP C 83 -16.51 29.32 -2.07
CA ASP C 83 -15.83 28.23 -2.76
C ASP C 83 -16.78 27.55 -3.73
N ALA C 84 -16.25 27.10 -4.86
CA ALA C 84 -17.08 26.49 -5.89
C ALA C 84 -17.77 25.24 -5.35
N GLY C 85 -19.08 25.16 -5.57
CA GLY C 85 -19.84 23.99 -5.19
C GLY C 85 -20.23 23.90 -3.74
N SER C 86 -20.08 24.97 -2.97
CA SER C 86 -20.45 24.95 -1.56
C SER C 86 -20.61 26.39 -1.09
N ASP C 87 -21.07 26.54 0.15
CA ASP C 87 -21.24 27.84 0.78
C ASP C 87 -20.01 28.26 1.58
N ARG C 88 -18.95 27.45 1.60
CA ARG C 88 -17.73 27.82 2.28
C ARG C 88 -17.09 29.03 1.60
N VAL C 89 -16.37 29.81 2.39
CA VAL C 89 -15.70 31.01 1.89
C VAL C 89 -14.24 30.68 1.65
N MET C 90 -13.57 31.55 0.91
CA MET C 90 -12.17 31.39 0.55
C MET C 90 -11.33 32.29 1.45
N VAL C 91 -10.35 31.69 2.13
CA VAL C 91 -9.54 32.39 3.12
C VAL C 91 -8.07 32.10 2.86
N SER C 92 -7.24 33.01 3.36
CA SER C 92 -5.79 32.94 3.25
C SER C 92 -5.20 32.11 4.37
N PRO C 93 -3.99 31.59 4.20
CA PRO C 93 -3.34 30.89 5.31
C PRO C 93 -3.16 31.77 6.53
N LEU C 94 -2.98 33.08 6.35
CA LEU C 94 -2.80 33.98 7.48
C LEU C 94 -3.90 33.79 8.52
N ALA C 95 -5.15 33.66 8.06
CA ALA C 95 -6.26 33.48 8.98
C ALA C 95 -5.97 32.37 9.97
N VAL C 96 -5.49 31.23 9.48
CA VAL C 96 -5.19 30.11 10.38
C VAL C 96 -4.23 30.56 11.46
N THR C 97 -3.12 31.20 11.06
CA THR C 97 -2.17 31.68 12.04
C THR C 97 -2.82 32.66 13.00
N TRP C 98 -3.67 33.55 12.48
CA TRP C 98 -4.40 34.45 13.35
C TRP C 98 -5.14 33.66 14.42
N TRP C 99 -5.87 32.62 14.01
CA TRP C 99 -6.61 31.83 14.97
C TRP C 99 -5.68 31.20 16.00
N ASN C 100 -4.47 30.82 15.57
CA ASN C 100 -3.54 30.19 16.49
C ASN C 100 -2.94 31.18 17.48
N ARG C 101 -3.15 32.48 17.31
CA ARG C 101 -2.64 33.47 18.24
C ARG C 101 -3.71 34.38 18.82
N ASN C 102 -4.89 34.48 18.20
CA ASN C 102 -5.95 35.34 18.69
C ASN C 102 -7.30 34.65 18.75
N GLY C 103 -7.38 33.36 18.43
CA GLY C 103 -8.64 32.65 18.45
C GLY C 103 -9.12 32.36 19.85
N PRO C 104 -10.38 31.92 19.97
CA PRO C 104 -10.92 31.62 21.30
C PRO C 104 -10.32 30.34 21.87
N THR C 105 -9.75 30.46 23.06
CA THR C 105 -9.16 29.32 23.74
C THR C 105 -10.25 28.44 24.35
N THR C 106 -10.02 27.13 24.33
CA THR C 106 -10.95 26.17 24.90
C THR C 106 -10.17 25.13 25.67
N SER C 107 -10.82 24.56 26.69
CA SER C 107 -10.19 23.52 27.49
C SER C 107 -9.90 22.28 26.64
N THR C 108 -8.74 21.68 26.86
CA THR C 108 -8.31 20.48 26.14
C THR C 108 -7.87 19.45 27.17
N VAL C 109 -8.84 18.68 27.66
CA VAL C 109 -8.55 17.62 28.62
C VAL C 109 -8.94 16.24 28.08
N HIS C 110 -9.93 16.16 27.20
CA HIS C 110 -10.30 14.88 26.60
C HIS C 110 -9.33 14.45 25.52
N TYR C 111 -8.54 15.37 24.98
CA TYR C 111 -7.65 15.03 23.86
C TYR C 111 -6.68 13.92 24.21
N PRO C 112 -5.96 13.96 25.33
CA PRO C 112 -5.11 12.80 25.68
C PRO C 112 -5.90 11.52 25.81
N LYS C 113 -7.14 11.58 26.32
CA LYS C 113 -7.97 10.39 26.44
C LYS C 113 -8.48 9.93 25.08
N VAL C 114 -8.98 10.86 24.27
CA VAL C 114 -9.56 10.49 22.98
C VAL C 114 -8.50 9.94 22.04
N TYR C 115 -7.38 10.65 21.92
CA TYR C 115 -6.25 10.22 21.09
C TYR C 115 -5.30 9.34 21.89
N LYS C 116 -5.86 8.30 22.52
CA LYS C 116 -5.09 7.53 23.49
C LYS C 116 -3.92 6.80 22.85
N THR C 117 -4.04 6.40 21.59
CA THR C 117 -2.99 5.61 20.96
C THR C 117 -1.70 6.42 20.78
N TYR C 118 -1.83 7.64 20.28
CA TYR C 118 -0.64 8.47 20.03
C TYR C 118 0.07 8.81 21.33
N PHE C 119 -0.68 9.17 22.36
CA PHE C 119 -0.06 9.48 23.64
C PHE C 119 0.51 8.24 24.31
N GLU C 120 -0.10 7.08 24.08
CA GLU C 120 0.53 5.83 24.50
C GLU C 120 1.87 5.65 23.81
N LYS C 121 1.93 5.92 22.51
CA LYS C 121 3.19 5.81 21.78
C LYS C 121 4.26 6.71 22.39
N VAL C 122 3.92 7.97 22.64
CA VAL C 122 4.93 8.90 23.14
C VAL C 122 5.34 8.52 24.56
N GLU C 123 4.38 8.13 25.40
CA GLU C 123 4.71 7.75 26.78
C GLU C 123 5.60 6.51 26.78
N ARG C 124 5.30 5.54 25.93
CA ARG C 124 6.16 4.36 25.82
C ARG C 124 7.56 4.74 25.38
N LEU C 125 7.67 5.62 24.39
CA LEU C 125 8.99 6.02 23.90
C LEU C 125 9.79 6.73 24.98
N LYS C 126 9.16 7.64 25.72
CA LYS C 126 9.91 8.44 26.69
C LYS C 126 10.50 7.58 27.80
N HIS C 127 9.83 6.51 28.18
CA HIS C 127 10.28 5.64 29.26
C HIS C 127 11.17 4.49 28.79
N GLY C 128 11.40 4.37 27.49
CA GLY C 128 12.25 3.31 27.00
C GLY C 128 13.71 3.52 27.41
N THR C 129 14.46 2.43 27.39
CA THR C 129 15.88 2.44 27.72
C THR C 129 16.67 1.84 26.57
N PHE C 130 17.71 2.52 26.14
CA PHE C 130 18.55 2.09 25.03
C PHE C 130 19.76 1.33 25.55
N GLY C 131 20.36 0.56 24.65
CA GLY C 131 21.54 -0.21 24.97
C GLY C 131 22.60 -0.04 23.91
N PRO C 132 23.62 -0.90 23.91
CA PRO C 132 24.69 -0.78 22.92
C PRO C 132 24.21 -1.10 21.51
N VAL C 133 24.92 -0.53 20.55
CA VAL C 133 24.66 -0.78 19.13
C VAL C 133 25.61 -1.87 18.67
N HIS C 134 25.06 -2.95 18.13
CA HIS C 134 25.84 -4.08 17.65
C HIS C 134 25.93 -4.01 16.13
N PHE C 135 27.14 -3.95 15.61
CA PHE C 135 27.38 -3.94 14.17
C PHE C 135 27.61 -5.38 13.73
N ARG C 136 26.60 -5.99 13.12
CA ARG C 136 26.70 -7.36 12.68
C ARG C 136 25.69 -7.59 11.56
N ASN C 137 25.91 -8.67 10.81
CA ASN C 137 25.03 -9.01 9.71
C ASN C 137 23.61 -9.24 10.24
N GLN C 138 22.65 -8.60 9.60
CA GLN C 138 21.24 -8.69 9.98
C GLN C 138 20.48 -9.49 8.94
N VAL C 139 19.77 -10.52 9.37
CA VAL C 139 18.95 -11.35 8.50
C VAL C 139 17.50 -11.02 8.81
N LYS C 140 16.82 -10.42 7.84
CA LYS C 140 15.43 -9.99 8.00
C LYS C 140 14.54 -10.92 7.19
N ILE C 141 13.50 -11.44 7.83
CA ILE C 141 12.53 -12.32 7.20
C ILE C 141 11.22 -11.56 7.07
N ARG C 142 10.58 -11.67 5.91
CA ARG C 142 9.33 -10.98 5.66
C ARG C 142 8.18 -11.79 6.24
N ARG C 143 7.49 -11.21 7.22
CA ARG C 143 6.44 -11.91 7.95
C ARG C 143 5.29 -10.97 8.22
N ARG C 144 4.13 -11.56 8.51
CA ARG C 144 2.93 -10.80 8.83
C ARG C 144 2.92 -10.53 10.33
N VAL C 145 3.07 -9.26 10.70
CA VAL C 145 3.10 -8.86 12.10
C VAL C 145 1.94 -7.91 12.35
N ASP C 146 1.47 -7.90 13.60
CA ASP C 146 0.34 -7.06 14.00
C ASP C 146 0.87 -5.76 14.59
N ILE C 147 0.57 -4.65 13.93
CA ILE C 147 0.98 -3.34 14.43
C ILE C 147 -0.17 -2.70 15.19
N ASN C 148 -0.29 -3.04 16.48
CA ASN C 148 -1.31 -2.47 17.35
C ASN C 148 -0.98 -2.79 18.81
N PRO C 149 -0.06 -2.06 19.44
CA PRO C 149 0.20 -2.29 20.86
C PRO C 149 -1.07 -2.41 21.69
N GLY C 150 -2.09 -1.61 21.39
CA GLY C 150 -3.35 -1.69 22.09
C GLY C 150 -4.52 -2.09 21.20
N HIS C 151 -5.06 -3.29 21.42
CA HIS C 151 -6.26 -3.73 20.74
C HIS C 151 -6.97 -4.75 21.61
N ALA C 152 -8.31 -4.76 21.52
CA ALA C 152 -9.14 -5.58 22.38
C ALA C 152 -9.66 -6.84 21.65
N ASP C 153 -8.92 -7.33 20.67
CA ASP C 153 -9.27 -8.56 19.96
C ASP C 153 -10.67 -8.48 19.36
N LEU C 154 -10.92 -7.37 18.65
CA LEU C 154 -12.19 -7.13 17.99
C LEU C 154 -11.96 -6.99 16.49
N SER C 155 -12.90 -7.53 15.71
CA SER C 155 -12.87 -7.39 14.26
C SER C 155 -13.65 -6.14 13.86
N ALA C 156 -13.82 -5.93 12.55
CA ALA C 156 -14.49 -4.73 12.08
C ALA C 156 -15.93 -4.65 12.61
N LYS C 157 -16.65 -5.77 12.59
CA LYS C 157 -18.05 -5.74 12.99
C LYS C 157 -18.19 -5.48 14.49
N GLU C 158 -17.43 -6.21 15.31
CA GLU C 158 -17.51 -6.00 16.76
C GLU C 158 -17.03 -4.61 17.14
N ALA C 159 -15.94 -4.16 16.53
CA ALA C 159 -15.44 -2.82 16.80
C ALA C 159 -16.49 -1.78 16.43
N GLN C 160 -17.14 -1.93 15.28
CA GLN C 160 -18.18 -1.00 14.88
C GLN C 160 -19.34 -1.01 15.86
N ASP C 161 -19.72 -2.19 16.34
CA ASP C 161 -20.83 -2.28 17.28
C ASP C 161 -20.49 -1.55 18.59
N VAL C 162 -19.29 -1.78 19.11
CA VAL C 162 -18.88 -1.12 20.35
C VAL C 162 -18.80 0.39 20.14
N ILE C 163 -18.24 0.81 19.01
CA ILE C 163 -18.10 2.24 18.74
C ILE C 163 -19.48 2.89 18.63
N MET C 164 -20.41 2.23 17.96
CA MET C 164 -21.76 2.77 17.85
C MET C 164 -22.41 2.86 19.23
N GLU C 165 -22.23 1.84 20.06
CA GLU C 165 -22.82 1.86 21.39
C GLU C 165 -22.28 3.04 22.21
N VAL C 166 -20.98 3.29 22.12
CA VAL C 166 -20.38 4.33 22.97
C VAL C 166 -20.69 5.72 22.42
N VAL C 167 -20.45 5.94 21.13
CA VAL C 167 -20.57 7.26 20.53
C VAL C 167 -22.01 7.58 20.14
N PHE C 168 -22.66 6.69 19.42
CA PHE C 168 -24.01 6.91 18.90
C PHE C 168 -24.96 5.89 19.52
N PRO C 169 -25.20 5.99 20.84
CA PRO C 169 -26.03 4.97 21.50
C PRO C 169 -27.44 4.87 20.92
N ASN C 170 -28.05 6.00 20.56
CA ASN C 170 -29.42 5.97 20.10
C ASN C 170 -29.56 5.36 18.70
N GLU C 171 -28.46 5.27 17.96
CA GLU C 171 -28.48 4.75 16.60
C GLU C 171 -27.94 3.33 16.52
N VAL C 172 -27.72 2.67 17.66
CA VAL C 172 -27.11 1.34 17.66
C VAL C 172 -28.00 0.35 16.92
N GLY C 173 -29.31 0.42 17.14
CA GLY C 173 -30.24 -0.45 16.44
C GLY C 173 -30.64 -1.65 17.26
N ALA C 174 -30.76 -2.81 16.60
CA ALA C 174 -31.22 -4.02 17.26
C ALA C 174 -30.13 -4.71 18.06
N ARG C 175 -28.86 -4.40 17.81
CA ARG C 175 -27.78 -5.13 18.44
C ARG C 175 -27.75 -4.89 19.95
N ILE C 176 -27.44 -5.96 20.69
CA ILE C 176 -27.28 -5.91 22.13
C ILE C 176 -25.97 -6.59 22.48
N LEU C 177 -25.14 -5.90 23.26
CA LEU C 177 -23.85 -6.46 23.68
C LEU C 177 -24.06 -7.53 24.74
N THR C 178 -23.35 -8.65 24.59
CA THR C 178 -23.52 -9.80 25.47
C THR C 178 -22.27 -10.10 26.30
N SER C 179 -21.12 -10.28 25.66
CA SER C 179 -19.93 -10.68 26.40
C SER C 179 -19.48 -9.57 27.35
N GLU C 180 -18.82 -9.99 28.43
CA GLU C 180 -18.44 -9.04 29.48
C GLU C 180 -17.41 -8.03 28.99
N SER C 181 -16.50 -8.45 28.11
CA SER C 181 -15.46 -7.54 27.66
C SER C 181 -16.04 -6.32 26.96
N GLN C 182 -17.02 -6.53 26.09
CA GLN C 182 -17.65 -5.41 25.40
C GLN C 182 -18.35 -4.48 26.38
N LEU C 183 -19.06 -5.04 27.35
CA LEU C 183 -19.75 -4.20 28.32
C LEU C 183 -18.76 -3.37 29.13
N THR C 184 -17.66 -3.99 29.59
CA THR C 184 -16.67 -3.25 30.35
C THR C 184 -16.03 -2.14 29.51
N ILE C 185 -15.67 -2.46 28.26
CA ILE C 185 -15.06 -1.44 27.40
C ILE C 185 -16.02 -0.31 27.15
N THR C 186 -17.29 -0.63 26.88
CA THR C 186 -18.28 0.41 26.62
C THR C 186 -18.46 1.30 27.84
N LYS C 187 -18.55 0.71 29.03
CA LYS C 187 -18.70 1.52 30.24
C LYS C 187 -17.49 2.41 30.45
N GLU C 188 -16.28 1.86 30.25
CA GLU C 188 -15.06 2.64 30.45
C GLU C 188 -15.02 3.82 29.49
N LYS C 189 -15.33 3.59 28.21
CA LYS C 189 -15.28 4.68 27.24
C LYS C 189 -16.37 5.70 27.51
N LYS C 190 -17.56 5.24 27.93
CA LYS C 190 -18.63 6.18 28.22
C LYS C 190 -18.26 7.09 29.38
N LYS C 191 -17.72 6.54 30.47
CA LYS C 191 -17.32 7.39 31.58
C LYS C 191 -16.17 8.29 31.18
N GLU C 192 -15.22 7.78 30.39
CA GLU C 192 -14.04 8.54 30.03
C GLU C 192 -14.36 9.62 28.98
N LEU C 193 -15.24 9.30 28.04
CA LEU C 193 -15.58 10.23 26.97
C LEU C 193 -16.70 11.20 27.33
N GLN C 194 -17.23 11.12 28.55
CA GLN C 194 -18.35 11.98 28.92
C GLN C 194 -17.98 13.44 28.76
N ASP C 195 -18.90 14.22 28.19
CA ASP C 195 -18.71 15.65 27.98
C ASP C 195 -17.46 15.92 27.13
N CYS C 196 -17.50 15.41 25.91
CA CYS C 196 -16.43 15.62 24.93
C CYS C 196 -16.97 16.46 23.78
N LYS C 197 -16.27 17.55 23.47
CA LYS C 197 -16.68 18.42 22.38
C LYS C 197 -16.07 18.04 21.03
N ILE C 198 -15.14 17.06 21.02
CA ILE C 198 -14.54 16.67 19.76
C ILE C 198 -15.60 16.05 18.87
N ALA C 199 -15.42 16.18 17.56
CA ALA C 199 -16.41 15.71 16.61
C ALA C 199 -16.63 14.20 16.82
N PRO C 200 -17.88 13.72 16.83
CA PRO C 200 -18.09 12.29 17.08
C PRO C 200 -17.37 11.41 16.09
N LEU C 201 -17.22 11.84 14.84
CA LEU C 201 -16.56 11.01 13.84
C LEU C 201 -15.10 10.78 14.19
N MET C 202 -14.41 11.82 14.67
CA MET C 202 -13.02 11.65 15.08
C MET C 202 -12.90 10.69 16.25
N VAL C 203 -13.82 10.79 17.22
CA VAL C 203 -13.80 9.87 18.35
C VAL C 203 -14.01 8.44 17.88
N ALA C 204 -14.96 8.24 16.97
CA ALA C 204 -15.22 6.90 16.46
C ALA C 204 -14.02 6.36 15.71
N TYR C 205 -13.37 7.20 14.90
CA TYR C 205 -12.20 6.75 14.16
C TYR C 205 -11.07 6.36 15.10
N MET C 206 -10.84 7.16 16.14
CA MET C 206 -9.77 6.84 17.08
C MET C 206 -10.08 5.57 17.85
N LEU C 207 -11.35 5.38 18.24
CA LEU C 207 -11.73 4.15 18.92
C LEU C 207 -11.53 2.94 18.02
N GLU C 208 -11.88 3.08 16.74
CA GLU C 208 -11.65 1.99 15.80
C GLU C 208 -10.15 1.69 15.67
N ARG C 209 -9.33 2.74 15.60
CA ARG C 209 -7.89 2.53 15.54
C ARG C 209 -7.37 1.84 16.79
N GLU C 210 -7.97 2.12 17.95
CA GLU C 210 -7.50 1.56 19.21
C GLU C 210 -7.99 0.15 19.47
N LEU C 211 -9.15 -0.23 18.94
CA LEU C 211 -9.79 -1.50 19.30
C LEU C 211 -9.78 -2.53 18.17
N VAL C 212 -9.07 -2.27 17.08
CA VAL C 212 -9.04 -3.16 15.92
C VAL C 212 -7.62 -3.64 15.72
N ARG C 213 -7.46 -4.95 15.52
CA ARG C 213 -6.14 -5.53 15.31
C ARG C 213 -5.76 -5.41 13.84
N LYS C 214 -4.69 -4.68 13.56
CA LYS C 214 -4.17 -4.49 12.22
C LYS C 214 -2.92 -5.33 12.03
N THR C 215 -2.67 -5.72 10.78
CA THR C 215 -1.51 -6.53 10.45
C THR C 215 -0.90 -6.02 9.14
N ARG C 216 0.36 -6.40 8.92
CA ARG C 216 1.09 -5.94 7.75
C ARG C 216 2.29 -6.85 7.53
N PHE C 217 2.67 -7.00 6.27
CA PHE C 217 3.86 -7.77 5.92
C PHE C 217 5.09 -6.88 5.99
N LEU C 218 5.98 -7.17 6.92
CA LEU C 218 7.18 -6.38 7.10
C LEU C 218 8.40 -7.27 7.17
N PRO C 219 9.57 -6.78 6.78
CA PRO C 219 10.83 -7.50 7.03
C PRO C 219 11.32 -7.26 8.45
N VAL C 220 11.22 -8.29 9.28
CA VAL C 220 11.57 -8.20 10.70
C VAL C 220 12.79 -9.08 10.95
N ALA C 221 13.66 -8.61 11.83
CA ALA C 221 14.85 -9.35 12.24
C ALA C 221 14.88 -9.67 13.73
N GLY C 222 14.16 -8.93 14.56
CA GLY C 222 14.16 -9.17 15.99
C GLY C 222 12.81 -9.63 16.51
N GLY C 223 12.47 -9.22 17.72
CA GLY C 223 11.21 -9.59 18.33
C GLY C 223 10.01 -9.13 17.54
N THR C 224 9.06 -10.03 17.30
CA THR C 224 7.86 -9.72 16.52
C THR C 224 6.71 -9.48 17.49
N SER C 225 6.67 -8.27 18.04
CA SER C 225 5.63 -7.86 18.96
C SER C 225 5.08 -6.51 18.54
N SER C 226 3.87 -6.21 19.02
CA SER C 226 3.22 -4.97 18.64
C SER C 226 4.07 -3.77 19.07
N VAL C 227 4.64 -3.81 20.27
CA VAL C 227 5.43 -2.68 20.75
C VAL C 227 6.83 -2.67 20.17
N TYR C 228 7.31 -3.78 19.63
CA TYR C 228 8.64 -3.83 19.03
C TYR C 228 8.61 -3.52 17.53
N ILE C 229 7.55 -3.95 16.84
CA ILE C 229 7.38 -3.57 15.44
C ILE C 229 7.16 -2.08 15.32
N GLU C 230 6.46 -1.50 16.29
CA GLU C 230 6.18 -0.06 16.25
C GLU C 230 7.45 0.76 16.16
N VAL C 231 8.57 0.23 16.66
CA VAL C 231 9.82 0.97 16.72
C VAL C 231 10.88 0.25 15.88
N LEU C 232 10.43 -0.44 14.83
CA LEU C 232 11.36 -1.22 14.01
C LEU C 232 12.34 -0.34 13.27
N HIS C 233 11.92 0.86 12.86
CA HIS C 233 12.83 1.76 12.14
C HIS C 233 14.03 2.13 13.00
N LEU C 234 13.87 2.13 14.32
CA LEU C 234 14.91 2.57 15.23
C LEU C 234 15.76 1.43 15.77
N THR C 235 15.25 0.21 15.77
CA THR C 235 15.93 -0.92 16.40
C THR C 235 16.71 -1.78 15.42
N GLN C 236 16.19 -2.02 14.22
CA GLN C 236 16.80 -2.90 13.26
C GLN C 236 17.25 -2.13 12.03
N GLY C 237 18.42 -2.50 11.50
CA GLY C 237 18.97 -1.88 10.32
C GLY C 237 19.65 -2.91 9.44
N THR C 238 20.22 -2.43 8.34
CA THR C 238 20.86 -3.33 7.39
C THR C 238 22.07 -4.02 8.00
N CYS C 239 22.87 -3.29 8.78
CA CYS C 239 24.10 -3.83 9.33
C CYS C 239 24.28 -3.52 10.81
N TRP C 240 23.24 -3.07 11.50
CA TRP C 240 23.34 -2.72 12.90
C TRP C 240 22.07 -3.11 13.63
N GLU C 241 22.20 -3.35 14.93
CA GLU C 241 21.08 -3.63 15.81
C GLU C 241 21.17 -2.72 17.02
N GLN C 242 20.08 -2.06 17.36
CA GLN C 242 20.03 -1.11 18.46
C GLN C 242 19.20 -1.72 19.59
N MET C 243 19.87 -2.11 20.67
CA MET C 243 19.16 -2.63 21.83
C MET C 243 18.21 -1.58 22.38
N TYR C 244 16.99 -2.01 22.69
CA TYR C 244 15.96 -1.08 23.14
C TYR C 244 14.82 -1.88 23.74
N THR C 245 14.38 -1.46 24.92
CA THR C 245 13.23 -2.07 25.59
C THR C 245 12.18 -0.99 25.82
N PRO C 246 11.02 -1.05 25.17
CA PRO C 246 10.02 0.00 25.36
C PRO C 246 9.57 0.06 26.82
N GLY C 247 9.30 1.29 27.27
CA GLY C 247 8.83 1.49 28.63
C GLY C 247 7.36 1.17 28.78
N GLY C 248 7.01 -0.10 28.67
CA GLY C 248 5.62 -0.52 28.71
C GLY C 248 5.37 -1.79 29.49
N GLU C 249 6.20 -2.09 30.48
CA GLU C 249 6.00 -3.22 31.38
C GLU C 249 5.64 -4.48 30.60
N VAL C 250 6.64 -4.94 29.83
CA VAL C 250 6.47 -6.06 28.89
C VAL C 250 5.61 -7.15 29.51
N ARG C 251 4.69 -7.69 28.72
CA ARG C 251 3.71 -8.63 29.23
C ARG C 251 4.39 -9.87 29.80
N ASN C 252 3.77 -10.43 30.86
CA ASN C 252 4.30 -11.64 31.46
C ASN C 252 4.30 -12.80 30.47
N ASP C 253 3.22 -12.96 29.71
CA ASP C 253 3.16 -14.05 28.74
C ASP C 253 4.21 -13.89 27.66
N ASP C 254 4.44 -12.66 27.19
CA ASP C 254 5.45 -12.43 26.16
C ASP C 254 6.84 -12.82 26.66
N VAL C 255 7.19 -12.41 27.88
CA VAL C 255 8.50 -12.75 28.41
C VAL C 255 8.60 -14.26 28.64
N ASP C 256 7.50 -14.87 29.07
CA ASP C 256 7.50 -16.33 29.24
C ASP C 256 7.80 -17.03 27.92
N GLN C 257 7.12 -16.63 26.85
CA GLN C 257 7.34 -17.25 25.55
C GLN C 257 8.77 -17.02 25.06
N SER C 258 9.26 -15.77 25.21
CA SER C 258 10.61 -15.47 24.76
C SER C 258 11.64 -16.28 25.54
N LEU C 259 11.45 -16.40 26.85
CA LEU C 259 12.36 -17.20 27.66
C LEU C 259 12.31 -18.67 27.26
N ILE C 260 11.11 -19.18 26.96
CA ILE C 260 10.98 -20.58 26.53
C ILE C 260 11.77 -20.80 25.24
N ILE C 261 11.59 -19.89 24.28
CA ILE C 261 12.29 -20.04 23.01
C ILE C 261 13.79 -19.94 23.20
N ALA C 262 14.25 -18.96 23.99
CA ALA C 262 15.68 -18.80 24.23
C ALA C 262 16.26 -20.01 24.95
N ALA C 263 15.51 -20.56 25.92
CA ALA C 263 15.98 -21.74 26.63
C ALA C 263 16.10 -22.92 25.69
N ARG C 264 15.11 -23.13 24.83
CA ARG C 264 15.20 -24.23 23.87
C ARG C 264 16.42 -24.06 22.98
N ASN C 265 16.62 -22.85 22.46
CA ASN C 265 17.74 -22.62 21.55
C ASN C 265 19.08 -22.86 22.27
N ILE C 266 19.21 -22.35 23.50
CA ILE C 266 20.48 -22.47 24.19
C ILE C 266 20.77 -23.91 24.58
N VAL C 267 19.76 -24.65 25.07
CA VAL C 267 19.99 -26.04 25.40
C VAL C 267 20.34 -26.84 24.15
N ARG C 268 19.64 -26.58 23.04
CA ARG C 268 19.95 -27.28 21.80
C ARG C 268 21.38 -26.99 21.36
N ARG C 269 21.81 -25.73 21.46
CA ARG C 269 23.17 -25.39 21.03
C ARG C 269 24.22 -25.94 21.98
N ALA C 270 23.90 -26.01 23.28
CA ALA C 270 24.87 -26.49 24.25
C ALA C 270 25.02 -28.00 24.20
N THR C 271 23.97 -28.72 23.80
CA THR C 271 24.07 -30.18 23.72
C THR C 271 25.26 -30.60 22.87
N VAL C 272 25.56 -29.85 21.80
CA VAL C 272 26.69 -30.18 20.94
C VAL C 272 28.01 -29.65 21.46
N SER C 273 27.99 -28.81 22.49
CA SER C 273 29.22 -28.22 23.01
C SER C 273 30.09 -29.29 23.66
N ALA C 274 31.41 -29.05 23.64
CA ALA C 274 32.34 -29.99 24.26
C ALA C 274 32.07 -30.11 25.76
N ASP C 275 31.82 -28.99 26.43
CA ASP C 275 31.47 -28.95 27.84
C ASP C 275 30.09 -28.30 27.94
N PRO C 276 29.00 -29.06 27.84
CA PRO C 276 27.68 -28.44 27.76
C PRO C 276 27.37 -27.49 28.90
N LEU C 277 27.79 -27.83 30.13
CA LEU C 277 27.47 -26.97 31.27
C LEU C 277 28.20 -25.63 31.16
N ALA C 278 29.49 -25.65 30.82
CA ALA C 278 30.24 -24.41 30.73
C ALA C 278 29.66 -23.50 29.65
N SER C 279 29.36 -24.06 28.47
CA SER C 279 28.76 -23.26 27.42
C SER C 279 27.40 -22.74 27.84
N LEU C 280 26.61 -23.57 28.52
CA LEU C 280 25.30 -23.14 28.98
C LEU C 280 25.42 -21.93 29.89
N LEU C 281 26.29 -22.00 30.89
CA LEU C 281 26.47 -20.85 31.78
C LEU C 281 26.97 -19.63 31.03
N GLU C 282 27.98 -19.81 30.18
CA GLU C 282 28.58 -18.66 29.50
C GLU C 282 27.55 -17.95 28.63
N MET C 283 26.78 -18.71 27.86
CA MET C 283 25.81 -18.11 26.95
C MET C 283 24.54 -17.66 27.66
N CYS C 284 24.26 -18.20 28.84
CA CYS C 284 23.16 -17.68 29.65
C CYS C 284 23.55 -16.35 30.30
N HIS C 285 24.84 -16.14 30.53
CA HIS C 285 25.32 -14.87 31.07
C HIS C 285 25.59 -13.84 29.99
N SER C 286 25.37 -14.17 28.72
CA SER C 286 25.63 -13.25 27.62
C SER C 286 24.42 -13.15 26.69
N THR C 287 23.24 -13.43 27.20
CA THR C 287 22.01 -13.37 26.42
C THR C 287 20.99 -12.50 27.14
N GLN C 288 20.22 -11.74 26.37
CA GLN C 288 19.21 -10.84 26.91
C GLN C 288 17.86 -11.14 26.29
N ILE C 289 16.81 -11.01 27.10
CA ILE C 289 15.43 -11.18 26.65
C ILE C 289 14.76 -9.83 26.80
N GLY C 290 14.40 -9.21 25.69
CA GLY C 290 13.71 -7.93 25.74
C GLY C 290 14.48 -6.86 26.48
N GLY C 291 15.79 -6.79 26.29
CA GLY C 291 16.61 -5.81 26.96
C GLY C 291 16.95 -6.13 28.39
N VAL C 292 16.66 -7.35 28.85
CA VAL C 292 16.95 -7.77 30.22
C VAL C 292 17.80 -9.03 30.18
N ARG C 293 18.84 -9.07 31.02
CA ARG C 293 19.74 -10.21 31.02
C ARG C 293 18.98 -11.48 31.37
N MET C 294 19.36 -12.58 30.71
CA MET C 294 18.63 -13.84 30.87
C MET C 294 18.71 -14.35 32.31
N VAL C 295 19.87 -14.22 32.94
CA VAL C 295 20.05 -14.76 34.28
C VAL C 295 19.11 -14.08 35.27
N ASP C 296 18.93 -12.76 35.14
CA ASP C 296 18.01 -12.05 36.02
C ASP C 296 16.59 -12.59 35.87
N ILE C 297 16.15 -12.78 34.61
CA ILE C 297 14.82 -13.33 34.39
C ILE C 297 14.72 -14.71 35.02
N LEU C 298 15.75 -15.54 34.86
CA LEU C 298 15.72 -16.88 35.43
C LEU C 298 15.56 -16.82 36.94
N ARG C 299 16.31 -15.95 37.62
CA ARG C 299 16.22 -15.86 39.07
C ARG C 299 14.95 -15.14 39.52
N GLN C 300 14.20 -14.52 38.61
CA GLN C 300 12.97 -13.84 39.00
C GLN C 300 11.71 -14.33 38.28
N ASN C 301 11.83 -15.21 37.29
CA ASN C 301 10.67 -15.65 36.52
C ASN C 301 10.18 -17.00 37.02
N PRO C 302 8.94 -17.10 37.53
CA PRO C 302 8.38 -18.42 37.92
C PRO C 302 7.66 -19.11 36.77
N THR C 303 8.44 -19.65 35.84
CA THR C 303 7.91 -20.32 34.66
C THR C 303 8.26 -21.80 34.68
N GLU C 304 7.40 -22.60 34.06
CA GLU C 304 7.55 -24.06 34.03
C GLU C 304 7.83 -24.48 32.59
N GLU C 305 8.97 -25.13 32.38
CA GLU C 305 9.35 -25.67 31.08
C GLU C 305 10.64 -26.47 31.26
N GLN C 306 10.82 -27.47 30.40
CA GLN C 306 11.98 -28.34 30.53
C GLN C 306 13.28 -27.57 30.33
N ALA C 307 13.34 -26.73 29.29
CA ALA C 307 14.58 -26.03 28.98
C ALA C 307 14.89 -24.97 30.03
N VAL C 308 13.89 -24.18 30.42
CA VAL C 308 14.11 -23.16 31.45
C VAL C 308 14.44 -23.82 32.78
N ASP C 309 13.83 -24.97 33.06
CA ASP C 309 14.16 -25.70 34.29
C ASP C 309 15.60 -26.19 34.26
N ILE C 310 16.05 -26.68 33.10
CA ILE C 310 17.45 -27.10 32.98
C ILE C 310 18.38 -25.92 33.21
N CYS C 311 18.04 -24.77 32.62
CA CYS C 311 18.86 -23.58 32.81
C CYS C 311 18.91 -23.18 34.29
N LYS C 312 17.76 -23.20 34.96
CA LYS C 312 17.72 -22.87 36.38
C LYS C 312 18.58 -23.81 37.19
N ALA C 313 18.47 -25.12 36.91
CA ALA C 313 19.27 -26.10 37.64
C ALA C 313 20.76 -25.86 37.42
N ALA C 314 21.14 -25.53 36.18
CA ALA C 314 22.54 -25.22 35.92
C ALA C 314 22.99 -23.99 36.70
N MET C 315 22.15 -22.95 36.75
CA MET C 315 22.51 -21.75 37.51
C MET C 315 22.62 -22.06 39.00
N GLY C 316 21.85 -23.02 39.50
CA GLY C 316 21.85 -23.34 40.91
C GLY C 316 20.68 -22.70 41.64
N LEU C 317 19.49 -22.81 41.05
CA LEU C 317 18.27 -22.27 41.63
C LEU C 317 17.34 -23.44 41.95
N ARG C 318 16.11 -23.10 42.34
CA ARG C 318 15.11 -24.11 42.64
C ARG C 318 14.51 -24.67 41.36
N ILE C 319 14.13 -25.94 41.40
CA ILE C 319 13.57 -26.65 40.25
C ILE C 319 12.13 -27.02 40.55
N SER C 320 11.33 -27.10 39.50
CA SER C 320 9.92 -27.43 39.65
C SER C 320 9.76 -28.86 40.16
N SER C 321 8.65 -29.10 40.86
CA SER C 321 8.35 -30.40 41.42
C SER C 321 7.81 -31.31 40.31
N SER C 322 7.27 -32.47 40.70
CA SER C 322 6.75 -33.43 39.74
C SER C 322 7.89 -34.05 38.94
N PHE C 323 7.57 -34.65 37.79
CA PHE C 323 8.58 -35.29 36.96
C PHE C 323 8.11 -35.20 35.51
N SER C 324 8.93 -34.58 34.67
CA SER C 324 8.57 -34.38 33.26
C SER C 324 9.05 -35.55 32.42
N PHE C 325 8.19 -35.98 31.49
CA PHE C 325 8.47 -37.17 30.70
C PHE C 325 7.60 -37.14 29.46
N GLY C 326 8.22 -37.28 28.30
CA GLY C 326 7.48 -37.27 27.05
C GLY C 326 6.65 -36.02 26.83
N GLY C 327 7.03 -34.91 27.46
CA GLY C 327 6.28 -33.68 27.35
C GLY C 327 5.09 -33.56 28.27
N PHE C 328 4.98 -34.44 29.28
CA PHE C 328 3.90 -34.39 30.24
C PHE C 328 4.47 -34.42 31.64
N THR C 329 3.83 -33.71 32.57
CA THR C 329 4.31 -33.60 33.94
C THR C 329 3.50 -34.53 34.82
N PHE C 330 4.18 -35.48 35.47
CA PHE C 330 3.56 -36.45 36.37
C PHE C 330 3.77 -36.00 37.80
N LYS C 331 2.68 -35.89 38.55
CA LYS C 331 2.72 -35.58 39.98
C LYS C 331 2.27 -36.81 40.74
N ARG C 332 3.10 -37.28 41.66
CA ARG C 332 2.82 -38.50 42.42
C ARG C 332 1.85 -38.17 43.55
N THR C 333 0.59 -38.57 43.40
CA THR C 333 -0.40 -38.29 44.44
C THR C 333 -0.22 -39.23 45.63
N SER C 334 0.14 -40.48 45.38
CA SER C 334 0.34 -41.45 46.45
C SER C 334 1.21 -42.59 45.92
N GLY C 335 1.77 -43.35 46.85
CA GLY C 335 2.55 -44.52 46.54
C GLY C 335 4.05 -44.26 46.69
N SER C 336 4.81 -45.31 46.38
CA SER C 336 6.26 -45.27 46.46
C SER C 336 6.83 -46.27 45.48
N SER C 337 8.13 -46.13 45.20
CA SER C 337 8.79 -47.00 44.23
C SER C 337 10.28 -47.04 44.53
N VAL C 338 10.95 -48.04 43.97
CA VAL C 338 12.39 -48.19 44.04
C VAL C 338 12.89 -48.58 42.66
N LYS C 339 13.98 -47.95 42.22
CA LYS C 339 14.54 -48.23 40.91
C LYS C 339 15.28 -49.55 40.90
N ARG C 340 15.02 -50.36 39.88
CA ARG C 340 15.72 -51.64 39.69
C ARG C 340 16.10 -51.77 38.22
N GLU C 341 17.34 -52.17 37.97
CA GLU C 341 17.81 -52.40 36.61
C GLU C 341 17.50 -53.83 36.21
N GLU C 342 16.68 -53.98 35.17
CA GLU C 342 16.23 -55.29 34.69
C GLU C 342 16.64 -55.46 33.24
N GLU C 343 17.22 -56.62 32.92
CA GLU C 343 17.62 -56.95 31.56
C GLU C 343 16.45 -57.63 30.86
N VAL C 344 16.06 -57.09 29.70
CA VAL C 344 14.94 -57.61 28.94
C VAL C 344 15.31 -57.65 27.46
N LEU C 345 14.57 -58.48 26.72
CA LEU C 345 14.74 -58.65 25.29
C LEU C 345 13.63 -57.91 24.56
N THR C 346 14.01 -57.08 23.59
CA THR C 346 13.06 -56.25 22.86
C THR C 346 12.52 -57.00 21.64
N GLY C 347 11.37 -56.53 21.16
CA GLY C 347 10.73 -57.19 20.04
C GLY C 347 11.62 -57.33 18.82
N ASN C 348 12.58 -56.41 18.67
CA ASN C 348 13.58 -56.50 17.60
C ASN C 348 14.77 -57.36 18.00
N LEU C 349 14.64 -58.18 19.05
CA LEU C 349 15.70 -59.09 19.48
C LEU C 349 16.92 -58.32 19.98
N GLN C 350 16.68 -57.36 20.88
CA GLN C 350 17.73 -56.56 21.49
C GLN C 350 17.68 -56.73 23.00
N THR C 351 18.83 -57.05 23.58
CA THR C 351 18.97 -57.18 25.03
C THR C 351 19.39 -55.85 25.62
N LEU C 352 18.62 -55.33 26.57
CA LEU C 352 18.91 -54.03 27.14
C LEU C 352 18.46 -53.97 28.59
N LYS C 353 19.09 -53.07 29.34
CA LYS C 353 18.78 -52.83 30.75
C LYS C 353 17.85 -51.64 30.86
N ILE C 354 16.77 -51.79 31.62
CA ILE C 354 15.78 -50.74 31.82
C ILE C 354 15.55 -50.55 33.32
N ARG C 355 15.36 -49.31 33.72
CA ARG C 355 15.10 -48.97 35.12
C ARG C 355 13.60 -49.02 35.37
N VAL C 356 13.17 -50.00 36.15
CA VAL C 356 11.76 -50.20 36.49
C VAL C 356 11.51 -49.67 37.89
N HIS C 357 10.33 -49.09 38.09
CA HIS C 357 9.89 -48.60 39.38
C HIS C 357 8.96 -49.64 40.01
N GLU C 358 9.33 -50.12 41.20
CA GLU C 358 8.57 -51.17 41.86
C GLU C 358 7.40 -50.57 42.64
N GLY C 359 6.51 -51.45 43.10
CA GLY C 359 5.40 -51.05 43.92
C GLY C 359 4.24 -50.49 43.10
N TYR C 360 3.18 -50.12 43.82
CA TYR C 360 1.99 -49.56 43.23
C TYR C 360 1.91 -48.07 43.54
N GLU C 361 1.74 -47.26 42.50
CA GLU C 361 1.78 -45.81 42.63
C GLU C 361 0.66 -45.19 41.81
N GLU C 362 0.31 -43.96 42.20
CA GLU C 362 -0.75 -43.18 41.57
C GLU C 362 -0.20 -41.82 41.16
N PHE C 363 -0.39 -41.45 39.89
CA PHE C 363 0.12 -40.20 39.37
C PHE C 363 -0.99 -39.47 38.62
N THR C 364 -0.89 -38.15 38.61
CA THR C 364 -1.73 -37.30 37.77
C THR C 364 -0.83 -36.61 36.77
N MET C 365 -1.16 -36.75 35.49
CA MET C 365 -0.35 -36.19 34.41
C MET C 365 -1.05 -34.99 33.81
N VAL C 366 -0.30 -33.89 33.68
CA VAL C 366 -0.77 -32.65 33.09
C VAL C 366 0.02 -32.40 31.82
N GLY C 367 -0.70 -32.03 30.76
CA GLY C 367 -0.08 -31.68 29.51
C GLY C 367 -0.79 -30.49 28.90
N ARG C 368 -0.12 -29.89 27.90
CA ARG C 368 -0.69 -28.72 27.25
C ARG C 368 -1.97 -29.03 26.49
N ARG C 369 -2.23 -30.31 26.21
CA ARG C 369 -3.43 -30.70 25.48
C ARG C 369 -4.16 -31.89 26.09
N ALA C 370 -3.70 -32.41 27.23
CA ALA C 370 -4.35 -33.56 27.83
C ALA C 370 -4.02 -33.62 29.32
N THR C 371 -4.99 -34.10 30.10
CA THR C 371 -4.85 -34.33 31.53
C THR C 371 -5.40 -35.71 31.84
N ALA C 372 -4.73 -36.43 32.75
CA ALA C 372 -5.11 -37.83 32.97
C ALA C 372 -4.62 -38.29 34.34
N ILE C 373 -5.08 -39.48 34.73
CA ILE C 373 -4.69 -40.13 35.97
C ILE C 373 -4.26 -41.55 35.66
N LEU C 374 -3.14 -41.98 36.23
CA LEU C 374 -2.56 -43.30 35.98
C LEU C 374 -2.25 -43.97 37.30
N ARG C 375 -2.84 -45.15 37.52
CA ARG C 375 -2.53 -45.99 38.67
C ARG C 375 -1.86 -47.25 38.15
N LYS C 376 -0.65 -47.53 38.63
CA LYS C 376 0.16 -48.59 38.05
C LYS C 376 0.87 -49.39 39.12
N ALA C 377 1.25 -50.61 38.75
CA ALA C 377 2.08 -51.50 39.57
C ALA C 377 3.41 -51.73 38.85
N THR C 378 4.22 -52.62 39.42
CA THR C 378 5.53 -52.91 38.85
C THR C 378 5.35 -53.61 37.50
N ARG C 379 5.70 -52.92 36.42
CA ARG C 379 5.61 -53.45 35.06
C ARG C 379 4.18 -53.86 34.70
N ARG C 380 3.19 -53.32 35.40
CA ARG C 380 1.79 -53.69 35.16
C ARG C 380 0.92 -52.50 35.52
N LEU C 381 0.29 -51.91 34.52
CA LEU C 381 -0.58 -50.76 34.75
C LEU C 381 -1.95 -51.22 35.22
N ILE C 382 -2.43 -50.65 36.31
CA ILE C 382 -3.74 -51.01 36.84
C ILE C 382 -4.85 -50.33 36.05
N GLN C 383 -4.76 -49.01 35.90
CA GLN C 383 -5.80 -48.28 35.19
C GLN C 383 -5.27 -46.93 34.72
N LEU C 384 -5.85 -46.45 33.64
CA LEU C 384 -5.57 -45.12 33.11
C LEU C 384 -6.87 -44.45 32.72
N ILE C 385 -7.04 -43.21 33.13
CA ILE C 385 -8.18 -42.39 32.75
C ILE C 385 -7.63 -41.17 32.04
N VAL C 386 -7.98 -40.99 30.77
CA VAL C 386 -7.44 -39.92 29.95
C VAL C 386 -8.54 -38.90 29.66
N SER C 387 -8.12 -37.65 29.51
CA SER C 387 -9.02 -36.55 29.18
C SER C 387 -8.41 -35.66 28.11
N GLY C 388 -7.84 -36.28 27.08
CA GLY C 388 -7.21 -35.52 26.02
C GLY C 388 -8.20 -34.71 25.22
N LYS C 389 -7.71 -33.63 24.62
CA LYS C 389 -8.59 -32.75 23.84
C LYS C 389 -9.04 -33.41 22.56
N ASP C 390 -8.11 -33.75 21.68
CA ASP C 390 -8.39 -34.33 20.38
C ASP C 390 -7.92 -35.78 20.35
N GLU C 391 -8.18 -36.44 19.21
CA GLU C 391 -7.82 -37.85 19.08
C GLU C 391 -6.31 -38.03 19.18
N GLN C 392 -5.54 -37.16 18.53
CA GLN C 392 -4.09 -37.30 18.57
C GLN C 392 -3.54 -37.06 19.97
N SER C 393 -4.10 -36.09 20.68
CA SER C 393 -3.68 -35.85 22.06
C SER C 393 -3.95 -37.08 22.93
N ILE C 394 -5.13 -37.70 22.77
CA ILE C 394 -5.44 -38.90 23.53
C ILE C 394 -4.52 -40.04 23.14
N ALA C 395 -4.18 -40.14 21.85
CA ALA C 395 -3.23 -41.15 21.42
C ALA C 395 -1.90 -40.99 22.12
N GLU C 396 -1.36 -39.77 22.11
CA GLU C 396 -0.08 -39.53 22.76
C GLU C 396 -0.17 -39.80 24.25
N ALA C 397 -1.27 -39.39 24.88
CA ALA C 397 -1.43 -39.61 26.32
C ALA C 397 -1.46 -41.08 26.66
N ILE C 398 -2.23 -41.88 25.91
CA ILE C 398 -2.31 -43.31 26.18
C ILE C 398 -0.98 -43.97 25.92
N ILE C 399 -0.31 -43.59 24.83
CA ILE C 399 0.99 -44.18 24.52
C ILE C 399 1.98 -43.87 25.64
N VAL C 400 2.00 -42.63 26.11
CA VAL C 400 2.94 -42.25 27.17
C VAL C 400 2.59 -42.99 28.46
N ALA C 401 1.31 -43.15 28.75
CA ALA C 401 0.90 -43.85 29.97
C ALA C 401 1.38 -45.29 29.95
N MET C 402 1.05 -46.02 28.88
CA MET C 402 1.46 -47.42 28.79
C MET C 402 2.96 -47.57 28.63
N VAL C 403 3.64 -46.56 28.11
CA VAL C 403 5.09 -46.59 28.03
C VAL C 403 5.69 -46.43 29.43
N PHE C 404 5.13 -45.51 30.22
CA PHE C 404 5.54 -45.37 31.61
C PHE C 404 5.19 -46.62 32.43
N SER C 405 4.21 -47.40 31.98
CA SER C 405 3.84 -48.61 32.72
C SER C 405 5.00 -49.62 32.76
N GLN C 406 5.90 -49.57 31.78
CA GLN C 406 7.04 -50.49 31.70
C GLN C 406 6.60 -51.92 31.43
N GLU C 407 5.47 -52.11 30.75
CA GLU C 407 4.98 -53.45 30.46
C GLU C 407 5.90 -54.15 29.48
N ASP C 408 6.15 -55.44 29.73
CA ASP C 408 6.95 -56.23 28.80
C ASP C 408 6.21 -56.46 27.49
N CYS C 409 4.88 -56.39 27.49
CA CYS C 409 4.14 -56.49 26.24
C CYS C 409 4.53 -55.36 25.29
N MET C 410 4.76 -54.16 25.84
CA MET C 410 5.28 -53.07 25.03
C MET C 410 6.66 -53.41 24.48
N ILE C 411 7.53 -53.93 25.33
CA ILE C 411 8.90 -54.19 24.92
C ILE C 411 8.94 -55.20 23.79
N LYS C 412 8.18 -56.29 23.92
CA LYS C 412 8.14 -57.31 22.87
C LYS C 412 7.43 -56.83 21.62
N ALA C 413 6.61 -55.78 21.72
CA ALA C 413 5.86 -55.29 20.57
C ALA C 413 6.74 -54.57 19.55
N VAL C 414 8.00 -54.29 19.90
CA VAL C 414 8.86 -53.57 18.98
C VAL C 414 9.03 -54.36 17.70
N ARG C 415 9.02 -53.65 16.57
CA ARG C 415 9.20 -54.26 15.27
C ARG C 415 10.06 -53.35 14.40
N GLY C 416 10.63 -53.93 13.35
CA GLY C 416 11.48 -53.18 12.47
C GLY C 416 12.84 -52.90 13.09
N ASP C 417 13.55 -51.93 12.51
CA ASP C 417 14.86 -51.54 12.97
C ASP C 417 14.74 -50.31 13.86
N LEU C 418 15.26 -50.42 15.08
CA LEU C 418 15.27 -49.31 16.03
C LEU C 418 16.67 -49.21 16.64
N ASN C 419 17.18 -47.99 16.74
CA ASN C 419 18.52 -47.73 17.25
C ASN C 419 18.41 -46.95 18.54
N PHE C 420 18.94 -47.52 19.64
CA PHE C 420 18.97 -46.85 20.93
C PHE C 420 20.25 -46.07 21.15
N VAL C 421 21.14 -46.01 20.16
CA VAL C 421 22.36 -45.23 20.21
C VAL C 421 22.31 -44.20 19.10
N ASN C 422 22.60 -42.94 19.44
CA ASN C 422 22.49 -41.85 18.48
C ASN C 422 23.43 -42.09 17.31
N ARG C 423 23.27 -41.24 16.29
CA ARG C 423 24.08 -41.36 15.08
C ARG C 423 25.56 -41.08 15.32
N ALA C 424 25.91 -40.47 16.45
CA ALA C 424 27.30 -40.27 16.84
C ALA C 424 27.67 -41.10 18.07
N ASN C 425 27.02 -42.24 18.25
CA ASN C 425 27.26 -43.11 19.38
C ASN C 425 27.06 -42.38 20.71
N GLN C 426 25.99 -41.59 20.78
CA GLN C 426 25.55 -40.96 22.02
C GLN C 426 24.41 -41.78 22.60
N ARG C 427 24.64 -42.41 23.74
CA ARG C 427 23.63 -43.28 24.32
C ARG C 427 22.36 -42.47 24.58
N LEU C 428 21.22 -43.04 24.19
CA LEU C 428 19.92 -42.41 24.33
C LEU C 428 19.12 -43.14 25.39
N ASN C 429 18.32 -42.39 26.13
CA ASN C 429 17.47 -42.99 27.13
C ASN C 429 16.55 -44.01 26.47
N PRO C 430 16.58 -45.28 26.89
CA PRO C 430 15.67 -46.26 26.26
C PRO C 430 14.22 -45.83 26.36
N MET C 431 13.84 -45.21 27.48
CA MET C 431 12.45 -44.82 27.68
C MET C 431 12.03 -43.81 26.63
N HIS C 432 12.84 -42.78 26.41
CA HIS C 432 12.53 -41.75 25.43
C HIS C 432 12.57 -42.30 24.01
N GLN C 433 13.52 -43.18 23.72
CA GLN C 433 13.59 -43.77 22.39
C GLN C 433 12.33 -44.58 22.10
N LEU C 434 11.87 -45.36 23.08
CA LEU C 434 10.62 -46.09 22.92
C LEU C 434 9.46 -45.13 22.71
N LEU C 435 9.41 -44.05 23.50
CA LEU C 435 8.37 -43.04 23.30
C LEU C 435 8.35 -42.54 21.86
N ARG C 436 9.52 -42.18 21.35
CA ARG C 436 9.61 -41.60 20.01
C ARG C 436 9.17 -42.59 18.95
N HIS C 437 9.70 -43.81 19.01
CA HIS C 437 9.36 -44.79 17.99
C HIS C 437 7.91 -45.25 18.07
N PHE C 438 7.31 -45.22 19.26
CA PHE C 438 5.89 -45.54 19.37
C PHE C 438 5.01 -44.38 18.90
N GLN C 439 5.47 -43.15 19.09
CA GLN C 439 4.77 -42.01 18.49
C GLN C 439 4.85 -42.05 16.97
N LYS C 440 5.94 -42.59 16.42
CA LYS C 440 6.04 -42.74 14.98
C LYS C 440 4.91 -43.60 14.44
N ASP C 441 4.63 -44.73 15.10
CA ASP C 441 3.54 -45.61 14.71
C ASP C 441 3.22 -46.54 15.86
N ALA C 442 1.95 -46.59 16.26
CA ALA C 442 1.52 -47.42 17.38
C ALA C 442 0.46 -48.45 17.00
N LYS C 443 0.23 -48.66 15.70
CA LYS C 443 -0.74 -49.68 15.29
C LYS C 443 -0.29 -51.06 15.75
N VAL C 444 0.96 -51.42 15.48
CA VAL C 444 1.49 -52.70 15.95
C VAL C 444 1.51 -52.73 17.47
N LEU C 445 1.85 -51.61 18.10
CA LEU C 445 1.88 -51.54 19.56
C LEU C 445 0.50 -51.83 20.13
N PHE C 446 -0.54 -51.21 19.57
CA PHE C 446 -1.89 -51.44 20.06
C PHE C 446 -2.35 -52.86 19.80
N GLN C 447 -2.03 -53.39 18.61
CA GLN C 447 -2.46 -54.74 18.27
C GLN C 447 -1.83 -55.77 19.21
N ASN C 448 -0.71 -55.43 19.83
CA ASN C 448 -0.01 -56.34 20.74
C ASN C 448 -0.23 -55.99 22.21
N TRP C 449 -1.18 -55.11 22.52
CA TRP C 449 -1.41 -54.71 23.90
C TRP C 449 -2.46 -55.58 24.59
N GLY C 450 -3.59 -55.80 23.95
CA GLY C 450 -4.64 -56.64 24.48
C GLY C 450 -6.01 -56.01 24.33
N ILE C 451 -7.01 -56.72 24.88
CA ILE C 451 -8.40 -56.27 24.82
C ILE C 451 -9.02 -56.44 26.20
N GLU C 452 -10.02 -55.61 26.49
CA GLU C 452 -10.75 -55.70 27.76
C GLU C 452 -12.11 -55.01 27.63
N PRO C 453 -13.21 -55.70 27.91
CA PRO C 453 -14.51 -55.02 27.94
C PRO C 453 -14.62 -54.10 29.15
N ILE C 454 -15.50 -53.11 29.02
CA ILE C 454 -15.71 -52.12 30.07
C ILE C 454 -17.13 -52.23 30.59
N ASP C 455 -17.33 -51.75 31.81
CA ASP C 455 -18.60 -51.88 32.51
C ASP C 455 -19.51 -50.67 32.34
N ASN C 456 -19.08 -49.66 31.58
CA ASN C 456 -19.89 -48.46 31.33
C ASN C 456 -20.26 -47.78 32.65
N VAL C 457 -19.24 -47.34 33.38
CA VAL C 457 -19.39 -46.69 34.66
C VAL C 457 -19.26 -45.18 34.47
N MET C 458 -20.26 -44.44 34.95
CA MET C 458 -20.28 -42.99 34.92
C MET C 458 -20.20 -42.43 33.50
N GLY C 459 -20.50 -43.25 32.49
CA GLY C 459 -20.47 -42.79 31.12
C GLY C 459 -19.11 -42.72 30.48
N MET C 460 -18.08 -43.23 31.14
CA MET C 460 -16.75 -43.24 30.55
C MET C 460 -16.74 -44.07 29.28
N ILE C 461 -16.08 -43.53 28.24
CA ILE C 461 -16.07 -44.15 26.92
C ILE C 461 -14.79 -44.96 26.76
N GLY C 462 -14.88 -46.05 26.00
CA GLY C 462 -13.74 -46.89 25.71
C GLY C 462 -12.96 -46.40 24.50
N ILE C 463 -11.91 -47.15 24.18
CA ILE C 463 -11.02 -46.84 23.06
C ILE C 463 -10.64 -48.12 22.36
N LEU C 464 -10.61 -48.10 21.03
CA LEU C 464 -10.32 -49.26 20.21
C LEU C 464 -8.90 -49.20 19.67
N PRO C 465 -8.34 -50.34 19.28
CA PRO C 465 -6.98 -50.33 18.69
C PRO C 465 -6.88 -49.46 17.45
N ASP C 466 -7.94 -49.37 16.65
CA ASP C 466 -7.99 -48.46 15.51
C ASP C 466 -8.38 -47.04 15.91
N MET C 467 -8.37 -46.74 17.21
CA MET C 467 -8.64 -45.41 17.73
C MET C 467 -10.05 -44.93 17.35
N THR C 468 -11.04 -45.65 17.86
CA THR C 468 -12.43 -45.24 17.81
C THR C 468 -13.05 -45.44 19.18
N PRO C 469 -14.05 -44.61 19.54
CA PRO C 469 -14.60 -44.69 20.91
C PRO C 469 -15.66 -45.79 21.08
N SER C 470 -15.19 -47.01 21.31
CA SER C 470 -16.10 -48.12 21.57
C SER C 470 -16.71 -48.00 22.96
N THR C 471 -17.96 -48.42 23.08
CA THR C 471 -18.68 -48.38 24.35
C THR C 471 -18.73 -49.73 25.06
N GLU C 472 -18.78 -50.83 24.31
CA GLU C 472 -18.82 -52.16 24.91
C GLU C 472 -17.44 -52.78 25.07
N MET C 473 -16.42 -52.24 24.40
CA MET C 473 -15.07 -52.77 24.50
C MET C 473 -14.09 -51.60 24.53
N SER C 474 -12.95 -51.81 25.17
CA SER C 474 -11.93 -50.79 25.27
C SER C 474 -10.57 -51.46 25.41
N LEU C 475 -9.51 -50.69 25.19
CA LEU C 475 -8.17 -51.19 25.42
C LEU C 475 -7.98 -51.49 26.90
N ARG C 476 -7.08 -52.44 27.19
CA ARG C 476 -6.92 -52.93 28.55
C ARG C 476 -6.58 -51.79 29.51
N GLY C 477 -7.49 -51.52 30.44
CA GLY C 477 -7.25 -50.53 31.48
C GLY C 477 -7.14 -49.11 30.98
N VAL C 478 -7.98 -48.70 30.03
CA VAL C 478 -8.00 -47.34 29.52
C VAL C 478 -9.44 -46.87 29.46
N ARG C 479 -9.69 -45.68 30.00
CA ARG C 479 -10.99 -45.03 29.93
C ARG C 479 -10.82 -43.59 29.47
N VAL C 480 -11.84 -43.08 28.81
CA VAL C 480 -11.85 -41.71 28.29
C VAL C 480 -13.05 -40.99 28.89
N SER C 481 -12.79 -39.83 29.50
CA SER C 481 -13.84 -39.06 30.17
C SER C 481 -13.83 -37.59 29.75
N LYS C 482 -12.65 -37.05 29.46
CA LYS C 482 -12.50 -35.68 28.99
C LYS C 482 -12.90 -34.67 30.06
N MET C 483 -12.24 -34.76 31.22
CA MET C 483 -12.34 -33.71 32.24
C MET C 483 -11.59 -32.47 31.78
N GLY C 484 -11.72 -31.40 32.58
CA GLY C 484 -11.09 -30.13 32.27
C GLY C 484 -9.62 -30.04 32.66
N VAL C 485 -9.34 -30.13 33.96
CA VAL C 485 -8.00 -29.88 34.49
C VAL C 485 -7.68 -30.95 35.53
N ASP C 486 -6.41 -30.97 35.96
CA ASP C 486 -5.94 -31.96 36.90
C ASP C 486 -6.44 -31.66 38.31
N GLU C 487 -6.01 -32.48 39.27
CA GLU C 487 -6.48 -32.33 40.64
C GLU C 487 -6.07 -31.00 41.24
N TYR C 488 -4.81 -30.61 41.05
CA TYR C 488 -4.30 -29.40 41.67
C TYR C 488 -2.89 -29.14 41.15
N SER C 489 -2.53 -27.86 41.08
CA SER C 489 -1.20 -27.48 40.61
C SER C 489 -0.14 -27.84 41.65
N SER C 490 1.03 -28.26 41.17
CA SER C 490 2.15 -28.63 42.02
C SER C 490 3.18 -27.51 42.02
N THR C 491 3.51 -27.01 43.22
CA THR C 491 4.48 -25.92 43.35
C THR C 491 5.47 -26.19 44.47
N GLU C 492 5.80 -27.46 44.70
CA GLU C 492 6.73 -27.85 45.76
C GLU C 492 8.14 -27.88 45.17
N ARG C 493 8.74 -26.70 45.05
CA ARG C 493 10.07 -26.59 44.47
C ARG C 493 11.07 -27.42 45.26
N VAL C 494 11.95 -28.12 44.53
CA VAL C 494 12.95 -28.99 45.11
C VAL C 494 14.31 -28.64 44.52
N VAL C 495 15.36 -29.08 45.21
CA VAL C 495 16.74 -28.84 44.79
C VAL C 495 17.30 -30.13 44.20
N VAL C 496 18.01 -30.00 43.08
CA VAL C 496 18.61 -31.14 42.38
C VAL C 496 20.02 -30.76 41.96
N SER C 497 20.73 -31.75 41.43
CA SER C 497 22.08 -31.57 40.90
C SER C 497 22.09 -31.85 39.41
N ILE C 498 22.95 -31.16 38.68
CA ILE C 498 23.05 -31.26 37.23
C ILE C 498 24.37 -31.93 36.88
N ASP C 499 24.29 -32.99 36.09
CA ASP C 499 25.48 -33.72 35.68
C ASP C 499 26.26 -32.90 34.64
N ARG C 500 27.49 -33.36 34.36
CA ARG C 500 28.33 -32.66 33.39
C ARG C 500 27.65 -32.58 32.03
N PHE C 501 26.83 -33.57 31.68
CA PHE C 501 26.12 -33.60 30.42
C PHE C 501 24.68 -33.12 30.55
N LEU C 502 24.43 -32.16 31.44
CA LEU C 502 23.12 -31.55 31.59
C LEU C 502 22.06 -32.58 31.98
N ARG C 503 22.47 -33.60 32.72
CA ARG C 503 21.53 -34.57 33.28
C ARG C 503 21.14 -34.13 34.69
N VAL C 504 19.85 -34.04 34.94
CA VAL C 504 19.33 -33.57 36.22
C VAL C 504 18.90 -34.78 37.04
N ARG C 505 19.53 -34.98 38.19
CA ARG C 505 19.24 -36.08 39.08
C ARG C 505 18.68 -35.53 40.39
N ASP C 506 17.79 -36.32 41.00
CA ASP C 506 17.20 -35.94 42.27
C ASP C 506 18.21 -36.08 43.39
N GLN C 507 17.83 -35.61 44.58
CA GLN C 507 18.70 -35.74 45.74
C GLN C 507 19.01 -37.22 46.02
N ARG C 508 18.00 -38.07 45.95
CA ARG C 508 18.23 -39.50 46.12
C ARG C 508 19.09 -40.06 45.01
N GLY C 509 18.85 -39.61 43.77
CA GLY C 509 19.64 -40.07 42.64
C GLY C 509 18.81 -40.39 41.41
N ASN C 510 17.50 -40.15 41.49
CA ASN C 510 16.61 -40.42 40.37
C ASN C 510 16.71 -39.31 39.34
N VAL C 511 16.87 -39.68 38.07
CA VAL C 511 16.95 -38.69 37.00
C VAL C 511 15.60 -38.00 36.86
N LEU C 512 15.63 -36.68 36.82
CA LEU C 512 14.42 -35.86 36.72
C LEU C 512 14.25 -35.22 35.35
N LEU C 513 15.34 -34.82 34.69
CA LEU C 513 15.26 -34.22 33.37
C LEU C 513 16.55 -34.53 32.61
N SER C 514 16.44 -34.49 31.28
CA SER C 514 17.57 -34.80 30.42
C SER C 514 17.47 -33.93 29.17
N PRO C 515 18.58 -33.75 28.44
CA PRO C 515 18.53 -32.96 27.21
C PRO C 515 17.56 -33.51 26.17
N GLU C 516 17.35 -34.82 26.13
CA GLU C 516 16.52 -35.41 25.08
C GLU C 516 15.07 -34.97 25.16
N GLU C 517 14.65 -34.39 26.29
CA GLU C 517 13.25 -34.01 26.47
C GLU C 517 12.89 -32.68 25.80
N VAL C 518 13.87 -31.90 25.36
CA VAL C 518 13.58 -30.55 24.87
C VAL C 518 12.74 -30.65 23.60
N SER C 519 11.67 -29.86 23.55
CA SER C 519 10.86 -29.80 22.35
C SER C 519 11.64 -29.15 21.21
N GLU C 520 11.39 -29.63 19.99
CA GLU C 520 12.09 -29.16 18.81
C GLU C 520 11.33 -28.08 18.06
N THR C 521 10.21 -27.60 18.62
CA THR C 521 9.42 -26.55 17.98
C THR C 521 10.24 -25.29 17.80
N GLN C 522 10.52 -24.92 16.54
CA GLN C 522 11.30 -23.73 16.23
C GLN C 522 10.35 -22.58 15.97
N GLY C 523 9.98 -21.87 17.02
CA GLY C 523 9.12 -20.71 16.92
C GLY C 523 9.92 -19.44 16.68
N THR C 524 9.22 -18.31 16.80
CA THR C 524 9.82 -16.99 16.63
C THR C 524 9.60 -16.17 17.90
N GLU C 525 10.65 -15.49 18.33
CA GLU C 525 10.62 -14.77 19.59
C GLU C 525 9.62 -13.61 19.53
N LYS C 526 8.88 -13.42 20.62
CA LYS C 526 8.00 -12.27 20.73
C LYS C 526 8.81 -11.01 21.08
N LEU C 527 9.61 -11.10 22.13
CA LEU C 527 10.53 -10.03 22.49
C LEU C 527 11.87 -10.23 21.78
N THR C 528 12.61 -9.14 21.64
CA THR C 528 13.88 -9.17 20.93
C THR C 528 14.90 -9.92 21.77
N ILE C 529 15.11 -11.18 21.45
CA ILE C 529 16.07 -12.01 22.16
C ILE C 529 17.44 -11.75 21.54
N THR C 530 18.32 -11.10 22.31
CA THR C 530 19.67 -10.78 21.87
C THR C 530 20.60 -11.90 22.32
N TYR C 531 21.10 -12.67 21.36
CA TYR C 531 22.06 -13.73 21.63
C TYR C 531 23.48 -13.19 21.46
N SER C 532 23.81 -12.21 22.29
CA SER C 532 25.11 -11.55 22.20
C SER C 532 26.19 -12.54 22.56
N SER C 533 26.89 -13.06 21.56
CA SER C 533 27.97 -14.01 21.77
C SER C 533 28.92 -13.91 20.58
N SER C 534 30.03 -14.62 20.67
CA SER C 534 30.99 -14.62 19.58
C SER C 534 30.32 -15.04 18.27
N MET C 535 29.64 -16.19 18.29
CA MET C 535 28.96 -16.70 17.10
C MET C 535 27.82 -17.59 17.58
N MET C 536 26.62 -17.04 17.66
CA MET C 536 25.45 -17.73 18.23
C MET C 536 24.21 -17.43 17.42
N TRP C 537 24.38 -17.21 16.12
CA TRP C 537 23.26 -16.86 15.23
C TRP C 537 22.66 -18.11 14.59
N GLU C 538 22.33 -19.11 15.41
CA GLU C 538 21.78 -20.35 14.87
C GLU C 538 20.32 -20.21 14.47
N ILE C 539 19.60 -19.23 15.04
CA ILE C 539 18.21 -19.01 14.65
C ILE C 539 18.13 -18.65 13.18
N ASN C 540 19.18 -18.06 12.63
CA ASN C 540 19.24 -17.79 11.20
C ASN C 540 19.27 -19.09 10.43
N GLY C 541 19.27 -18.99 9.10
CA GLY C 541 19.32 -20.15 8.25
C GLY C 541 20.72 -20.74 8.19
N PRO C 542 20.82 -22.00 7.73
CA PRO C 542 22.16 -22.61 7.58
C PRO C 542 23.07 -21.85 6.64
N GLU C 543 22.53 -21.28 5.55
CA GLU C 543 23.36 -20.46 4.67
C GLU C 543 23.91 -19.27 5.43
N SER C 544 23.08 -18.63 6.25
CA SER C 544 23.56 -17.57 7.12
C SER C 544 24.65 -18.08 8.04
N VAL C 545 24.50 -19.29 8.56
CA VAL C 545 25.52 -19.86 9.44
C VAL C 545 26.86 -19.95 8.72
N LEU C 546 26.85 -20.52 7.51
CA LEU C 546 28.09 -20.70 6.76
C LEU C 546 28.72 -19.36 6.41
N VAL C 547 27.90 -18.42 5.93
CA VAL C 547 28.43 -17.11 5.56
C VAL C 547 29.04 -16.42 6.77
N ASN C 548 28.34 -16.46 7.91
CA ASN C 548 28.84 -15.78 9.10
C ASN C 548 30.12 -16.42 9.62
N THR C 549 30.21 -17.75 9.60
CA THR C 549 31.43 -18.38 10.08
C THR C 549 32.62 -18.04 9.18
N TYR C 550 32.42 -18.06 7.87
CA TYR C 550 33.51 -17.69 6.98
C TYR C 550 33.90 -16.22 7.15
N GLN C 551 32.90 -15.35 7.33
CA GLN C 551 33.18 -13.94 7.59
C GLN C 551 33.97 -13.76 8.87
N TRP C 552 33.62 -14.52 9.91
CA TRP C 552 34.37 -14.46 11.17
C TRP C 552 35.81 -14.90 10.96
N ILE C 553 36.01 -15.98 10.22
CA ILE C 553 37.38 -16.41 9.93
C ILE C 553 38.15 -15.30 9.25
N ILE C 554 37.50 -14.61 8.30
CA ILE C 554 38.17 -13.52 7.61
C ILE C 554 38.48 -12.37 8.57
N ARG C 555 37.52 -12.02 9.43
CA ARG C 555 37.68 -10.86 10.31
C ARG C 555 38.87 -11.04 11.24
N ASN C 556 38.93 -12.18 11.92
CA ASN C 556 39.97 -12.44 12.92
C ASN C 556 41.09 -13.28 12.35
N TRP C 557 41.43 -13.07 11.07
CA TRP C 557 42.43 -13.90 10.42
C TRP C 557 43.81 -13.79 11.07
N GLU C 558 44.12 -12.68 11.74
CA GLU C 558 45.44 -12.55 12.36
C GLU C 558 45.59 -13.52 13.51
N ASN C 559 44.74 -13.40 14.54
CA ASN C 559 44.82 -14.29 15.68
C ASN C 559 44.52 -15.73 15.27
N VAL C 560 43.59 -15.91 14.33
CA VAL C 560 43.29 -17.25 13.84
C VAL C 560 44.54 -17.87 13.22
N LYS C 561 45.26 -17.10 12.40
CA LYS C 561 46.47 -17.61 11.75
C LYS C 561 47.55 -17.93 12.77
N ILE C 562 47.76 -17.05 13.76
CA ILE C 562 48.81 -17.33 14.73
C ILE C 562 48.45 -18.55 15.56
N GLN C 563 47.19 -18.68 15.97
CA GLN C 563 46.77 -19.86 16.72
C GLN C 563 46.92 -21.13 15.90
N TRP C 564 46.52 -21.09 14.63
CA TRP C 564 46.67 -22.24 13.76
C TRP C 564 48.14 -22.63 13.62
N SER C 565 49.02 -21.65 13.43
CA SER C 565 50.43 -21.95 13.28
C SER C 565 51.02 -22.54 14.55
N GLN C 566 50.65 -22.01 15.72
CA GLN C 566 51.29 -22.41 16.97
C GLN C 566 50.52 -23.53 17.67
N ASP C 567 49.25 -23.28 18.03
CA ASP C 567 48.44 -24.21 18.80
C ASP C 567 47.13 -24.44 18.08
N PRO C 568 47.12 -25.27 17.03
CA PRO C 568 45.88 -25.52 16.30
C PRO C 568 44.78 -26.15 17.14
N THR C 569 45.14 -26.88 18.20
CA THR C 569 44.12 -27.55 19.00
C THR C 569 43.15 -26.56 19.63
N MET C 570 43.68 -25.46 20.18
CA MET C 570 42.80 -24.47 20.79
C MET C 570 41.91 -23.81 19.76
N LEU C 571 42.42 -23.60 18.54
CA LEU C 571 41.60 -23.05 17.47
C LEU C 571 40.48 -24.02 17.11
N TYR C 572 40.79 -25.32 17.05
CA TYR C 572 39.79 -26.29 16.61
C TYR C 572 38.60 -26.36 17.56
N ASN C 573 38.86 -26.37 18.86
CA ASN C 573 37.80 -26.52 19.85
C ASN C 573 37.03 -25.23 20.11
N LYS C 574 37.16 -24.22 19.24
CA LYS C 574 36.48 -22.96 19.45
C LYS C 574 34.97 -23.15 19.47
N MET C 575 34.30 -22.39 20.34
CA MET C 575 32.85 -22.38 20.35
C MET C 575 32.28 -21.89 19.02
N GLU C 576 33.10 -21.19 18.22
CA GLU C 576 32.60 -20.53 17.03
C GLU C 576 32.38 -21.52 15.88
N PHE C 577 33.19 -22.59 15.80
CA PHE C 577 33.09 -23.54 14.71
C PHE C 577 31.97 -24.56 14.91
N GLU C 578 31.44 -24.69 16.12
CA GLU C 578 30.43 -25.73 16.37
C GLU C 578 29.18 -25.55 15.52
N PRO C 579 28.60 -24.35 15.37
CA PRO C 579 27.41 -24.23 14.51
C PRO C 579 27.64 -24.73 13.10
N PHE C 580 28.84 -24.52 12.56
CA PHE C 580 29.17 -25.09 11.25
C PHE C 580 29.13 -26.62 11.30
N GLN C 581 29.65 -27.21 12.37
CA GLN C 581 29.64 -28.66 12.48
C GLN C 581 28.22 -29.21 12.56
N SER C 582 27.28 -28.42 13.05
CA SER C 582 25.90 -28.88 13.16
C SER C 582 25.29 -29.19 11.79
N LEU C 583 25.85 -28.63 10.72
CA LEU C 583 25.35 -28.89 9.37
C LEU C 583 26.10 -30.02 8.68
N VAL C 584 27.36 -30.26 9.05
CA VAL C 584 28.12 -31.35 8.43
C VAL C 584 27.45 -32.67 8.77
N PRO C 585 27.36 -33.63 7.86
CA PRO C 585 26.77 -34.93 8.20
C PRO C 585 27.52 -35.56 9.37
N LYS C 586 26.75 -36.11 10.31
CA LYS C 586 27.34 -36.65 11.53
C LYS C 586 28.23 -37.85 11.23
N ALA C 587 27.72 -38.81 10.46
CA ALA C 587 28.46 -40.04 10.21
C ALA C 587 29.82 -39.76 9.61
N ALA C 588 29.88 -38.85 8.64
CA ALA C 588 31.14 -38.49 8.01
C ALA C 588 31.88 -37.38 8.73
N ARG C 589 31.27 -36.78 9.77
CA ARG C 589 31.90 -35.65 10.45
C ARG C 589 33.36 -35.94 10.76
N GLY C 590 33.62 -36.95 11.60
CA GLY C 590 34.99 -37.29 11.92
C GLY C 590 35.82 -37.57 10.69
N GLN C 591 35.25 -38.32 9.73
CA GLN C 591 35.97 -38.66 8.52
C GLN C 591 36.51 -37.40 7.84
N TYR C 592 35.77 -36.30 7.92
CA TYR C 592 36.28 -35.04 7.40
C TYR C 592 37.33 -34.45 8.35
N SER C 593 36.97 -34.30 9.63
CA SER C 593 37.79 -33.52 10.55
C SER C 593 39.25 -33.98 10.50
N GLY C 594 39.49 -35.24 10.89
CA GLY C 594 40.86 -35.73 10.88
C GLY C 594 41.51 -35.55 9.53
N PHE C 595 40.79 -35.90 8.47
CA PHE C 595 41.33 -35.71 7.12
C PHE C 595 41.86 -34.30 6.95
N VAL C 596 41.02 -33.31 7.26
CA VAL C 596 41.45 -31.92 7.12
C VAL C 596 42.72 -31.69 7.92
N ARG C 597 42.71 -32.13 9.19
CA ARG C 597 43.87 -31.94 10.05
C ARG C 597 45.12 -32.50 9.38
N VAL C 598 45.01 -33.68 8.77
CA VAL C 598 46.18 -34.29 8.17
C VAL C 598 46.80 -33.34 7.15
N LEU C 599 45.96 -32.76 6.28
CA LEU C 599 46.47 -31.80 5.31
C LEU C 599 47.22 -30.70 6.02
N PHE C 600 46.59 -30.09 7.03
CA PHE C 600 47.25 -29.04 7.79
C PHE C 600 48.60 -29.52 8.30
N GLN C 601 48.65 -30.74 8.86
CA GLN C 601 49.91 -31.26 9.35
C GLN C 601 50.97 -31.22 8.27
N GLN C 602 50.65 -31.74 7.08
CA GLN C 602 51.59 -31.70 5.98
C GLN C 602 51.97 -30.26 5.64
N MET C 603 50.98 -29.37 5.62
CA MET C 603 51.25 -27.98 5.28
C MET C 603 52.12 -27.31 6.35
N ARG C 604 52.12 -27.87 7.56
CA ARG C 604 53.03 -27.38 8.59
C ARG C 604 54.45 -27.89 8.38
N ASP C 605 54.60 -29.07 7.79
CA ASP C 605 55.90 -29.70 7.62
C ASP C 605 56.63 -29.24 6.36
N VAL C 606 55.93 -28.62 5.42
CA VAL C 606 56.51 -28.19 4.16
C VAL C 606 56.40 -26.67 4.11
N LEU C 607 57.54 -25.98 4.24
CA LEU C 607 57.54 -24.53 4.19
C LEU C 607 57.31 -24.05 2.76
N GLY C 608 56.56 -22.96 2.62
CA GLY C 608 56.23 -22.39 1.34
C GLY C 608 54.94 -22.91 0.74
N THR C 609 54.42 -24.02 1.24
CA THR C 609 53.15 -24.59 0.77
C THR C 609 52.00 -24.10 1.65
N PHE C 610 51.86 -22.78 1.71
CA PHE C 610 50.84 -22.12 2.52
C PHE C 610 49.81 -21.48 1.59
N ASP C 611 48.72 -22.19 1.34
CA ASP C 611 47.59 -21.66 0.57
C ASP C 611 46.58 -21.09 1.55
N THR C 612 46.54 -19.77 1.66
CA THR C 612 45.66 -19.12 2.63
C THR C 612 44.21 -19.55 2.43
N VAL C 613 43.72 -19.45 1.19
CA VAL C 613 42.31 -19.74 0.91
C VAL C 613 41.99 -21.19 1.30
N GLN C 614 42.95 -22.10 1.12
CA GLN C 614 42.71 -23.48 1.49
C GLN C 614 42.42 -23.60 2.98
N ILE C 615 43.24 -22.95 3.82
CA ILE C 615 42.99 -22.96 5.25
C ILE C 615 41.65 -22.30 5.56
N ILE C 616 41.36 -21.17 4.92
CA ILE C 616 40.10 -20.48 5.19
C ILE C 616 38.92 -21.41 4.93
N LYS C 617 38.96 -22.16 3.83
CA LYS C 617 37.82 -22.98 3.47
C LYS C 617 37.74 -24.24 4.33
N LEU C 618 38.88 -24.81 4.71
CA LEU C 618 38.86 -26.09 5.43
C LEU C 618 38.85 -25.96 6.95
N LEU C 619 39.05 -24.77 7.50
CA LEU C 619 39.11 -24.65 8.96
C LEU C 619 37.83 -25.10 9.65
N PRO C 620 36.63 -24.69 9.20
CA PRO C 620 35.42 -25.05 9.96
C PRO C 620 35.19 -26.55 10.07
N PHE C 621 35.76 -27.36 9.18
CA PHE C 621 35.50 -28.80 9.20
C PHE C 621 36.24 -29.51 10.32
N ALA C 622 37.41 -29.00 10.71
CA ALA C 622 38.30 -29.70 11.63
C ALA C 622 37.97 -29.44 13.10
N ALA C 623 36.72 -29.07 13.40
CA ALA C 623 36.30 -28.83 14.77
C ALA C 623 35.81 -30.09 15.48
N ALA C 624 35.64 -31.19 14.76
CA ALA C 624 35.14 -32.43 15.33
C ALA C 624 36.28 -33.39 15.64
N PRO C 625 36.05 -34.38 16.51
CA PRO C 625 37.12 -35.31 16.86
C PRO C 625 37.67 -36.00 15.63
N PRO C 626 38.99 -36.18 15.55
CA PRO C 626 39.58 -36.77 14.33
C PRO C 626 39.45 -38.29 14.33
N GLU C 627 38.80 -38.82 13.29
CA GLU C 627 38.74 -40.25 13.05
C GLU C 627 39.65 -40.57 11.86
N GLN C 628 40.71 -41.34 12.12
CA GLN C 628 41.73 -41.56 11.11
C GLN C 628 41.22 -42.49 10.02
N SER C 629 41.54 -42.16 8.77
CA SER C 629 41.18 -42.98 7.62
C SER C 629 42.12 -42.63 6.48
N ARG C 630 42.24 -43.55 5.52
CA ARG C 630 43.06 -43.34 4.35
C ARG C 630 42.27 -42.83 3.15
N MET C 631 40.98 -42.57 3.32
CA MET C 631 40.16 -42.09 2.22
C MET C 631 40.62 -40.70 1.79
N GLN C 632 40.70 -40.48 0.49
CA GLN C 632 41.09 -39.20 -0.08
C GLN C 632 39.83 -38.44 -0.51
N PHE C 633 39.48 -37.41 0.24
CA PHE C 633 38.24 -36.66 0.02
C PHE C 633 38.49 -35.55 -1.01
N SER C 634 37.82 -35.67 -2.16
CA SER C 634 37.85 -34.60 -3.15
C SER C 634 36.97 -33.44 -2.78
N SER C 635 35.85 -33.70 -2.09
CA SER C 635 34.94 -32.64 -1.66
C SER C 635 34.22 -33.09 -0.39
N LEU C 636 33.69 -32.11 0.33
CA LEU C 636 32.98 -32.36 1.58
C LEU C 636 31.60 -31.75 1.50
N THR C 637 30.60 -32.48 2.02
CA THR C 637 29.21 -32.08 1.87
C THR C 637 28.68 -31.42 3.14
N VAL C 638 27.81 -30.44 2.95
CA VAL C 638 27.14 -29.75 4.04
C VAL C 638 25.64 -29.77 3.78
N ASN C 639 24.86 -29.98 4.83
CA ASN C 639 23.41 -30.08 4.71
C ASN C 639 22.79 -28.70 4.87
N VAL C 640 22.17 -28.20 3.80
CA VAL C 640 21.46 -26.92 3.80
C VAL C 640 20.04 -27.19 3.32
N ARG C 641 19.06 -26.95 4.19
CA ARG C 641 17.66 -27.21 3.87
C ARG C 641 17.44 -28.65 3.46
N GLY C 642 18.26 -29.57 4.00
CA GLY C 642 18.17 -30.96 3.66
C GLY C 642 18.87 -31.36 2.39
N SER C 643 19.50 -30.42 1.68
CA SER C 643 20.21 -30.70 0.44
C SER C 643 21.71 -30.71 0.69
N GLY C 644 22.39 -31.66 0.08
CA GLY C 644 23.83 -31.79 0.25
C GLY C 644 24.62 -30.96 -0.73
N MET C 645 25.17 -29.84 -0.27
CA MET C 645 25.98 -28.97 -1.10
C MET C 645 27.45 -29.30 -0.89
N ARG C 646 28.18 -29.49 -1.99
CA ARG C 646 29.56 -29.92 -1.93
C ARG C 646 30.50 -28.73 -2.00
N ILE C 647 31.55 -28.76 -1.17
CA ILE C 647 32.64 -27.80 -1.21
C ILE C 647 33.90 -28.58 -1.60
N VAL C 648 34.52 -28.18 -2.70
CA VAL C 648 35.62 -28.94 -3.26
C VAL C 648 36.91 -28.60 -2.53
N VAL C 649 37.69 -29.63 -2.21
CA VAL C 649 38.95 -29.44 -1.52
C VAL C 649 39.90 -28.62 -2.38
N ARG C 650 39.99 -28.95 -3.66
CA ARG C 650 40.85 -28.25 -4.60
C ARG C 650 39.99 -27.67 -5.72
N GLY C 651 40.04 -26.35 -5.89
CA GLY C 651 39.27 -25.67 -6.90
C GLY C 651 38.09 -24.91 -6.32
N ASN C 652 37.43 -24.15 -7.20
CA ASN C 652 36.29 -23.35 -6.79
C ASN C 652 35.05 -24.21 -6.60
N SER C 653 34.16 -23.74 -5.74
CA SER C 653 32.91 -24.42 -5.44
C SER C 653 31.79 -23.39 -5.39
N PRO C 654 30.54 -23.80 -5.62
CA PRO C 654 29.44 -22.83 -5.57
C PRO C 654 29.14 -22.34 -4.16
N VAL C 655 29.29 -23.21 -3.15
CA VAL C 655 29.07 -22.79 -1.78
C VAL C 655 30.15 -21.81 -1.33
N PHE C 656 31.38 -22.02 -1.79
CA PHE C 656 32.52 -21.20 -1.40
C PHE C 656 33.32 -20.89 -2.66
N ASN C 657 33.31 -19.63 -3.09
CA ASN C 657 34.03 -19.22 -4.29
C ASN C 657 34.77 -17.93 -4.02
N TYR C 658 36.09 -17.96 -4.14
CA TYR C 658 36.93 -16.79 -3.93
C TYR C 658 37.52 -16.34 -5.25
N ASN C 659 37.30 -15.07 -5.59
CA ASN C 659 37.77 -14.48 -6.84
C ASN C 659 39.08 -13.74 -6.56
N LYS C 660 40.13 -14.12 -7.29
CA LYS C 660 41.44 -13.49 -7.11
C LYS C 660 41.45 -12.07 -7.66
N ALA C 661 40.81 -11.85 -8.80
CA ALA C 661 40.84 -10.52 -9.41
C ALA C 661 40.26 -9.48 -8.47
N THR C 662 39.07 -9.73 -7.93
CA THR C 662 38.49 -8.85 -6.93
C THR C 662 39.00 -9.14 -5.53
N LYS C 663 39.79 -10.20 -5.35
CA LYS C 663 40.30 -10.59 -4.04
C LYS C 663 39.16 -10.65 -3.03
N ARG C 664 38.03 -11.24 -3.45
CA ARG C 664 36.82 -11.23 -2.63
C ARG C 664 36.22 -12.63 -2.58
N LEU C 665 35.72 -13.01 -1.41
CA LEU C 665 35.11 -14.31 -1.21
C LEU C 665 33.59 -14.16 -1.19
N THR C 666 32.91 -14.95 -2.02
CA THR C 666 31.46 -15.01 -2.04
C THR C 666 31.04 -16.45 -1.73
N VAL C 667 30.08 -16.60 -0.82
CA VAL C 667 29.59 -17.91 -0.40
C VAL C 667 28.09 -17.95 -0.64
N LEU C 668 27.65 -18.92 -1.42
CA LEU C 668 26.23 -19.06 -1.75
C LEU C 668 25.68 -17.74 -2.29
N GLY C 669 26.48 -17.06 -3.10
CA GLY C 669 26.08 -15.79 -3.67
C GLY C 669 26.10 -14.62 -2.72
N LYS C 670 26.67 -14.77 -1.54
CA LYS C 670 26.74 -13.71 -0.54
C LYS C 670 28.19 -13.34 -0.30
N ASP C 671 28.48 -12.05 -0.30
CA ASP C 671 29.84 -11.57 -0.06
C ASP C 671 30.26 -11.90 1.37
N ALA C 672 31.46 -12.47 1.50
CA ALA C 672 32.04 -12.79 2.81
C ALA C 672 33.13 -11.82 3.23
N GLY C 673 33.29 -10.72 2.50
CA GLY C 673 34.36 -9.77 2.75
C GLY C 673 35.52 -9.96 1.79
N ALA C 674 36.56 -9.18 2.02
CA ALA C 674 37.75 -9.18 1.17
C ALA C 674 38.89 -9.88 1.89
N LEU C 675 39.63 -10.70 1.14
CA LEU C 675 40.80 -11.39 1.66
C LEU C 675 42.07 -10.63 1.30
N MET C 676 43.12 -10.87 2.08
CA MET C 676 44.42 -10.26 1.87
C MET C 676 45.43 -11.36 1.58
N GLU C 677 46.41 -11.05 0.73
CA GLU C 677 47.42 -12.01 0.32
C GLU C 677 48.16 -12.57 1.54
N TYR F 1 35.77 17.84 9.54
CA TYR F 1 36.25 17.14 8.35
C TYR F 1 36.28 18.08 7.14
N SER F 2 37.46 18.21 6.55
CA SER F 2 37.64 19.06 5.38
C SER F 2 37.83 18.20 4.13
N PRO F 3 36.84 18.12 3.24
CA PRO F 3 37.01 17.28 2.05
C PRO F 3 38.19 17.73 1.21
N THR F 4 38.86 16.76 0.59
CA THR F 4 39.98 17.04 -0.30
C THR F 4 39.92 16.10 -1.50
N SEP F 5 40.61 16.45 -2.57
CA SEP F 5 40.67 15.61 -3.75
CB SEP F 5 39.70 16.11 -4.82
OG SEP F 5 39.93 15.47 -6.06
C SEP F 5 42.08 15.55 -4.32
O SEP F 5 42.76 16.58 -4.41
P SEP F 5 38.66 14.58 -6.47
O1P SEP F 5 38.28 13.60 -5.25
O2P SEP F 5 37.41 15.55 -6.79
O3P SEP F 5 39.02 13.71 -7.77
HA SEP F 5 40.39 14.71 -3.50
HB2 SEP F 5 39.82 17.07 -4.93
HB3 SEP F 5 38.79 15.93 -4.53
N PRO F 6 42.54 14.36 -4.73
CA PRO F 6 43.89 14.28 -5.31
C PRO F 6 43.99 15.03 -6.62
N SER F 7 42.86 15.15 -7.33
CA SER F 7 42.83 15.87 -8.60
C SER F 7 42.85 17.39 -8.41
N TYR F 8 42.68 17.88 -7.18
CA TYR F 8 42.73 19.31 -6.93
C TYR F 8 44.14 19.81 -7.15
N SER F 9 44.33 20.63 -8.16
CA SER F 9 45.63 21.21 -8.48
C SER F 9 45.72 22.63 -7.95
N PRO F 10 46.75 22.99 -7.17
CA PRO F 10 46.77 24.34 -6.57
C PRO F 10 47.16 25.45 -7.53
N THR F 11 47.78 25.12 -8.67
CA THR F 11 48.30 26.13 -9.58
C THR F 11 47.60 26.17 -10.93
N SER F 12 47.22 25.01 -11.48
CA SER F 12 46.59 25.00 -12.80
C SER F 12 45.30 25.82 -12.84
N PRO F 13 44.38 25.71 -11.88
CA PRO F 13 43.13 26.49 -11.94
C PRO F 13 43.30 27.91 -11.43
N SER F 14 43.78 28.79 -12.30
CA SER F 14 44.08 30.16 -11.92
C SER F 14 42.83 31.03 -11.95
N TYR F 15 42.72 31.89 -10.95
CA TYR F 15 41.73 32.96 -10.83
C TYR F 15 40.28 32.49 -10.84
N SER F 16 40.03 31.17 -10.76
CA SER F 16 38.68 30.68 -10.53
C SER F 16 37.67 31.33 -11.47
N PRO F 17 37.63 30.94 -12.75
CA PRO F 17 36.78 31.66 -13.71
C PRO F 17 35.31 31.73 -13.32
N THR F 18 34.82 30.82 -12.48
CA THR F 18 33.42 30.83 -12.09
C THR F 18 33.13 31.86 -11.01
N SEP F 19 33.99 31.92 -10.01
CA SEP F 19 33.81 32.80 -8.87
CB SEP F 19 33.31 32.03 -7.65
OG SEP F 19 34.31 31.14 -7.19
C SEP F 19 35.10 33.52 -8.52
O SEP F 19 35.72 33.24 -7.49
P SEP F 19 33.68 29.69 -6.88
O1P SEP F 19 32.25 29.87 -6.16
O2P SEP F 19 34.67 28.88 -5.90
O3P SEP F 19 33.50 28.87 -8.25
HA SEP F 19 33.12 33.48 -9.09
HB2 SEP F 19 32.52 31.51 -7.91
HB3 SEP F 19 33.08 32.64 -6.94
N PRO F 20 35.52 34.46 -9.38
CA PRO F 20 36.82 35.11 -9.23
C PRO F 20 36.81 36.28 -8.26
N SER F 21 37.99 36.84 -7.99
CA SER F 21 38.14 38.03 -7.17
C SER F 21 38.47 39.19 -8.08
N TYR F 22 37.60 40.20 -8.09
CA TYR F 22 37.76 41.36 -8.96
C TYR F 22 37.70 42.68 -8.21
N SER F 23 37.55 42.67 -6.89
CA SER F 23 37.41 43.91 -6.15
C SER F 23 38.65 44.77 -6.33
N PRO F 24 38.52 46.05 -6.71
CA PRO F 24 39.69 46.92 -6.85
C PRO F 24 40.13 47.55 -5.53
#